data_8IRU
#
_entry.id   8IRU
#
loop_
_entity.id
_entity.type
_entity.pdbx_description
1 polymer 'Guanine nucleotide-binding protein G(i) subunit alpha-1'
2 polymer 'Guanine nucleotide-binding protein G(I)/G(S)/G(T) subunit beta-1'
3 polymer ScFv16
4 polymer 'Guanine nucleotide-binding protein G(I)/G(S)/G(O) subunit gamma-2'
5 polymer 'D(4) dopamine receptor'
6 non-polymer Rotigotine
7 non-polymer CHOLESTEROL
#
loop_
_entity_poly.entity_id
_entity_poly.type
_entity_poly.pdbx_seq_one_letter_code
_entity_poly.pdbx_strand_id
1 'polypeptide(L)'
;MGCTLSAEDKAAVERSKMIEKQLQKDKQVYRATHRLLLLGADNSGKSTIVKQMRIYHVNGYSEEECKQYKAVVYSNTIQS
IIAIIRAMGRLKIDFGDSARADDARQLFVLAGAAEEGFMTAELAGVIKRLWKDSGVQACFNRSREYQLNDSAAYYLNDLD
RIAQPNYIPTQQDVLRTRVKTSGIFETKFQVDKVNFHMFDVGAQRDERRKWIQCFNDVTAIIFVVDSSDYNRLQEALNDF
KSIWNNRWLRTISVILFLNKQDLLAEKVLAGKSKIEDYFPEFARYTTPEDATPEPGEDPRVTRAKYFIRDEFLRISTASG
DGRHYCYPHFTCSVDTENARRIFNDVTDIIIKMNLRDCGLF
;
A
2 'polypeptide(L)'
;MGSLLQSELDQLRQEAEQLKNQIRDARKACADATLSQITNNIDPVGRIQMRTRRTLRGHLAKIYAMHWGTDSRLLVSASQ
DGKLIIWDSYTTNKVHAIPLRSSWVMTCAYAPSGNYVACGGLDNICSIYNLKTREGNVRVSRELAGHTGYLSCCRFLDDN
QIVTSSGDTTCALWDIETGQQTTTFTGHTGDVMSLSLAPDTRLFVSGACDASAKLWDVREGMCRQTFTGHESDINAICFF
PNGNAFATGSDDATCRLFDLRADQELMTYSHDNIICGITSVSFSKSGRLLLAGYDDFNCNVWDALKADRAGVLAGHDNRV
SCLGVTDDGMAVATGSWDSFLKIWNGSSGGGGSGGGGSSGVTGYRLFEEIL
;
B
3 'polypeptide(L)'
;DVQLVESGGGLVQPGGSRKLSCSASGFAFSSFGMHWVRQAPEKGLEWVAYISSGSGTIYYADTVKGRFTISRDDPKNTLF
LQMTSLRSEDTAMYYCVRSIYYYGSSPFDFWGQGTTLTVSSGGGGSGGGGSGGGGSDIVMTQATSSVPVTPGESVSISCR
SSKSLLHSNGNTYLYWFLQRPGQSPQLLIYRMSNLASGVPDRFSGSGSGTAFTLTISRLEAEDVGVYYCMQHLEYPLTFG
AGTKLELK
;
E
4 'polypeptide(L)' MASNNTASIAQARKLVEQLKMEANIDRIKVSKAAADLMAYCEAHAKEDPLLTPVPASENPFREKKFFCAIL G
5 'polypeptide(L)'
;DYKDDDDAKLQTMHHHHHHHHHHHHHHHADLEDNWETLNDNLKVIEKADNAAQVKDALTKMRAAALDAQKATPPKLEDKS
PDSPEMKDFRHGFDILVGQIDDALKLANEGKVKEAQAAAEQLKTTRNAYIQKYLASENLYFQGGTMGNRSTADADGLLAG
RGPAAGASAGASAGLAGQGAAALVGGVLLIGAVLAGNSLVCVSVATERALQTPTNSFIVSLAAADLLLALLVLPLFVYSE
VQGGAWLLSPRLCDALMAMDVMLCTASIFNLCAISVDRFVAVAVPLRYNRQGGSRRQLLLIGATWLLSAAVAAPVLCGLN
DVRGRDPAVCRLEDRDYVVYSSVCSFFLPCPLMLLLYWATFRGLQRWEVARRAKLHGRAPRRPSGPGPPSPTPPAPRLPQ
DPCGPDCAPPAPGLPRGPCGPDCAPAAPGLPPDPCGPDCAPPAPGLPQDPCGPDCAPPAPGLPRGPCGPDCAPPAPGLPQ
DPCGPDCAPPAPGLPPDPCGSNCAPPDAVRAAALPPQTPPQTRRRRRAKITGRERKAMRVLPVVVGAFLLCWTPFFVVHI
TQALCPACSVPPRLVSAVTWLGYVNSALNPVIYTVFNAEFRNVFRKALRACCGSSGGGGSGGGGSSGVFTLEDFVGDWEQ
TAAYNLDQVLEQGGVSSLLQNLAVSVTPIQRIVRSGENALKIDIHVIIPYEGLSADQMAQIEEVFKVVYPVDDHHFKVIL
PYGTLVIDGVTPNMLNYFGRPYEGIAVFDGKKITVTGTLWNGNKIIDERLITPDGSMLFRVTINS
;
R
#
loop_
_chem_comp.id
_chem_comp.type
_chem_comp.name
_chem_comp.formula
CLR non-polymer CHOLESTEROL 'C27 H46 O'
R5F non-polymer Rotigotine 'C19 H25 N O S'
#
# COMPACT_ATOMS: atom_id res chain seq x y z
N SER A 6 21.18 7.77 -19.43
CA SER A 6 21.37 6.86 -18.27
C SER A 6 20.87 5.44 -18.59
N ALA A 7 21.48 4.70 -19.52
CA ALA A 7 20.75 3.65 -20.25
C ALA A 7 20.21 2.49 -19.40
N GLU A 8 21.01 1.93 -18.49
CA GLU A 8 20.51 0.88 -17.59
C GLU A 8 19.42 1.41 -16.65
N ASP A 9 19.58 2.61 -16.08
CA ASP A 9 18.55 3.19 -15.22
C ASP A 9 17.24 3.45 -15.96
N LYS A 10 17.30 3.88 -17.22
CA LYS A 10 16.13 4.07 -18.07
C LYS A 10 15.38 2.76 -18.24
N ALA A 11 16.09 1.66 -18.46
CA ALA A 11 15.49 0.34 -18.54
C ALA A 11 14.96 -0.19 -17.19
N ALA A 12 15.62 0.15 -16.07
CA ALA A 12 15.13 -0.15 -14.74
C ALA A 12 13.82 0.59 -14.43
N VAL A 13 13.74 1.88 -14.78
CA VAL A 13 12.50 2.66 -14.70
C VAL A 13 11.42 2.06 -15.58
N GLU A 14 11.71 1.67 -16.80
CA GLU A 14 10.71 1.07 -17.68
C GLU A 14 10.14 -0.23 -17.11
N ARG A 15 10.96 -1.09 -16.50
CA ARG A 15 10.45 -2.29 -15.86
C ARG A 15 9.71 -2.00 -14.54
N SER A 16 10.07 -0.93 -13.83
CA SER A 16 9.25 -0.42 -12.74
C SER A 16 7.86 0.02 -13.22
N LYS A 17 7.74 0.66 -14.38
CA LYS A 17 6.42 0.93 -15.01
C LYS A 17 5.68 -0.35 -15.40
N MET A 18 6.36 -1.36 -15.92
CA MET A 18 5.75 -2.67 -16.20
C MET A 18 5.16 -3.33 -14.96
N ILE A 19 5.81 -3.16 -13.81
CA ILE A 19 5.28 -3.62 -12.52
C ILE A 19 4.07 -2.78 -12.13
N GLU A 20 4.13 -1.46 -12.20
CA GLU A 20 2.98 -0.60 -11.86
C GLU A 20 1.73 -0.89 -12.69
N LYS A 21 1.88 -1.23 -13.98
CA LYS A 21 0.75 -1.74 -14.77
C LYS A 21 0.11 -2.97 -14.14
N GLN A 22 0.90 -3.97 -13.73
CA GLN A 22 0.36 -5.15 -13.08
C GLN A 22 -0.24 -4.85 -11.71
N LEU A 23 0.30 -3.90 -10.95
CA LEU A 23 -0.32 -3.48 -9.69
C LEU A 23 -1.67 -2.81 -9.91
N GLN A 24 -1.81 -1.92 -10.90
CA GLN A 24 -3.10 -1.29 -11.21
C GLN A 24 -4.11 -2.29 -11.76
N LYS A 25 -3.69 -3.26 -12.58
CA LYS A 25 -4.53 -4.39 -13.01
C LYS A 25 -5.03 -5.21 -11.82
N ASP A 26 -4.27 -5.32 -10.73
CA ASP A 26 -4.70 -6.00 -9.51
C ASP A 26 -5.49 -5.12 -8.56
N LYS A 27 -5.25 -3.81 -8.52
CA LYS A 27 -6.09 -2.87 -7.77
C LYS A 27 -7.54 -2.97 -8.17
N GLN A 28 -7.82 -3.19 -9.45
CA GLN A 28 -9.17 -3.42 -9.94
C GLN A 28 -9.81 -4.64 -9.29
N VAL A 29 -9.15 -5.81 -9.25
CA VAL A 29 -9.78 -6.99 -8.64
C VAL A 29 -9.85 -6.89 -7.12
N TYR A 30 -8.86 -6.27 -6.48
CA TYR A 30 -8.86 -6.06 -5.03
C TYR A 30 -10.02 -5.15 -4.59
N ARG A 31 -10.30 -4.08 -5.34
CA ARG A 31 -11.51 -3.26 -5.15
C ARG A 31 -12.78 -4.04 -5.41
N ALA A 32 -12.85 -4.78 -6.50
CA ALA A 32 -14.07 -5.45 -6.95
C ALA A 32 -14.52 -6.60 -6.05
N THR A 33 -13.59 -7.35 -5.46
CA THR A 33 -13.94 -8.46 -4.57
C THR A 33 -14.25 -8.02 -3.16
N HIS A 34 -15.13 -8.75 -2.46
CA HIS A 34 -15.48 -8.51 -1.06
C HIS A 34 -14.85 -9.57 -0.17
N ARG A 35 -14.23 -9.15 0.91
CA ARG A 35 -13.51 -10.02 1.83
C ARG A 35 -14.30 -10.18 3.10
N LEU A 36 -14.55 -11.41 3.52
CA LEU A 36 -15.45 -11.75 4.61
C LEU A 36 -14.72 -12.60 5.63
N LEU A 37 -14.51 -12.12 6.85
CA LEU A 37 -13.98 -12.95 7.92
C LEU A 37 -15.08 -13.87 8.43
N LEU A 38 -14.87 -15.18 8.45
CA LEU A 38 -15.85 -16.14 8.95
C LEU A 38 -15.45 -16.61 10.35
N LEU A 39 -16.37 -16.53 11.31
CA LEU A 39 -16.14 -16.89 12.70
C LEU A 39 -17.26 -17.76 13.23
N GLY A 40 -17.01 -18.47 14.32
CA GLY A 40 -18.01 -19.27 15.03
C GLY A 40 -17.37 -20.16 16.07
N ALA A 41 -18.18 -20.73 16.94
CA ALA A 41 -17.72 -21.72 17.91
C ALA A 41 -17.26 -23.03 17.22
N ASP A 42 -16.76 -23.98 17.99
CA ASP A 42 -16.36 -25.31 17.51
C ASP A 42 -17.57 -26.10 16.97
N ASN A 43 -18.67 -26.10 17.74
CA ASN A 43 -20.00 -26.56 17.35
C ASN A 43 -20.80 -25.36 16.83
N SER A 44 -20.73 -25.16 15.50
CA SER A 44 -21.24 -23.96 14.81
C SER A 44 -21.78 -24.24 13.40
N GLY A 45 -21.31 -25.31 12.74
CA GLY A 45 -21.72 -25.65 11.39
C GLY A 45 -21.13 -24.75 10.30
N LYS A 46 -20.23 -23.81 10.61
CA LYS A 46 -19.56 -22.99 9.58
C LYS A 46 -18.83 -23.82 8.53
N SER A 47 -18.29 -24.97 8.91
CA SER A 47 -17.69 -25.98 8.02
C SER A 47 -18.69 -26.63 7.04
N THR A 48 -19.99 -26.53 7.31
CA THR A 48 -21.06 -26.84 6.35
C THR A 48 -21.46 -25.61 5.54
N ILE A 49 -21.57 -24.43 6.17
CA ILE A 49 -21.91 -23.17 5.46
C ILE A 49 -20.99 -22.96 4.26
N VAL A 50 -19.68 -23.15 4.42
CA VAL A 50 -18.72 -23.02 3.30
C VAL A 50 -19.08 -23.88 2.07
N LYS A 51 -19.65 -25.07 2.26
CA LYS A 51 -20.13 -25.91 1.14
C LYS A 51 -21.38 -25.32 0.49
N GLN A 52 -22.29 -24.78 1.29
CA GLN A 52 -23.44 -24.01 0.79
C GLN A 52 -22.99 -22.76 0.03
N MET A 53 -21.87 -22.13 0.41
CA MET A 53 -21.33 -20.99 -0.33
C MET A 53 -20.80 -21.44 -1.70
N ARG A 54 -20.03 -22.54 -1.73
CA ARG A 54 -19.36 -23.05 -2.93
C ARG A 54 -20.33 -23.57 -3.98
N ILE A 55 -21.25 -24.45 -3.59
CA ILE A 55 -22.05 -25.26 -4.53
C ILE A 55 -23.05 -24.40 -5.32
N THR A 181 -1.65 -28.37 9.47
CA THR A 181 -1.26 -27.22 10.30
C THR A 181 -1.63 -25.87 9.68
N SER A 182 -2.38 -25.86 8.58
CA SER A 182 -2.71 -24.65 7.83
C SER A 182 -3.53 -23.66 8.66
N GLY A 183 -3.14 -22.39 8.59
CA GLY A 183 -3.60 -21.38 9.55
C GLY A 183 -4.87 -20.65 9.13
N ILE A 184 -5.28 -20.75 7.88
CA ILE A 184 -6.42 -20.04 7.31
C ILE A 184 -6.91 -20.77 6.05
N PHE A 185 -8.21 -20.67 5.75
CA PHE A 185 -8.81 -21.23 4.54
C PHE A 185 -9.55 -20.14 3.79
N GLU A 186 -9.30 -20.00 2.49
CA GLU A 186 -10.03 -19.08 1.64
C GLU A 186 -11.04 -19.86 0.81
N THR A 187 -12.32 -19.53 0.98
CA THR A 187 -13.42 -20.03 0.15
C THR A 187 -13.79 -18.94 -0.83
N LYS A 188 -13.80 -19.25 -2.12
CA LYS A 188 -14.20 -18.34 -3.19
C LYS A 188 -15.61 -18.69 -3.65
N PHE A 189 -16.47 -17.70 -3.82
CA PHE A 189 -17.79 -17.85 -4.45
C PHE A 189 -18.22 -16.54 -5.10
N GLN A 190 -19.25 -16.56 -5.94
CA GLN A 190 -19.82 -15.35 -6.51
C GLN A 190 -21.34 -15.40 -6.61
N VAL A 191 -21.97 -14.23 -6.58
CA VAL A 191 -23.40 -14.03 -6.76
C VAL A 191 -23.59 -12.85 -7.70
N ASP A 192 -24.45 -12.96 -8.72
CA ASP A 192 -24.68 -11.89 -9.72
C ASP A 192 -23.40 -11.27 -10.30
N LYS A 193 -22.38 -12.13 -10.54
CA LYS A 193 -21.04 -11.76 -11.00
C LYS A 193 -20.24 -10.86 -10.05
N VAL A 194 -20.55 -10.86 -8.75
CA VAL A 194 -19.77 -10.21 -7.68
C VAL A 194 -19.01 -11.25 -6.88
N ASN A 195 -17.70 -11.08 -6.74
CA ASN A 195 -16.80 -12.11 -6.19
C ASN A 195 -16.56 -11.93 -4.69
N PHE A 196 -16.70 -13.00 -3.93
CA PHE A 196 -16.48 -13.06 -2.49
C PHE A 196 -15.31 -13.96 -2.14
N HIS A 197 -14.36 -13.47 -1.33
CA HIS A 197 -13.38 -14.31 -0.66
C HIS A 197 -13.77 -14.39 0.81
N MET A 198 -14.03 -15.57 1.31
CA MET A 198 -14.38 -15.79 2.71
C MET A 198 -13.25 -16.51 3.43
N PHE A 199 -12.73 -15.91 4.49
CA PHE A 199 -11.57 -16.38 5.23
C PHE A 199 -11.99 -17.05 6.52
N ASP A 200 -12.05 -18.37 6.52
CA ASP A 200 -12.25 -19.16 7.73
C ASP A 200 -10.89 -19.34 8.41
N VAL A 201 -10.66 -18.69 9.54
CA VAL A 201 -9.37 -18.78 10.22
C VAL A 201 -9.20 -20.16 10.85
N GLY A 202 -8.16 -20.87 10.43
CA GLY A 202 -7.94 -22.30 10.62
C GLY A 202 -7.23 -22.62 11.93
N ALA A 203 -6.10 -23.32 11.86
CA ALA A 203 -5.31 -23.70 13.03
C ALA A 203 -4.67 -22.46 13.68
N GLN A 204 -5.34 -21.93 14.70
CA GLN A 204 -4.91 -20.82 15.56
C GLN A 204 -5.38 -21.10 17.00
N ARG A 205 -4.74 -20.46 18.00
CA ARG A 205 -5.15 -20.58 19.41
C ARG A 205 -6.36 -19.69 19.75
N ASP A 206 -6.98 -19.96 20.88
CA ASP A 206 -8.13 -19.22 21.42
C ASP A 206 -7.72 -17.90 22.14
N GLU A 207 -6.97 -17.04 21.47
CA GLU A 207 -6.57 -15.70 21.94
C GLU A 207 -6.58 -14.69 20.78
N ARG A 208 -7.73 -14.50 20.12
CA ARG A 208 -7.82 -13.79 18.83
C ARG A 208 -7.29 -12.36 18.80
N ARG A 209 -7.09 -11.70 19.95
CA ARG A 209 -6.84 -10.25 20.07
C ARG A 209 -5.68 -9.69 19.23
N LYS A 210 -4.75 -10.53 18.79
CA LYS A 210 -3.68 -10.14 17.86
C LYS A 210 -4.03 -10.43 16.42
N TRP A 211 -4.31 -11.68 16.03
CA TRP A 211 -4.54 -11.98 14.62
C TRP A 211 -5.78 -11.29 14.05
N ILE A 212 -6.76 -10.96 14.88
CA ILE A 212 -8.00 -10.28 14.44
C ILE A 212 -7.72 -8.90 13.80
N GLN A 213 -6.63 -8.24 14.17
CA GLN A 213 -6.28 -6.90 13.68
C GLN A 213 -6.09 -6.87 12.17
N CYS A 214 -5.71 -7.99 11.56
CA CYS A 214 -5.60 -8.11 10.11
C CYS A 214 -6.91 -7.73 9.41
N PHE A 215 -8.02 -8.17 9.99
CA PHE A 215 -9.34 -8.07 9.40
C PHE A 215 -10.02 -6.73 9.61
N ASN A 216 -9.32 -5.73 10.12
CA ASN A 216 -9.74 -4.33 10.11
C ASN A 216 -10.11 -3.80 8.69
N ASP A 217 -9.71 -4.49 7.62
CA ASP A 217 -10.08 -4.21 6.23
C ASP A 217 -11.51 -4.64 5.84
N VAL A 218 -12.05 -5.72 6.41
CA VAL A 218 -13.05 -6.56 5.71
C VAL A 218 -14.37 -5.86 5.40
N THR A 219 -15.08 -6.35 4.38
CA THR A 219 -16.43 -5.88 4.05
C THR A 219 -17.40 -6.19 5.17
N ALA A 220 -17.37 -7.40 5.72
CA ALA A 220 -18.17 -7.81 6.86
C ALA A 220 -17.48 -8.95 7.61
N ILE A 221 -17.83 -9.13 8.87
CA ILE A 221 -17.64 -10.40 9.58
C ILE A 221 -18.90 -11.24 9.39
N ILE A 222 -18.77 -12.55 9.31
CA ILE A 222 -19.88 -13.47 9.41
C ILE A 222 -19.67 -14.30 10.66
N PHE A 223 -20.55 -14.22 11.65
CA PHE A 223 -20.47 -14.98 12.88
C PHE A 223 -21.55 -16.06 12.88
N VAL A 224 -21.18 -17.32 13.05
CA VAL A 224 -22.09 -18.46 12.90
C VAL A 224 -22.24 -19.20 14.23
N VAL A 225 -23.46 -19.47 14.65
CA VAL A 225 -23.77 -20.05 15.97
C VAL A 225 -24.66 -21.26 15.81
N ASP A 226 -24.39 -22.36 16.53
CA ASP A 226 -25.39 -23.42 16.73
C ASP A 226 -26.50 -22.87 17.63
N SER A 227 -27.53 -22.31 17.01
CA SER A 227 -28.74 -21.87 17.69
C SER A 227 -29.55 -23.12 18.00
N SER A 228 -29.13 -23.86 19.01
CA SER A 228 -29.54 -25.25 19.25
C SER A 228 -29.65 -25.56 20.74
N ASP A 229 -30.05 -24.57 21.54
CA ASP A 229 -30.34 -24.62 22.98
C ASP A 229 -29.20 -25.11 23.89
N TYR A 230 -27.96 -25.02 23.42
CA TYR A 230 -26.80 -25.45 24.23
C TYR A 230 -26.63 -24.57 25.47
N ASN A 231 -26.07 -25.13 26.55
CA ASN A 231 -25.47 -24.33 27.61
C ASN A 231 -24.39 -23.39 27.04
N ARG A 232 -23.67 -23.89 26.03
CA ARG A 232 -22.62 -23.19 25.29
C ARG A 232 -23.08 -21.98 24.50
N LEU A 233 -24.39 -21.76 24.33
CA LEU A 233 -24.92 -20.54 23.73
C LEU A 233 -24.48 -19.28 24.50
N GLN A 234 -24.29 -19.38 25.82
CA GLN A 234 -23.73 -18.27 26.59
C GLN A 234 -22.30 -17.95 26.18
N GLU A 235 -21.48 -18.95 25.85
CA GLU A 235 -20.12 -18.74 25.36
C GLU A 235 -20.14 -18.07 23.98
N ALA A 236 -21.05 -18.48 23.10
CA ALA A 236 -21.22 -17.81 21.81
C ALA A 236 -21.64 -16.34 21.98
N LEU A 237 -22.48 -16.02 22.96
CA LEU A 237 -22.83 -14.64 23.29
C LEU A 237 -21.61 -13.88 23.83
N ASN A 238 -20.75 -14.52 24.62
CA ASN A 238 -19.51 -13.90 25.08
C ASN A 238 -18.53 -13.64 23.94
N ASP A 239 -18.40 -14.56 22.99
CA ASP A 239 -17.61 -14.35 21.77
C ASP A 239 -18.16 -13.20 20.94
N PHE A 240 -19.48 -13.17 20.70
CA PHE A 240 -20.11 -12.10 19.94
C PHE A 240 -19.89 -10.75 20.59
N LYS A 241 -20.03 -10.64 21.91
CA LYS A 241 -19.71 -9.41 22.66
C LYS A 241 -18.25 -9.02 22.50
N SER A 242 -17.34 -9.97 22.56
CA SER A 242 -15.90 -9.73 22.39
C SER A 242 -15.56 -9.23 20.98
N ILE A 243 -16.18 -9.78 19.95
CA ILE A 243 -16.02 -9.34 18.55
C ILE A 243 -16.63 -7.95 18.37
N TRP A 244 -17.89 -7.77 18.75
CA TRP A 244 -18.64 -6.55 18.52
C TRP A 244 -17.99 -5.32 19.17
N ASN A 245 -17.38 -5.47 20.35
CA ASN A 245 -16.73 -4.40 21.08
C ASN A 245 -15.22 -4.27 20.81
N ASN A 246 -14.63 -5.06 19.92
CA ASN A 246 -13.19 -4.98 19.66
C ASN A 246 -12.84 -3.63 19.02
N ARG A 247 -11.84 -2.90 19.54
CA ARG A 247 -11.50 -1.56 19.01
C ARG A 247 -11.04 -1.56 17.56
N TRP A 248 -10.50 -2.66 17.06
CA TRP A 248 -10.11 -2.83 15.66
C TRP A 248 -11.27 -3.17 14.74
N LEU A 249 -12.46 -3.45 15.29
CA LEU A 249 -13.66 -3.83 14.55
C LEU A 249 -14.79 -2.80 14.66
N ARG A 250 -14.54 -1.62 15.23
CA ARG A 250 -15.52 -0.52 15.38
C ARG A 250 -16.27 -0.16 14.10
N THR A 251 -15.61 -0.28 12.95
CA THR A 251 -16.19 0.09 11.65
C THR A 251 -16.90 -1.07 10.96
N ILE A 252 -16.80 -2.31 11.47
CA ILE A 252 -17.11 -3.52 10.71
C ILE A 252 -18.44 -4.13 11.14
N SER A 253 -19.35 -4.30 10.19
CA SER A 253 -20.61 -4.98 10.39
C SER A 253 -20.45 -6.47 10.62
N VAL A 254 -21.32 -7.06 11.44
CA VAL A 254 -21.42 -8.50 11.64
C VAL A 254 -22.70 -9.02 10.99
N ILE A 255 -22.60 -9.85 9.98
CA ILE A 255 -23.69 -10.73 9.55
C ILE A 255 -23.76 -11.87 10.56
N LEU A 256 -24.91 -12.21 11.08
CA LEU A 256 -25.04 -13.18 12.17
C LEU A 256 -25.93 -14.34 11.74
N PHE A 257 -25.39 -15.55 11.65
CA PHE A 257 -26.16 -16.74 11.31
C PHE A 257 -26.47 -17.53 12.57
N LEU A 258 -27.75 -17.56 12.96
CA LEU A 258 -28.28 -18.51 13.92
C LEU A 258 -28.55 -19.79 13.15
N ASN A 259 -27.58 -20.68 13.18
CA ASN A 259 -27.52 -21.88 12.37
C ASN A 259 -28.13 -23.10 13.09
N LYS A 260 -28.33 -24.19 12.34
CA LYS A 260 -28.91 -25.45 12.79
C LYS A 260 -30.31 -25.30 13.42
N GLN A 261 -31.12 -24.36 12.95
CA GLN A 261 -32.44 -24.18 13.55
C GLN A 261 -33.46 -25.27 13.20
N ASP A 262 -33.16 -26.15 12.26
CA ASP A 262 -33.83 -27.44 12.16
C ASP A 262 -33.69 -28.23 13.46
N LEU A 263 -32.49 -28.28 14.06
CA LEU A 263 -32.31 -28.91 15.36
C LEU A 263 -33.05 -28.16 16.48
N LEU A 264 -33.12 -26.82 16.41
CA LEU A 264 -33.91 -26.06 17.38
C LEU A 264 -35.39 -26.41 17.28
N ALA A 265 -35.92 -26.52 16.07
CA ALA A 265 -37.28 -26.95 15.82
C ALA A 265 -37.51 -28.36 16.35
N GLU A 266 -36.66 -29.33 16.02
CA GLU A 266 -36.79 -30.70 16.55
C GLU A 266 -36.79 -30.73 18.08
N LYS A 267 -35.83 -30.04 18.72
CA LYS A 267 -35.70 -30.04 20.18
C LYS A 267 -36.91 -29.40 20.88
N VAL A 268 -37.39 -28.28 20.36
CA VAL A 268 -38.52 -27.55 20.96
C VAL A 268 -39.85 -28.24 20.66
N LEU A 269 -40.06 -28.77 19.45
CA LEU A 269 -41.26 -29.54 19.11
C LEU A 269 -41.36 -30.83 19.92
N ALA A 270 -40.23 -31.50 20.18
CA ALA A 270 -40.15 -32.64 21.09
C ALA A 270 -40.40 -32.27 22.57
N GLY A 271 -40.40 -30.98 22.91
CA GLY A 271 -40.56 -30.48 24.27
C GLY A 271 -39.36 -30.74 25.20
N LYS A 272 -38.27 -31.31 24.68
CA LYS A 272 -37.03 -31.59 25.43
C LYS A 272 -36.10 -30.38 25.57
N SER A 273 -36.42 -29.26 24.92
CA SER A 273 -35.74 -27.96 25.13
C SER A 273 -35.83 -27.50 26.59
N LYS A 274 -34.74 -26.93 27.10
CA LYS A 274 -34.56 -26.59 28.53
C LYS A 274 -34.38 -25.10 28.78
N ILE A 275 -34.56 -24.26 27.77
CA ILE A 275 -33.96 -22.92 27.68
C ILE A 275 -34.09 -22.03 28.93
N GLU A 276 -35.26 -21.96 29.55
CA GLU A 276 -35.48 -21.16 30.77
C GLU A 276 -34.57 -21.60 31.94
N ASP A 277 -34.16 -22.87 31.96
CA ASP A 277 -33.38 -23.49 33.03
C ASP A 277 -31.95 -22.94 33.12
N TYR A 278 -31.46 -22.28 32.06
CA TYR A 278 -30.17 -21.60 32.04
C TYR A 278 -30.13 -20.25 31.30
N PHE A 279 -31.24 -19.85 30.67
CA PHE A 279 -31.57 -18.47 30.36
C PHE A 279 -32.82 -18.08 31.16
N PRO A 280 -32.67 -17.65 32.44
CA PRO A 280 -33.76 -17.45 33.40
C PRO A 280 -34.60 -16.18 33.15
N GLU A 281 -34.91 -15.91 31.89
CA GLU A 281 -35.77 -14.81 31.43
C GLU A 281 -36.63 -15.22 30.23
N PHE A 282 -36.48 -16.44 29.68
CA PHE A 282 -37.29 -16.89 28.55
C PHE A 282 -38.78 -16.94 28.88
N ALA A 283 -39.14 -17.39 30.08
CA ALA A 283 -40.52 -17.44 30.55
C ALA A 283 -41.16 -16.05 30.71
N ARG A 284 -40.35 -15.01 30.96
CA ARG A 284 -40.78 -13.60 31.02
C ARG A 284 -40.78 -12.93 29.63
N TYR A 285 -39.86 -13.30 28.75
CA TYR A 285 -39.82 -12.85 27.36
C TYR A 285 -41.03 -13.36 26.55
N THR A 286 -41.47 -12.61 25.54
CA THR A 286 -42.55 -13.04 24.64
C THR A 286 -42.33 -12.53 23.21
N THR A 287 -42.88 -13.25 22.23
CA THR A 287 -42.59 -13.07 20.80
C THR A 287 -42.90 -11.63 20.34
N PRO A 288 -41.93 -10.90 19.78
CA PRO A 288 -42.13 -9.51 19.37
C PRO A 288 -43.01 -9.41 18.12
N GLU A 289 -43.63 -8.26 17.90
CA GLU A 289 -44.40 -7.98 16.67
C GLU A 289 -43.49 -7.85 15.43
N ASP A 290 -42.18 -7.70 15.64
CA ASP A 290 -41.14 -7.88 14.63
C ASP A 290 -41.12 -9.30 14.02
N ALA A 291 -41.69 -10.30 14.69
CA ALA A 291 -41.61 -11.69 14.24
C ALA A 291 -42.38 -11.93 12.94
N THR A 292 -41.77 -12.70 12.03
CA THR A 292 -42.35 -13.10 10.74
C THR A 292 -42.02 -14.58 10.48
N PRO A 293 -42.61 -15.51 11.25
CA PRO A 293 -42.28 -16.93 11.17
C PRO A 293 -42.69 -17.57 9.84
N GLU A 294 -42.07 -18.70 9.52
CA GLU A 294 -42.43 -19.50 8.34
C GLU A 294 -43.78 -20.22 8.55
N PRO A 295 -44.52 -20.55 7.47
CA PRO A 295 -45.85 -21.15 7.61
C PRO A 295 -45.78 -22.49 8.36
N GLY A 296 -46.62 -22.63 9.38
CA GLY A 296 -46.71 -23.82 10.22
C GLY A 296 -45.71 -23.90 11.39
N GLU A 297 -44.86 -22.90 11.63
CA GLU A 297 -43.95 -22.91 12.78
C GLU A 297 -44.68 -22.73 14.12
N ASP A 298 -44.32 -23.53 15.12
CA ASP A 298 -44.97 -23.58 16.43
C ASP A 298 -44.71 -22.33 17.30
N PRO A 299 -45.66 -21.87 18.12
CA PRO A 299 -45.48 -20.71 19.01
C PRO A 299 -44.24 -20.76 19.90
N ARG A 300 -43.86 -21.94 20.41
CA ARG A 300 -42.66 -22.13 21.23
C ARG A 300 -41.41 -22.06 20.38
N VAL A 301 -41.41 -22.73 19.22
CA VAL A 301 -40.29 -22.70 18.26
C VAL A 301 -39.99 -21.25 17.86
N THR A 302 -41.03 -20.50 17.52
CA THR A 302 -40.92 -19.10 17.12
C THR A 302 -40.49 -18.21 18.28
N ARG A 303 -41.05 -18.37 19.48
CA ARG A 303 -40.58 -17.66 20.68
C ARG A 303 -39.11 -17.95 20.98
N ALA A 304 -38.69 -19.20 20.86
CA ALA A 304 -37.30 -19.62 21.08
C ALA A 304 -36.34 -18.98 20.10
N LYS A 305 -36.57 -19.11 18.79
CA LYS A 305 -35.66 -18.52 17.79
C LYS A 305 -35.54 -17.02 18.01
N TYR A 306 -36.65 -16.31 18.21
CA TYR A 306 -36.61 -14.86 18.39
C TYR A 306 -36.03 -14.43 19.72
N PHE A 307 -36.19 -15.21 20.79
CA PHE A 307 -35.49 -14.93 22.05
C PHE A 307 -33.99 -14.97 21.85
N ILE A 308 -33.49 -16.02 21.20
CA ILE A 308 -32.06 -16.19 20.96
C ILE A 308 -31.55 -15.04 20.07
N ARG A 309 -32.28 -14.71 18.99
CA ARG A 309 -32.01 -13.57 18.12
C ARG A 309 -31.89 -12.28 18.91
N ASP A 310 -32.86 -11.98 19.76
CA ASP A 310 -32.84 -10.78 20.60
C ASP A 310 -31.73 -10.80 21.63
N GLU A 311 -31.31 -11.95 22.15
CA GLU A 311 -30.16 -12.01 23.05
C GLU A 311 -28.86 -11.56 22.39
N PHE A 312 -28.66 -11.85 21.10
CA PHE A 312 -27.55 -11.25 20.37
C PHE A 312 -27.78 -9.76 20.13
N LEU A 313 -28.96 -9.34 19.68
CA LEU A 313 -29.21 -7.93 19.41
C LEU A 313 -29.17 -7.03 20.65
N ARG A 314 -29.51 -7.56 21.82
CA ARG A 314 -29.36 -6.87 23.10
C ARG A 314 -27.90 -6.49 23.35
N ILE A 315 -26.95 -7.25 22.82
CA ILE A 315 -25.52 -6.91 22.85
C ILE A 315 -25.21 -5.86 21.79
N SER A 316 -25.58 -6.08 20.52
CA SER A 316 -25.12 -5.19 19.44
C SER A 316 -25.69 -3.77 19.57
N THR A 317 -26.95 -3.65 19.96
CA THR A 317 -27.62 -2.35 20.15
C THR A 317 -27.09 -1.56 21.35
N ALA A 318 -26.38 -2.18 22.31
CA ALA A 318 -25.87 -1.49 23.49
C ALA A 318 -24.73 -0.53 23.16
N SER A 319 -23.73 -0.97 22.42
CA SER A 319 -22.53 -0.19 22.08
C SER A 319 -22.39 0.14 20.59
N GLY A 320 -23.25 -0.42 19.73
CA GLY A 320 -23.39 0.06 18.36
C GLY A 320 -23.92 1.49 18.32
N ASP A 321 -23.40 2.30 17.41
CA ASP A 321 -23.67 3.76 17.34
C ASP A 321 -23.91 4.23 15.90
N GLY A 322 -24.23 3.30 15.01
CA GLY A 322 -24.38 3.57 13.58
C GLY A 322 -23.08 3.55 12.78
N ARG A 323 -21.91 3.34 13.39
CA ARG A 323 -20.71 2.94 12.63
C ARG A 323 -20.87 1.54 12.02
N HIS A 324 -21.46 0.60 12.75
CA HIS A 324 -21.64 -0.78 12.32
C HIS A 324 -22.98 -1.35 12.77
N TYR A 325 -23.49 -2.31 11.99
CA TYR A 325 -24.81 -2.91 12.13
C TYR A 325 -24.71 -4.43 12.16
N CYS A 326 -25.67 -5.08 12.79
CA CYS A 326 -25.79 -6.53 12.85
C CYS A 326 -26.93 -7.03 11.96
N TYR A 327 -26.71 -8.06 11.15
CA TYR A 327 -27.73 -8.60 10.24
C TYR A 327 -28.02 -10.07 10.59
N PRO A 328 -28.93 -10.35 11.55
CA PRO A 328 -29.26 -11.70 11.95
C PRO A 328 -30.05 -12.46 10.88
N HIS A 329 -29.82 -13.76 10.78
CA HIS A 329 -30.58 -14.71 9.97
C HIS A 329 -30.80 -16.02 10.69
N PHE A 330 -31.85 -16.71 10.32
CA PHE A 330 -32.14 -18.08 10.71
C PHE A 330 -31.79 -19.02 9.56
N THR A 331 -31.01 -20.07 9.84
CA THR A 331 -30.45 -20.92 8.79
C THR A 331 -30.16 -22.33 9.30
N CYS A 332 -30.03 -23.27 8.37
CA CYS A 332 -30.01 -24.71 8.61
C CYS A 332 -28.86 -25.37 7.84
N SER A 333 -28.51 -26.61 8.18
CA SER A 333 -27.41 -27.32 7.55
C SER A 333 -27.55 -27.41 6.01
N VAL A 334 -28.79 -27.51 5.52
CA VAL A 334 -29.12 -27.41 4.09
C VAL A 334 -30.20 -26.35 3.88
N ASP A 335 -29.76 -25.10 3.67
CA ASP A 335 -30.52 -24.13 2.88
C ASP A 335 -29.57 -23.49 1.86
N THR A 336 -30.06 -23.22 0.65
CA THR A 336 -29.22 -22.68 -0.44
C THR A 336 -29.05 -21.16 -0.32
N GLU A 337 -29.91 -20.49 0.44
CA GLU A 337 -30.00 -19.05 0.42
C GLU A 337 -28.81 -18.34 1.10
N ASN A 338 -27.92 -19.03 1.82
CA ASN A 338 -26.79 -18.39 2.50
C ASN A 338 -25.99 -17.44 1.61
N ALA A 339 -25.68 -17.80 0.37
CA ALA A 339 -24.97 -16.90 -0.54
C ALA A 339 -25.77 -15.62 -0.85
N ARG A 340 -27.09 -15.71 -1.03
CA ARG A 340 -27.97 -14.55 -1.19
C ARG A 340 -28.05 -13.71 0.07
N ARG A 341 -28.13 -14.32 1.26
CA ARG A 341 -28.11 -13.58 2.53
C ARG A 341 -26.84 -12.72 2.61
N ILE A 342 -25.69 -13.29 2.30
CA ILE A 342 -24.44 -12.54 2.27
C ILE A 342 -24.50 -11.44 1.21
N PHE A 343 -24.90 -11.74 -0.02
CA PHE A 343 -24.95 -10.74 -1.08
C PHE A 343 -25.87 -9.55 -0.74
N ASN A 344 -27.06 -9.81 -0.21
CA ASN A 344 -27.98 -8.77 0.20
C ASN A 344 -27.39 -7.93 1.33
N ASP A 345 -26.77 -8.54 2.33
CA ASP A 345 -26.23 -7.79 3.45
C ASP A 345 -24.96 -7.04 3.12
N VAL A 346 -24.06 -7.53 2.26
CA VAL A 346 -22.99 -6.64 1.79
C VAL A 346 -23.55 -5.51 0.95
N THR A 347 -24.60 -5.73 0.16
CA THR A 347 -25.22 -4.66 -0.60
C THR A 347 -25.74 -3.59 0.34
N ASP A 348 -26.37 -3.98 1.44
CA ASP A 348 -26.78 -3.04 2.47
C ASP A 348 -25.61 -2.30 3.12
N ILE A 349 -24.57 -3.01 3.52
CA ILE A 349 -23.38 -2.42 4.15
C ILE A 349 -22.72 -1.41 3.21
N ILE A 350 -22.63 -1.73 1.93
CA ILE A 350 -22.07 -0.82 0.94
C ILE A 350 -22.99 0.37 0.71
N ILE A 351 -24.31 0.21 0.63
CA ILE A 351 -25.24 1.35 0.57
C ILE A 351 -25.01 2.28 1.76
N LYS A 352 -24.95 1.77 2.98
CA LYS A 352 -24.64 2.60 4.15
C LYS A 352 -23.29 3.31 4.04
N MET A 353 -22.25 2.65 3.55
CA MET A 353 -20.95 3.30 3.31
C MET A 353 -21.04 4.41 2.26
N ASN A 354 -21.70 4.15 1.12
CA ASN A 354 -21.88 5.13 0.06
C ASN A 354 -22.65 6.35 0.56
N LEU A 355 -23.77 6.15 1.25
CA LEU A 355 -24.56 7.23 1.80
C LEU A 355 -23.78 8.02 2.85
N ARG A 356 -22.92 7.38 3.64
CA ARG A 356 -22.03 8.09 4.57
C ARG A 356 -21.01 8.95 3.82
N ASP A 357 -20.42 8.46 2.74
CA ASP A 357 -19.50 9.24 1.91
C ASP A 357 -20.20 10.43 1.25
N CYS A 358 -21.45 10.27 0.81
CA CYS A 358 -22.27 11.35 0.30
C CYS A 358 -22.74 12.33 1.37
N GLY A 359 -22.55 12.04 2.65
CA GLY A 359 -23.12 12.83 3.75
C GLY A 359 -24.63 12.74 3.89
N LEU A 360 -25.24 11.81 3.16
CA LEU A 360 -26.67 11.60 3.08
C LEU A 360 -27.21 10.66 4.18
N PHE A 361 -26.34 9.94 4.91
CA PHE A 361 -26.69 9.06 6.03
C PHE A 361 -25.65 9.09 7.16
N LEU B 9 1.95 -30.71 42.50
CA LEU B 9 2.14 -29.29 42.09
C LEU B 9 2.82 -28.45 43.19
N ASP B 10 2.16 -28.24 44.33
CA ASP B 10 2.56 -27.27 45.36
C ASP B 10 4.05 -27.33 45.78
N GLN B 11 4.59 -28.51 46.05
CA GLN B 11 5.97 -28.69 46.50
C GLN B 11 7.00 -28.10 45.51
N LEU B 12 6.76 -28.22 44.21
CA LEU B 12 7.58 -27.54 43.18
C LEU B 12 7.22 -26.06 43.03
N ARG B 13 5.94 -25.69 43.14
CA ARG B 13 5.51 -24.29 43.07
C ARG B 13 6.15 -23.41 44.14
N GLN B 14 6.37 -23.93 45.36
CA GLN B 14 7.10 -23.19 46.39
C GLN B 14 8.56 -22.95 46.00
N GLU B 15 9.25 -23.93 45.42
CA GLU B 15 10.60 -23.73 44.87
C GLU B 15 10.60 -22.74 43.70
N ALA B 16 9.61 -22.80 42.82
CA ALA B 16 9.49 -21.85 41.71
C ALA B 16 9.32 -20.42 42.22
N GLU B 17 8.42 -20.20 43.18
CA GLU B 17 8.18 -18.90 43.80
C GLU B 17 9.42 -18.39 44.57
N GLN B 18 10.10 -19.27 45.30
CA GLN B 18 11.38 -18.97 45.94
C GLN B 18 12.42 -18.53 44.90
N LEU B 19 12.57 -19.25 43.80
CA LEU B 19 13.53 -18.91 42.76
C LEU B 19 13.17 -17.60 42.06
N LYS B 20 11.89 -17.36 41.75
CA LYS B 20 11.43 -16.06 41.22
C LYS B 20 11.83 -14.92 42.15
N ASN B 21 11.59 -15.08 43.46
CA ASN B 21 11.97 -14.10 44.46
C ASN B 21 13.50 -13.93 44.55
N GLN B 22 14.26 -15.02 44.52
CA GLN B 22 15.71 -15.01 44.49
C GLN B 22 16.26 -14.25 43.28
N ILE B 23 15.70 -14.49 42.09
CA ILE B 23 16.10 -13.79 40.87
C ILE B 23 15.78 -12.30 40.98
N ARG B 24 14.59 -11.93 41.45
CA ARG B 24 14.24 -10.52 41.68
C ARG B 24 15.22 -9.85 42.66
N ASP B 25 15.57 -10.53 43.75
CA ASP B 25 16.58 -10.06 44.68
C ASP B 25 17.96 -9.91 44.03
N ALA B 26 18.36 -10.82 43.15
CA ALA B 26 19.61 -10.73 42.41
C ALA B 26 19.63 -9.55 41.42
N ARG B 27 18.53 -9.32 40.68
CA ARG B 27 18.38 -8.12 39.83
C ARG B 27 18.52 -6.86 40.68
N LYS B 28 17.77 -6.78 41.80
CA LYS B 28 17.81 -5.65 42.74
C LYS B 28 19.18 -5.42 43.35
N ALA B 29 19.91 -6.47 43.73
CA ALA B 29 21.27 -6.36 44.24
C ALA B 29 22.25 -5.73 43.22
N CYS B 30 21.98 -5.89 41.91
CA CYS B 30 22.76 -5.27 40.85
C CYS B 30 22.33 -3.83 40.52
N ALA B 31 21.24 -3.32 41.10
CA ALA B 31 20.69 -2.00 40.79
C ALA B 31 21.39 -0.85 41.53
N ASP B 32 22.72 -0.75 41.41
CA ASP B 32 23.53 0.24 42.13
C ASP B 32 23.37 1.70 41.63
N ALA B 33 22.64 1.91 40.54
CA ALA B 33 22.26 3.20 39.97
C ALA B 33 20.99 3.04 39.11
N THR B 34 20.67 4.04 38.30
CA THR B 34 19.74 3.94 37.16
C THR B 34 20.38 4.62 35.96
N LEU B 35 20.07 4.20 34.73
CA LEU B 35 20.68 4.79 33.54
C LEU B 35 20.35 6.29 33.41
N SER B 36 19.18 6.72 33.91
CA SER B 36 18.81 8.13 33.98
C SER B 36 19.76 8.96 34.85
N GLN B 37 20.32 8.39 35.92
CA GLN B 37 21.36 9.05 36.71
C GLN B 37 22.68 9.10 35.95
N ILE B 38 23.13 7.97 35.40
CA ILE B 38 24.41 7.90 34.67
C ILE B 38 24.45 8.90 33.50
N THR B 39 23.32 9.09 32.82
CA THR B 39 23.16 9.97 31.66
C THR B 39 22.60 11.35 32.01
N ASN B 40 22.42 11.68 33.29
CA ASN B 40 21.88 12.97 33.70
C ASN B 40 22.77 14.14 33.24
N ASN B 41 24.09 13.95 33.30
CA ASN B 41 25.10 14.98 33.03
C ASN B 41 25.38 15.22 31.53
N ILE B 42 25.24 14.20 30.67
CA ILE B 42 25.58 14.33 29.24
C ILE B 42 24.63 15.26 28.49
N ASP B 43 25.11 15.90 27.43
CA ASP B 43 24.31 16.77 26.59
C ASP B 43 23.22 16.00 25.84
N PRO B 44 22.01 16.58 25.70
CA PRO B 44 20.92 15.94 24.98
C PRO B 44 21.19 15.88 23.48
N VAL B 45 20.51 14.96 22.81
CA VAL B 45 20.29 15.09 21.37
C VAL B 45 19.48 16.37 21.15
N GLY B 46 20.03 17.34 20.42
CA GLY B 46 19.28 18.53 20.01
C GLY B 46 18.16 18.11 19.07
N ARG B 47 16.94 18.63 19.23
CA ARG B 47 15.76 18.06 18.55
C ARG B 47 15.95 17.92 17.04
N ILE B 48 15.65 16.72 16.56
CA ILE B 48 15.95 16.23 15.22
C ILE B 48 14.71 16.40 14.34
N GLN B 49 14.76 17.33 13.40
CA GLN B 49 13.83 17.33 12.28
C GLN B 49 14.26 16.24 11.30
N MET B 50 13.29 15.52 10.73
CA MET B 50 13.52 14.67 9.57
C MET B 50 12.43 14.91 8.53
N ARG B 51 12.79 14.84 7.26
CA ARG B 51 11.93 15.15 6.12
C ARG B 51 11.73 13.88 5.31
N THR B 52 10.52 13.64 4.81
CA THR B 52 10.27 12.55 3.87
C THR B 52 11.03 12.81 2.57
N ARG B 53 12.13 12.08 2.35
CA ARG B 53 12.97 12.20 1.16
C ARG B 53 12.49 11.34 -0.02
N ARG B 54 11.68 10.32 0.25
CA ARG B 54 11.05 9.44 -0.75
C ARG B 54 9.72 8.96 -0.20
N THR B 55 8.76 8.68 -1.06
CA THR B 55 7.54 7.97 -0.69
C THR B 55 7.29 6.87 -1.70
N LEU B 56 6.97 5.66 -1.23
CA LEU B 56 6.85 4.46 -2.04
C LEU B 56 5.36 4.08 -2.04
N ARG B 57 4.69 4.06 -3.21
CA ARG B 57 3.22 4.19 -3.30
C ARG B 57 2.50 3.13 -4.14
N GLY B 58 3.07 1.93 -4.22
CA GLY B 58 2.55 0.86 -5.07
C GLY B 58 1.52 -0.06 -4.44
N HIS B 59 1.56 -0.25 -3.12
CA HIS B 59 0.77 -1.28 -2.44
C HIS B 59 -0.72 -0.99 -2.42
N LEU B 60 -1.52 -2.06 -2.50
CA LEU B 60 -2.98 -1.96 -2.63
C LEU B 60 -3.67 -1.93 -1.26
N ALA B 61 -2.98 -2.33 -0.20
CA ALA B 61 -3.53 -2.53 1.14
C ALA B 61 -2.52 -2.18 2.25
N LYS B 62 -2.90 -2.41 3.50
CA LYS B 62 -2.09 -2.12 4.69
C LYS B 62 -0.70 -2.76 4.63
N ILE B 63 0.38 -1.99 4.77
CA ILE B 63 1.72 -2.57 4.98
C ILE B 63 1.75 -3.19 6.36
N TYR B 64 2.07 -4.46 6.50
CA TYR B 64 2.47 -5.05 7.78
C TYR B 64 3.93 -5.04 8.15
N ALA B 65 4.84 -5.23 7.22
CA ALA B 65 6.24 -5.31 7.56
C ALA B 65 7.11 -4.89 6.40
N MET B 66 8.33 -4.49 6.73
CA MET B 66 9.37 -4.20 5.76
C MET B 66 10.73 -4.55 6.34
N HIS B 67 11.71 -4.77 5.48
CA HIS B 67 13.08 -5.02 5.90
C HIS B 67 14.08 -4.52 4.87
N TRP B 68 15.19 -3.95 5.31
CA TRP B 68 16.27 -3.50 4.44
C TRP B 68 17.18 -4.64 4.01
N GLY B 69 17.61 -4.63 2.76
CA GLY B 69 18.79 -5.38 2.34
C GLY B 69 20.05 -4.84 3.01
N THR B 70 21.09 -5.67 3.12
CA THR B 70 22.35 -5.27 3.76
C THR B 70 23.06 -4.15 3.02
N ASP B 71 22.77 -3.96 1.74
CA ASP B 71 23.32 -2.86 0.93
C ASP B 71 22.79 -1.47 1.29
N SER B 72 21.87 -1.35 2.26
CA SER B 72 21.23 -0.09 2.64
C SER B 72 20.49 0.62 1.53
N ARG B 73 20.17 -0.04 0.42
CA ARG B 73 19.53 0.57 -0.75
C ARG B 73 18.26 -0.15 -1.13
N LEU B 74 18.28 -1.47 -1.23
CA LEU B 74 17.07 -2.23 -1.47
C LEU B 74 16.33 -2.46 -0.17
N LEU B 75 15.00 -2.47 -0.20
CA LEU B 75 14.17 -2.92 0.91
C LEU B 75 13.01 -3.72 0.36
N VAL B 76 12.43 -4.58 1.17
CA VAL B 76 11.29 -5.42 0.83
C VAL B 76 10.14 -5.09 1.77
N SER B 77 8.91 -5.09 1.28
CA SER B 77 7.74 -4.73 2.07
C SER B 77 6.56 -5.61 1.75
N ALA B 78 5.79 -5.98 2.76
CA ALA B 78 4.67 -6.90 2.70
C ALA B 78 3.36 -6.25 3.09
N SER B 79 2.26 -6.62 2.43
CA SER B 79 0.94 -6.13 2.77
C SER B 79 -0.17 -7.12 2.48
N GLN B 80 -1.32 -6.87 3.10
CA GLN B 80 -2.49 -7.75 3.04
C GLN B 80 -3.12 -7.87 1.64
N ASP B 81 -2.62 -7.15 0.65
CA ASP B 81 -2.97 -7.34 -0.75
C ASP B 81 -2.42 -8.67 -1.28
N GLY B 82 -1.53 -9.32 -0.52
CA GLY B 82 -0.88 -10.56 -0.90
C GLY B 82 0.34 -10.32 -1.78
N LYS B 83 1.08 -9.22 -1.58
CA LYS B 83 2.31 -8.96 -2.34
C LYS B 83 3.46 -8.60 -1.44
N LEU B 84 4.64 -9.10 -1.78
CA LEU B 84 5.88 -8.41 -1.45
C LEU B 84 6.21 -7.47 -2.60
N ILE B 85 6.78 -6.32 -2.32
CA ILE B 85 7.43 -5.49 -3.32
C ILE B 85 8.84 -5.24 -2.83
N ILE B 86 9.81 -5.34 -3.72
CA ILE B 86 11.19 -4.96 -3.46
C ILE B 86 11.43 -3.62 -4.11
N TRP B 87 11.94 -2.68 -3.35
CA TRP B 87 12.09 -1.29 -3.71
C TRP B 87 13.55 -0.91 -3.78
N ASP B 88 13.98 -0.29 -4.86
CA ASP B 88 15.22 0.49 -4.85
C ASP B 88 14.90 1.82 -4.19
N SER B 89 15.26 1.99 -2.93
CA SER B 89 14.94 3.20 -2.20
C SER B 89 15.58 4.45 -2.80
N TYR B 90 16.69 4.37 -3.53
CA TYR B 90 17.32 5.57 -4.08
C TYR B 90 16.51 6.11 -5.24
N THR B 91 16.11 5.26 -6.19
CA THR B 91 15.36 5.66 -7.38
C THR B 91 13.85 5.57 -7.23
N THR B 92 13.33 4.96 -6.15
CA THR B 92 11.92 4.57 -5.99
C THR B 92 11.44 3.50 -6.99
N ASN B 93 12.34 2.89 -7.77
CA ASN B 93 11.95 1.84 -8.70
C ASN B 93 11.51 0.60 -7.94
N LYS B 94 10.47 -0.07 -8.44
CA LYS B 94 10.09 -1.41 -8.01
C LYS B 94 11.01 -2.40 -8.70
N VAL B 95 11.81 -3.12 -7.93
CA VAL B 95 12.77 -4.10 -8.39
C VAL B 95 12.10 -5.44 -8.64
N HIS B 96 11.17 -5.86 -7.78
CA HIS B 96 10.30 -7.02 -7.99
C HIS B 96 8.96 -6.78 -7.33
N ALA B 97 7.89 -7.36 -7.87
CA ALA B 97 6.65 -7.55 -7.15
C ALA B 97 6.33 -9.04 -7.15
N ILE B 98 6.16 -9.63 -5.97
CA ILE B 98 6.05 -11.08 -5.79
C ILE B 98 4.64 -11.38 -5.32
N PRO B 99 3.82 -12.12 -6.09
CA PRO B 99 2.50 -12.51 -5.65
C PRO B 99 2.58 -13.66 -4.64
N LEU B 100 2.07 -13.45 -3.44
CA LEU B 100 2.06 -14.42 -2.36
C LEU B 100 0.90 -15.40 -2.49
N ARG B 101 1.07 -16.61 -1.95
CA ARG B 101 0.03 -17.65 -1.94
C ARG B 101 -1.08 -17.37 -0.92
N SER B 102 -0.77 -16.71 0.18
CA SER B 102 -1.74 -16.25 1.18
C SER B 102 -1.77 -14.73 1.24
N SER B 103 -2.94 -14.11 1.11
CA SER B 103 -3.09 -12.65 1.25
C SER B 103 -2.64 -12.14 2.61
N TRP B 104 -2.80 -12.93 3.67
CA TRP B 104 -2.73 -12.45 5.04
C TRP B 104 -1.32 -12.51 5.62
N VAL B 105 -0.34 -12.03 4.87
CA VAL B 105 1.05 -11.90 5.30
C VAL B 105 1.20 -10.87 6.41
N MET B 106 1.96 -11.20 7.44
CA MET B 106 2.20 -10.38 8.62
C MET B 106 3.67 -10.03 8.83
N THR B 107 4.59 -10.68 8.14
CA THR B 107 6.02 -10.48 8.31
C THR B 107 6.82 -10.72 7.05
N CYS B 108 8.03 -10.21 7.03
CA CYS B 108 8.84 -10.01 5.86
C CYS B 108 10.31 -9.94 6.26
N ALA B 109 11.24 -10.49 5.48
CA ALA B 109 12.68 -10.36 5.72
C ALA B 109 13.52 -10.50 4.46
N TYR B 110 14.66 -9.81 4.36
CA TYR B 110 15.82 -10.23 3.58
C TYR B 110 16.78 -11.20 4.24
N ALA B 111 17.36 -12.09 3.44
CA ALA B 111 18.62 -12.73 3.75
C ALA B 111 19.76 -11.72 3.75
N PRO B 112 20.77 -11.79 4.62
CA PRO B 112 21.85 -10.81 4.64
C PRO B 112 22.64 -10.72 3.33
N SER B 113 22.66 -11.80 2.55
CA SER B 113 23.27 -11.83 1.22
C SER B 113 22.50 -11.06 0.15
N GLY B 114 21.23 -10.74 0.39
CA GLY B 114 20.30 -10.26 -0.63
C GLY B 114 19.81 -11.33 -1.61
N ASN B 115 20.15 -12.61 -1.45
CA ASN B 115 19.72 -13.66 -2.39
C ASN B 115 18.27 -14.08 -2.22
N TYR B 116 17.70 -13.97 -1.02
CA TYR B 116 16.38 -14.49 -0.67
C TYR B 116 15.59 -13.49 0.15
N VAL B 117 14.26 -13.62 0.11
CA VAL B 117 13.34 -12.98 1.06
C VAL B 117 12.39 -14.01 1.64
N ALA B 118 11.80 -13.74 2.81
CA ALA B 118 10.87 -14.64 3.47
C ALA B 118 9.58 -13.94 3.90
N CYS B 119 8.48 -14.68 3.94
CA CYS B 119 7.16 -14.25 4.38
C CYS B 119 6.55 -15.20 5.40
N GLY B 120 5.64 -14.70 6.22
CA GLY B 120 4.70 -15.53 6.95
C GLY B 120 3.50 -14.74 7.41
N GLY B 121 2.42 -15.40 7.81
CA GLY B 121 1.27 -14.72 8.37
C GLY B 121 0.20 -15.66 8.88
N LEU B 122 -1.06 -15.38 8.57
CA LEU B 122 -2.18 -16.16 9.07
C LEU B 122 -2.31 -17.53 8.43
N ASP B 123 -1.74 -17.81 7.25
CA ASP B 123 -1.39 -19.19 6.97
C ASP B 123 -0.04 -19.47 7.60
N ASN B 124 0.04 -20.47 8.46
CA ASN B 124 1.14 -20.60 9.41
C ASN B 124 2.52 -20.84 8.77
N ILE B 125 2.55 -21.23 7.50
CA ILE B 125 3.75 -21.51 6.69
C ILE B 125 4.68 -20.30 6.57
N CYS B 126 5.99 -20.48 6.74
CA CYS B 126 6.99 -19.48 6.33
C CYS B 126 7.43 -19.79 4.90
N SER B 127 7.23 -18.88 3.95
CA SER B 127 7.57 -19.09 2.54
C SER B 127 8.85 -18.36 2.22
N ILE B 128 9.80 -19.00 1.57
CA ILE B 128 11.09 -18.40 1.20
C ILE B 128 11.20 -18.27 -0.30
N TYR B 129 11.48 -17.07 -0.79
CA TYR B 129 11.56 -16.74 -2.21
C TYR B 129 13.00 -16.51 -2.62
N ASN B 130 13.39 -17.09 -3.75
CA ASN B 130 14.72 -16.99 -4.31
C ASN B 130 14.73 -15.87 -5.34
N LEU B 131 15.55 -14.83 -5.17
CA LEU B 131 15.57 -13.69 -6.07
C LEU B 131 16.49 -13.89 -7.28
N LYS B 132 17.56 -14.68 -7.12
CA LYS B 132 18.66 -14.79 -8.08
C LYS B 132 18.53 -16.00 -9.00
N THR B 133 17.32 -16.29 -9.46
CA THR B 133 17.03 -17.44 -10.32
C THR B 133 17.65 -17.32 -11.71
N ARG B 134 18.05 -18.45 -12.30
CA ARG B 134 18.44 -18.52 -13.73
C ARG B 134 17.28 -18.20 -14.66
N GLU B 135 16.07 -18.53 -14.26
CA GLU B 135 14.85 -18.33 -15.05
C GLU B 135 14.34 -16.88 -15.05
N GLY B 136 14.92 -15.99 -14.24
CA GLY B 136 14.61 -14.57 -14.18
C GLY B 136 13.47 -14.18 -13.25
N ASN B 137 12.40 -14.96 -13.20
CA ASN B 137 11.29 -14.72 -12.27
C ASN B 137 11.64 -15.13 -10.84
N VAL B 138 11.16 -14.37 -9.85
CA VAL B 138 11.21 -14.78 -8.45
C VAL B 138 10.23 -15.93 -8.22
N ARG B 139 10.64 -16.95 -7.48
CA ARG B 139 9.77 -18.07 -7.10
C ARG B 139 10.04 -18.56 -5.69
N VAL B 140 9.05 -19.22 -5.10
CA VAL B 140 9.20 -19.84 -3.78
C VAL B 140 10.14 -21.04 -3.87
N SER B 141 11.24 -20.96 -3.13
CA SER B 141 12.21 -22.02 -2.95
C SER B 141 11.69 -23.08 -1.99
N ARG B 142 11.13 -22.69 -0.85
CA ARG B 142 10.58 -23.63 0.13
C ARG B 142 9.45 -23.04 0.96
N GLU B 143 8.59 -23.91 1.49
CA GLU B 143 7.54 -23.60 2.46
C GLU B 143 7.80 -24.37 3.75
N LEU B 144 8.04 -23.67 4.85
CA LEU B 144 8.34 -24.24 6.15
C LEU B 144 7.04 -24.41 6.95
N ALA B 145 6.44 -25.60 6.94
CA ALA B 145 5.04 -25.79 7.31
C ALA B 145 4.74 -26.07 8.79
N GLY B 146 5.73 -26.48 9.59
CA GLY B 146 5.51 -27.09 10.90
C GLY B 146 4.94 -26.22 12.04
N HIS B 147 4.82 -24.90 11.89
CA HIS B 147 4.15 -24.04 12.89
C HIS B 147 2.65 -24.29 12.95
N THR B 148 2.05 -24.16 14.12
CA THR B 148 0.63 -24.47 14.39
C THR B 148 -0.21 -23.24 14.72
N GLY B 149 0.33 -22.05 14.48
CA GLY B 149 -0.35 -20.76 14.57
C GLY B 149 0.38 -19.72 13.74
N TYR B 150 -0.19 -18.53 13.59
CA TYR B 150 0.29 -17.55 12.62
C TYR B 150 1.76 -17.22 12.84
N LEU B 151 2.51 -16.96 11.76
CA LEU B 151 3.85 -16.40 11.86
C LEU B 151 3.81 -14.91 12.09
N SER B 152 4.48 -14.45 13.13
CA SER B 152 4.54 -13.04 13.46
C SER B 152 5.82 -12.38 13.00
N CYS B 153 6.94 -13.11 12.86
CA CYS B 153 8.25 -12.56 12.58
C CYS B 153 9.21 -13.62 12.02
N CYS B 154 10.04 -13.24 11.04
CA CYS B 154 11.09 -14.07 10.43
C CYS B 154 12.39 -13.29 10.38
N ARG B 155 13.55 -13.90 10.65
CA ARG B 155 14.85 -13.29 10.39
C ARG B 155 15.85 -14.34 9.91
N PHE B 156 16.52 -14.11 8.78
CA PHE B 156 17.59 -14.97 8.31
C PHE B 156 18.87 -14.76 9.10
N LEU B 157 19.58 -15.82 9.44
CA LEU B 157 20.95 -15.76 9.95
C LEU B 157 21.96 -15.84 8.81
N ASP B 158 21.66 -16.70 7.84
CA ASP B 158 22.39 -16.87 6.59
C ASP B 158 21.45 -17.56 5.60
N ASP B 159 21.84 -17.69 4.34
CA ASP B 159 20.97 -18.23 3.28
C ASP B 159 20.39 -19.62 3.57
N ASN B 160 20.99 -20.40 4.48
CA ASN B 160 20.49 -21.73 4.82
C ASN B 160 19.83 -21.82 6.20
N GLN B 161 19.73 -20.76 7.01
CA GLN B 161 18.90 -20.85 8.21
C GLN B 161 18.21 -19.55 8.63
N ILE B 162 16.96 -19.72 9.07
CA ILE B 162 16.02 -18.67 9.44
C ILE B 162 15.42 -18.96 10.80
N VAL B 163 15.32 -17.95 11.66
CA VAL B 163 14.59 -18.03 12.92
C VAL B 163 13.22 -17.38 12.73
N THR B 164 12.20 -17.94 13.35
CA THR B 164 10.80 -17.60 13.12
C THR B 164 10.04 -17.58 14.43
N SER B 165 8.95 -16.83 14.49
CA SER B 165 8.16 -16.56 15.70
C SER B 165 6.68 -16.76 15.42
N SER B 166 5.89 -17.26 16.35
CA SER B 166 4.49 -17.59 16.07
C SER B 166 3.49 -17.39 17.21
N GLY B 167 2.23 -17.21 16.82
CA GLY B 167 1.06 -17.34 17.67
C GLY B 167 0.86 -18.73 18.28
N ASP B 168 1.55 -19.77 17.82
CA ASP B 168 1.61 -21.03 18.57
C ASP B 168 2.50 -20.96 19.81
N THR B 169 2.99 -19.78 20.15
CA THR B 169 3.87 -19.44 21.28
C THR B 169 5.31 -19.92 21.15
N THR B 170 5.69 -20.66 20.11
CA THR B 170 7.08 -21.06 19.90
C THR B 170 7.85 -20.09 19.01
N CYS B 171 9.16 -19.97 19.22
CA CYS B 171 10.06 -19.62 18.12
C CYS B 171 10.65 -20.90 17.55
N ALA B 172 11.13 -20.90 16.32
CA ALA B 172 11.84 -22.06 15.75
C ALA B 172 12.91 -21.63 14.76
N LEU B 173 14.01 -22.39 14.73
CA LEU B 173 15.12 -22.24 13.79
C LEU B 173 15.02 -23.35 12.76
N TRP B 174 15.15 -23.03 11.49
CA TRP B 174 14.97 -23.98 10.39
C TRP B 174 16.23 -24.09 9.55
N ASP B 175 16.45 -25.26 8.96
CA ASP B 175 17.43 -25.45 7.91
C ASP B 175 16.68 -25.36 6.58
N ILE B 176 17.04 -24.39 5.73
CA ILE B 176 16.28 -24.09 4.53
C ILE B 176 16.45 -25.16 3.48
N GLU B 177 17.61 -25.80 3.37
CA GLU B 177 17.81 -26.90 2.44
C GLU B 177 16.87 -28.07 2.75
N THR B 178 16.72 -28.43 4.02
CA THR B 178 15.91 -29.55 4.48
C THR B 178 14.43 -29.18 4.58
N GLY B 179 14.11 -27.94 4.97
CA GLY B 179 12.75 -27.50 5.27
C GLY B 179 12.24 -27.94 6.64
N GLN B 180 13.14 -28.06 7.62
CA GLN B 180 12.88 -28.74 8.88
C GLN B 180 13.35 -27.94 10.10
N GLN B 181 12.61 -28.02 11.21
CA GLN B 181 12.99 -27.35 12.45
C GLN B 181 14.26 -27.96 13.02
N THR B 182 15.37 -27.25 12.90
CA THR B 182 16.65 -27.62 13.49
C THR B 182 16.67 -27.42 15.00
N THR B 183 15.86 -26.49 15.51
CA THR B 183 15.63 -26.26 16.94
C THR B 183 14.27 -25.61 17.13
N THR B 184 13.64 -25.82 18.30
CA THR B 184 12.39 -25.16 18.68
C THR B 184 12.51 -24.59 20.09
N PHE B 185 12.03 -23.37 20.29
CA PHE B 185 12.17 -22.59 21.52
C PHE B 185 10.79 -22.35 22.12
N THR B 186 10.55 -22.78 23.36
CA THR B 186 9.19 -23.08 23.83
C THR B 186 8.74 -22.34 25.09
N GLY B 187 9.63 -21.65 25.80
CA GLY B 187 9.35 -21.07 27.11
C GLY B 187 8.31 -19.93 27.18
N HIS B 188 7.93 -19.29 26.07
CA HIS B 188 6.89 -18.25 26.05
C HIS B 188 5.50 -18.82 26.30
N THR B 189 4.62 -18.04 26.95
CA THR B 189 3.28 -18.49 27.32
C THR B 189 2.18 -17.89 26.43
N GLY B 190 2.42 -16.72 25.84
CA GLY B 190 1.54 -16.06 24.89
C GLY B 190 2.05 -16.11 23.45
N ASP B 191 1.28 -15.55 22.52
CA ASP B 191 1.66 -15.45 21.11
C ASP B 191 2.98 -14.70 20.96
N VAL B 192 4.01 -15.29 20.37
CA VAL B 192 5.26 -14.58 20.17
C VAL B 192 5.04 -13.58 19.05
N MET B 193 5.38 -12.32 19.26
CA MET B 193 5.11 -11.24 18.32
C MET B 193 6.30 -10.82 17.49
N SER B 194 7.51 -10.72 18.04
CA SER B 194 8.67 -10.30 17.28
C SER B 194 9.98 -10.88 17.78
N LEU B 195 10.98 -10.88 16.91
CA LEU B 195 12.34 -11.35 17.11
C LEU B 195 13.31 -10.22 16.81
N SER B 196 14.52 -10.28 17.35
CA SER B 196 15.66 -9.67 16.67
C SER B 196 16.90 -10.50 16.94
N LEU B 197 17.74 -10.67 15.93
CA LEU B 197 19.03 -11.34 16.06
C LEU B 197 20.04 -10.40 16.68
N ALA B 198 20.91 -10.90 17.55
CA ALA B 198 22.08 -10.15 17.97
C ALA B 198 23.02 -9.91 16.77
N PRO B 199 23.91 -8.91 16.81
CA PRO B 199 24.84 -8.64 15.72
C PRO B 199 25.74 -9.82 15.33
N ASP B 200 26.09 -10.69 16.29
CA ASP B 200 26.86 -11.91 16.04
C ASP B 200 26.00 -13.10 15.57
N THR B 201 24.67 -12.98 15.58
CA THR B 201 23.69 -14.04 15.32
C THR B 201 23.79 -15.29 16.21
N ARG B 202 24.58 -15.27 17.30
CA ARG B 202 24.65 -16.38 18.27
C ARG B 202 23.44 -16.39 19.21
N LEU B 203 22.88 -15.22 19.46
CA LEU B 203 21.73 -15.00 20.32
C LEU B 203 20.59 -14.36 19.54
N PHE B 204 19.36 -14.58 19.98
CA PHE B 204 18.23 -13.76 19.56
C PHE B 204 17.31 -13.50 20.74
N VAL B 205 16.50 -12.47 20.65
CA VAL B 205 15.56 -12.08 21.70
C VAL B 205 14.16 -11.99 21.13
N SER B 206 13.13 -12.35 21.89
CA SER B 206 11.74 -12.31 21.42
C SER B 206 10.74 -11.95 22.51
N GLY B 207 9.64 -11.29 22.14
CA GLY B 207 8.58 -10.83 23.06
C GLY B 207 7.20 -11.33 22.63
N ALA B 208 6.27 -11.57 23.57
CA ALA B 208 5.25 -12.57 23.29
C ALA B 208 3.90 -12.50 24.03
N CYS B 209 3.18 -11.39 23.99
CA CYS B 209 1.77 -11.34 24.47
C CYS B 209 1.51 -11.85 25.90
N ASP B 210 2.54 -11.92 26.72
CA ASP B 210 2.50 -12.26 28.13
C ASP B 210 3.34 -11.28 28.95
N ALA B 211 3.54 -10.07 28.40
CA ALA B 211 4.34 -9.00 28.94
C ALA B 211 5.82 -9.35 29.20
N SER B 212 6.33 -10.47 28.68
CA SER B 212 7.70 -10.90 28.89
C SER B 212 8.51 -10.98 27.59
N ALA B 213 9.82 -10.78 27.70
CA ALA B 213 10.76 -11.05 26.63
C ALA B 213 11.77 -12.10 27.09
N LYS B 214 12.25 -12.92 26.16
CA LYS B 214 13.15 -14.05 26.40
C LYS B 214 14.37 -13.89 25.51
N LEU B 215 15.54 -14.14 26.06
CA LEU B 215 16.80 -14.27 25.32
C LEU B 215 17.09 -15.74 25.08
N TRP B 216 17.53 -16.12 23.90
CA TRP B 216 17.81 -17.50 23.53
C TRP B 216 19.21 -17.66 22.94
N ASP B 217 19.85 -18.78 23.22
CA ASP B 217 21.03 -19.21 22.46
C ASP B 217 20.56 -19.95 21.20
N VAL B 218 20.81 -19.39 20.02
CA VAL B 218 20.49 -20.04 18.74
C VAL B 218 21.12 -21.42 18.65
N ARG B 219 22.35 -21.52 19.15
CA ARG B 219 23.24 -22.67 19.00
C ARG B 219 23.02 -23.75 20.07
N GLU B 220 22.17 -23.49 21.06
CA GLU B 220 21.84 -24.41 22.16
C GLU B 220 20.35 -24.75 22.26
N GLY B 221 19.44 -23.86 21.83
CA GLY B 221 18.00 -24.13 21.87
C GLY B 221 17.32 -23.89 23.21
N MET B 222 17.93 -23.10 24.09
CA MET B 222 17.45 -22.83 25.44
C MET B 222 17.24 -21.35 25.69
N CYS B 223 16.27 -21.00 26.53
CA CYS B 223 16.20 -19.65 27.07
C CYS B 223 17.35 -19.43 28.06
N ARG B 224 18.06 -18.32 27.90
CA ARG B 224 19.14 -17.89 28.78
C ARG B 224 18.67 -16.91 29.86
N GLN B 225 17.79 -15.97 29.54
CA GLN B 225 17.30 -14.93 30.43
C GLN B 225 15.85 -14.54 30.11
N THR B 226 15.12 -14.05 31.10
CA THR B 226 13.75 -13.56 30.97
C THR B 226 13.64 -12.15 31.50
N PHE B 227 12.89 -11.30 30.80
CA PHE B 227 12.73 -9.88 31.10
C PHE B 227 11.26 -9.54 31.23
N THR B 228 10.93 -8.70 32.21
CA THR B 228 9.56 -8.34 32.58
C THR B 228 9.51 -6.88 33.07
N GLY B 229 8.33 -6.28 33.07
CA GLY B 229 8.11 -4.90 33.48
C GLY B 229 6.99 -4.23 32.70
N HIS B 230 6.70 -4.72 31.50
CA HIS B 230 5.52 -4.34 30.74
C HIS B 230 4.22 -4.63 31.48
N GLU B 231 3.22 -3.80 31.23
CA GLU B 231 1.85 -3.99 31.73
C GLU B 231 1.00 -4.83 30.77
N SER B 232 1.39 -4.91 29.50
CA SER B 232 0.58 -5.52 28.45
C SER B 232 1.45 -6.16 27.35
N ASP B 233 0.86 -6.57 26.24
CA ASP B 233 1.51 -7.31 25.17
C ASP B 233 2.71 -6.56 24.57
N ILE B 234 3.83 -7.24 24.34
CA ILE B 234 4.96 -6.72 23.57
C ILE B 234 4.72 -6.99 22.09
N ASN B 235 4.71 -5.96 21.27
CA ASN B 235 4.59 -6.07 19.82
C ASN B 235 5.95 -6.08 19.14
N ALA B 236 6.84 -5.20 19.58
CA ALA B 236 8.08 -4.90 18.89
C ALA B 236 9.29 -5.18 19.76
N ILE B 237 10.41 -5.56 19.15
CA ILE B 237 11.67 -5.76 19.85
C ILE B 237 12.83 -5.43 18.91
N CYS B 238 13.95 -4.95 19.47
CA CYS B 238 15.16 -4.65 18.68
C CYS B 238 16.39 -4.63 19.57
N PHE B 239 17.47 -5.29 19.18
CA PHE B 239 18.77 -5.12 19.84
C PHE B 239 19.32 -3.71 19.65
N PHE B 240 19.91 -3.16 20.71
CA PHE B 240 20.78 -1.99 20.65
C PHE B 240 22.07 -2.39 19.92
N PRO B 241 22.70 -1.54 19.09
CA PRO B 241 23.71 -2.00 18.13
C PRO B 241 24.94 -2.69 18.72
N ASN B 242 25.30 -2.41 19.98
CA ASN B 242 26.39 -3.09 20.68
C ASN B 242 26.09 -4.57 20.99
N GLY B 243 24.84 -5.01 20.88
CA GLY B 243 24.44 -6.42 20.94
C GLY B 243 24.22 -7.00 22.34
N ASN B 244 24.32 -6.20 23.40
CA ASN B 244 24.13 -6.64 24.79
C ASN B 244 23.08 -5.86 25.58
N ALA B 245 22.28 -5.04 24.89
CA ALA B 245 21.04 -4.47 25.38
C ALA B 245 19.99 -4.53 24.28
N PHE B 246 18.71 -4.44 24.62
CA PHE B 246 17.62 -4.41 23.65
C PHE B 246 16.44 -3.62 24.16
N ALA B 247 15.61 -3.14 23.24
CA ALA B 247 14.42 -2.38 23.55
C ALA B 247 13.17 -3.03 22.99
N THR B 248 12.04 -2.74 23.61
CA THR B 248 10.74 -3.35 23.32
C THR B 248 9.67 -2.29 23.25
N GLY B 249 8.63 -2.50 22.45
CA GLY B 249 7.44 -1.65 22.39
C GLY B 249 6.17 -2.49 22.48
N SER B 250 5.12 -1.94 23.07
CA SER B 250 3.99 -2.69 23.63
C SER B 250 2.67 -1.93 23.59
N ASP B 251 1.58 -2.66 23.82
CA ASP B 251 0.25 -2.08 23.92
C ASP B 251 0.03 -1.21 25.16
N ASP B 252 0.91 -1.29 26.16
CA ASP B 252 0.88 -0.40 27.33
C ASP B 252 1.47 1.00 27.04
N ALA B 253 1.77 1.29 25.77
CA ALA B 253 2.30 2.57 25.29
C ALA B 253 3.68 2.95 25.85
N THR B 254 4.43 2.02 26.43
CA THR B 254 5.83 2.26 26.83
C THR B 254 6.80 1.57 25.87
N CYS B 255 7.84 2.26 25.42
CA CYS B 255 9.05 1.55 25.05
C CYS B 255 9.86 1.27 26.31
N ARG B 256 10.64 0.20 26.37
CA ARG B 256 11.48 -0.13 27.53
C ARG B 256 12.80 -0.72 27.06
N LEU B 257 13.92 -0.36 27.69
CA LEU B 257 15.28 -0.81 27.37
C LEU B 257 15.84 -1.68 28.49
N PHE B 258 16.45 -2.82 28.16
CA PHE B 258 17.09 -3.74 29.10
C PHE B 258 18.54 -4.03 28.73
N ASP B 259 19.43 -4.18 29.71
CA ASP B 259 20.69 -4.91 29.52
C ASP B 259 20.50 -6.40 29.65
N LEU B 260 21.27 -7.17 28.88
CA LEU B 260 21.51 -8.58 29.19
C LEU B 260 22.39 -8.71 30.44
N ARG B 261 23.48 -7.95 30.51
CA ARG B 261 24.51 -8.08 31.55
C ARG B 261 24.05 -7.68 32.95
N ALA B 262 23.31 -6.58 33.08
CA ALA B 262 22.63 -6.21 34.31
C ALA B 262 21.23 -6.84 34.45
N ASP B 263 20.71 -7.44 33.38
CA ASP B 263 19.56 -8.35 33.43
C ASP B 263 18.25 -7.72 33.94
N GLN B 264 17.98 -6.46 33.58
CA GLN B 264 16.83 -5.69 34.07
C GLN B 264 16.57 -4.43 33.22
N GLU B 265 15.44 -3.77 33.48
CA GLU B 265 15.11 -2.48 32.87
C GLU B 265 16.12 -1.39 33.22
N LEU B 266 16.55 -0.64 32.22
CA LEU B 266 17.40 0.54 32.35
C LEU B 266 16.58 1.83 32.30
N MET B 267 15.69 1.94 31.32
CA MET B 267 14.87 3.11 31.04
C MET B 267 13.49 2.71 30.54
N THR B 268 12.48 3.49 30.90
CA THR B 268 11.15 3.46 30.27
C THR B 268 10.96 4.73 29.47
N TYR B 269 10.44 4.61 28.26
CA TYR B 269 10.15 5.72 27.38
C TYR B 269 8.64 5.84 27.25
N SER B 270 8.09 6.90 27.79
CA SER B 270 6.66 7.20 27.77
C SER B 270 6.44 8.70 27.96
N HIS B 271 5.28 9.18 27.54
CA HIS B 271 4.83 10.54 27.79
C HIS B 271 3.33 10.55 28.00
N ASP B 272 2.81 11.43 28.83
CA ASP B 272 1.46 11.27 29.38
C ASP B 272 0.36 11.35 28.31
N ASN B 273 0.61 12.09 27.23
CA ASN B 273 -0.30 12.22 26.09
C ASN B 273 -0.17 11.10 25.05
N ILE B 274 0.80 10.20 25.19
CA ILE B 274 0.97 9.02 24.34
C ILE B 274 0.22 7.85 25.00
N ILE B 275 -1.04 7.66 24.62
CA ILE B 275 -1.94 6.71 25.30
C ILE B 275 -2.02 5.34 24.63
N CYS B 276 -1.36 5.14 23.49
CA CYS B 276 -1.69 4.09 22.54
C CYS B 276 -0.51 3.17 22.19
N GLY B 277 -0.81 1.98 21.68
CA GLY B 277 0.15 0.91 21.50
C GLY B 277 1.28 1.23 20.52
N ILE B 278 2.44 0.64 20.77
CA ILE B 278 3.64 0.79 19.93
C ILE B 278 3.75 -0.42 19.05
N THR B 279 3.80 -0.25 17.73
CA THR B 279 3.77 -1.35 16.77
C THR B 279 5.16 -1.86 16.41
N SER B 280 6.17 -1.02 16.53
CA SER B 280 7.49 -1.23 15.94
C SER B 280 8.54 -0.36 16.63
N VAL B 281 9.79 -0.81 16.62
CA VAL B 281 10.92 -0.20 17.32
C VAL B 281 12.19 -0.40 16.50
N SER B 282 13.13 0.53 16.53
CA SER B 282 14.44 0.40 15.91
C SER B 282 15.44 1.40 16.51
N PHE B 283 16.73 1.25 16.26
CA PHE B 283 17.78 2.15 16.75
C PHE B 283 18.56 2.78 15.61
N SER B 284 19.02 4.02 15.77
CA SER B 284 20.03 4.61 14.88
C SER B 284 21.37 3.89 15.01
N LYS B 285 22.29 4.06 14.05
CA LYS B 285 23.53 3.27 14.01
C LYS B 285 24.43 3.48 15.24
N SER B 286 24.48 4.66 15.83
CA SER B 286 25.21 4.89 17.07
C SER B 286 24.55 4.26 18.29
N GLY B 287 23.28 3.86 18.18
CA GLY B 287 22.44 3.51 19.30
C GLY B 287 21.82 4.71 20.02
N ARG B 288 22.21 5.95 19.72
CA ARG B 288 21.76 7.12 20.51
C ARG B 288 20.29 7.44 20.34
N LEU B 289 19.65 7.11 19.22
CA LEU B 289 18.22 7.32 19.01
C LEU B 289 17.48 5.98 19.01
N LEU B 290 16.45 5.83 19.84
CA LEU B 290 15.34 4.94 19.50
C LEU B 290 14.42 5.63 18.52
N LEU B 291 13.85 4.86 17.62
CA LEU B 291 12.71 5.24 16.83
C LEU B 291 11.60 4.26 17.16
N ALA B 292 10.39 4.73 17.41
CA ALA B 292 9.27 3.88 17.73
C ALA B 292 8.04 4.32 16.94
N GLY B 293 7.33 3.36 16.37
CA GLY B 293 6.15 3.59 15.55
C GLY B 293 4.91 3.26 16.35
N TYR B 294 3.88 4.11 16.27
CA TYR B 294 2.74 4.04 17.17
C TYR B 294 1.42 3.95 16.43
N ASP B 295 0.40 3.52 17.16
CA ASP B 295 -0.97 3.91 16.89
C ASP B 295 -1.08 5.46 17.05
N ASP B 296 -2.18 6.12 16.70
CA ASP B 296 -2.16 7.59 16.54
C ASP B 296 -1.13 8.10 15.49
N PHE B 297 -0.81 7.19 14.58
CA PHE B 297 -0.37 7.36 13.20
C PHE B 297 1.01 8.01 13.00
N ASN B 298 1.83 8.14 14.04
CA ASN B 298 3.10 8.87 13.98
C ASN B 298 4.24 8.11 14.68
N CYS B 299 5.49 8.51 14.43
CA CYS B 299 6.65 7.93 15.12
C CYS B 299 7.26 8.96 16.06
N ASN B 300 7.67 8.54 17.24
CA ASN B 300 8.46 9.36 18.14
C ASN B 300 9.90 8.87 18.10
N VAL B 301 10.83 9.80 17.97
CA VAL B 301 12.27 9.55 18.08
C VAL B 301 12.66 9.89 19.50
N TRP B 302 13.35 9.01 20.20
CA TRP B 302 13.75 9.21 21.60
C TRP B 302 15.26 9.27 21.73
N ASP B 303 15.79 10.17 22.55
CA ASP B 303 17.15 10.07 23.04
C ASP B 303 17.25 8.80 23.90
N ALA B 304 17.84 7.75 23.35
CA ALA B 304 17.90 6.43 23.99
C ALA B 304 18.83 6.38 25.21
N LEU B 305 19.43 7.49 25.62
CA LEU B 305 20.11 7.63 26.88
C LEU B 305 19.27 8.46 27.86
N LYS B 306 18.86 9.67 27.46
CA LYS B 306 18.14 10.59 28.37
C LYS B 306 16.63 10.34 28.47
N ALA B 307 16.04 9.58 27.56
CA ALA B 307 14.60 9.34 27.42
C ALA B 307 13.72 10.57 27.14
N ASP B 308 14.31 11.63 26.59
CA ASP B 308 13.55 12.73 25.99
C ASP B 308 13.01 12.35 24.62
N ARG B 309 11.84 12.86 24.24
CA ARG B 309 11.39 12.86 22.83
C ARG B 309 12.24 13.85 22.04
N ALA B 310 13.14 13.33 21.22
CA ALA B 310 14.04 14.09 20.38
C ALA B 310 13.41 14.55 19.07
N GLY B 311 12.25 14.06 18.67
CA GLY B 311 11.61 14.43 17.41
C GLY B 311 10.43 13.56 17.04
N VAL B 312 9.76 13.89 15.94
CA VAL B 312 8.57 13.19 15.45
C VAL B 312 8.66 12.98 13.95
N LEU B 313 8.24 11.82 13.46
CA LEU B 313 7.98 11.59 12.04
C LEU B 313 6.46 11.59 11.89
N ALA B 314 5.90 12.56 11.16
CA ALA B 314 4.47 12.85 11.22
C ALA B 314 3.68 12.43 9.97
N GLY B 315 4.31 11.75 9.02
CA GLY B 315 3.83 11.69 7.64
C GLY B 315 2.70 10.70 7.34
N HIS B 316 2.24 9.90 8.28
CA HIS B 316 1.34 8.78 7.99
C HIS B 316 -0.14 9.07 8.32
N ASP B 317 -1.03 8.59 7.46
CA ASP B 317 -2.48 8.82 7.53
C ASP B 317 -3.21 7.74 8.35
N ASN B 318 -2.54 6.62 8.60
CA ASN B 318 -3.07 5.51 9.37
C ASN B 318 -1.92 4.91 10.20
N ARG B 319 -2.16 3.78 10.86
CA ARG B 319 -1.26 3.15 11.82
C ARG B 319 0.14 2.95 11.24
N VAL B 320 1.19 3.46 11.89
CA VAL B 320 2.57 3.07 11.54
C VAL B 320 2.73 1.63 11.96
N SER B 321 3.02 0.72 11.03
CA SER B 321 3.08 -0.71 11.32
C SER B 321 4.50 -1.23 11.47
N CYS B 322 5.48 -0.57 10.85
CA CYS B 322 6.87 -1.00 10.86
C CYS B 322 7.86 0.15 10.67
N LEU B 323 9.08 -0.09 11.11
CA LEU B 323 10.26 0.76 11.03
C LEU B 323 11.46 -0.08 10.61
N GLY B 324 12.44 0.56 9.99
CA GLY B 324 13.77 -0.01 9.85
C GLY B 324 14.79 1.05 9.55
N VAL B 325 15.92 1.03 10.24
CA VAL B 325 17.06 1.91 9.99
C VAL B 325 18.07 1.15 9.14
N THR B 326 18.60 1.76 8.08
CA THR B 326 19.56 1.08 7.19
C THR B 326 20.82 0.66 7.93
N ASP B 327 21.56 -0.34 7.46
CA ASP B 327 22.72 -0.86 8.18
C ASP B 327 23.86 0.15 8.34
N ASP B 328 23.93 1.15 7.47
CA ASP B 328 24.85 2.30 7.56
C ASP B 328 24.20 3.54 8.21
N GLY B 329 22.99 3.42 8.77
CA GLY B 329 22.29 4.50 9.46
C GLY B 329 21.87 5.67 8.57
N MET B 330 22.00 5.54 7.25
CA MET B 330 21.82 6.62 6.30
C MET B 330 20.37 7.06 6.14
N ALA B 331 19.39 6.29 6.63
CA ALA B 331 17.97 6.62 6.60
C ALA B 331 17.18 5.75 7.59
N VAL B 332 15.94 6.13 7.84
CA VAL B 332 14.91 5.25 8.38
C VAL B 332 13.76 5.17 7.40
N ALA B 333 13.14 4.01 7.23
CA ALA B 333 11.88 3.87 6.52
C ALA B 333 10.78 3.53 7.50
N THR B 334 9.60 4.09 7.30
CA THR B 334 8.37 3.77 8.02
C THR B 334 7.37 3.18 7.05
N GLY B 335 6.67 2.13 7.45
CA GLY B 335 5.54 1.58 6.71
C GLY B 335 4.26 1.72 7.50
N SER B 336 3.11 1.71 6.82
CA SER B 336 1.86 2.07 7.45
C SER B 336 0.65 1.37 6.85
N TRP B 337 -0.41 1.28 7.64
CA TRP B 337 -1.70 0.84 7.18
C TRP B 337 -2.32 1.77 6.12
N ASP B 338 -1.77 2.97 5.87
CA ASP B 338 -2.18 3.83 4.76
C ASP B 338 -1.66 3.34 3.39
N SER B 339 -0.94 2.22 3.36
CA SER B 339 -0.35 1.56 2.19
C SER B 339 0.89 2.24 1.60
N PHE B 340 1.43 3.27 2.22
CA PHE B 340 2.69 3.89 1.80
C PHE B 340 3.87 3.45 2.66
N LEU B 341 5.09 3.59 2.14
CA LEU B 341 6.29 3.72 2.96
C LEU B 341 6.92 5.09 2.72
N LYS B 342 7.51 5.67 3.75
CA LYS B 342 8.19 6.95 3.68
C LYS B 342 9.59 6.80 4.22
N ILE B 343 10.56 7.46 3.59
CA ILE B 343 11.97 7.36 3.93
C ILE B 343 12.48 8.71 4.38
N TRP B 344 13.20 8.76 5.49
CA TRP B 344 13.41 10.00 6.24
C TRP B 344 14.90 10.35 6.43
N ASN B 345 15.21 11.64 6.39
CA ASN B 345 16.46 12.27 6.83
C ASN B 345 16.26 13.73 7.22
N VAL C 2 17.74 -23.45 -19.43
CA VAL C 2 17.66 -22.16 -20.19
C VAL C 2 18.14 -22.38 -21.62
N GLN C 3 17.36 -22.02 -22.63
CA GLN C 3 17.81 -22.00 -24.03
C GLN C 3 17.30 -20.79 -24.80
N LEU C 4 18.10 -20.33 -25.76
CA LEU C 4 17.72 -19.46 -26.86
C LEU C 4 18.14 -20.15 -28.15
N VAL C 5 17.22 -20.32 -29.10
CA VAL C 5 17.49 -21.01 -30.35
C VAL C 5 16.99 -20.20 -31.53
N GLU C 6 17.93 -19.61 -32.26
CA GLU C 6 17.72 -18.88 -33.49
C GLU C 6 17.34 -19.80 -34.66
N SER C 7 16.59 -19.28 -35.62
CA SER C 7 16.11 -19.99 -36.80
C SER C 7 15.78 -19.01 -37.94
N GLY C 8 15.70 -19.52 -39.16
CA GLY C 8 15.95 -18.72 -40.36
C GLY C 8 17.45 -18.44 -40.55
N GLY C 9 17.80 -17.83 -41.67
CA GLY C 9 19.19 -17.62 -42.09
C GLY C 9 19.43 -18.14 -43.51
N GLY C 10 20.64 -18.60 -43.79
CA GLY C 10 21.02 -19.16 -45.09
C GLY C 10 21.24 -18.14 -46.19
N LEU C 11 21.08 -18.56 -47.44
CA LEU C 11 21.33 -17.74 -48.64
C LEU C 11 20.26 -16.66 -48.83
N VAL C 12 20.72 -15.45 -49.18
CA VAL C 12 19.89 -14.30 -49.55
C VAL C 12 20.47 -13.62 -50.80
N GLN C 13 19.65 -13.32 -51.80
CA GLN C 13 20.03 -12.39 -52.88
C GLN C 13 19.83 -10.95 -52.40
N PRO C 14 20.75 -10.00 -52.65
CA PRO C 14 20.85 -8.77 -51.85
C PRO C 14 19.54 -7.95 -51.72
N GLY C 15 18.89 -7.64 -52.84
CA GLY C 15 17.64 -6.87 -52.84
C GLY C 15 16.43 -7.59 -52.26
N GLY C 16 16.56 -8.87 -51.91
CA GLY C 16 15.53 -9.67 -51.24
C GLY C 16 15.38 -9.38 -49.76
N SER C 17 14.73 -10.30 -49.04
CA SER C 17 14.38 -10.14 -47.62
C SER C 17 14.31 -11.49 -46.91
N ARG C 18 14.50 -11.48 -45.58
CA ARG C 18 14.47 -12.67 -44.71
C ARG C 18 13.95 -12.28 -43.32
N LYS C 19 13.37 -13.23 -42.59
CA LYS C 19 12.95 -13.05 -41.20
C LYS C 19 13.69 -14.06 -40.31
N LEU C 20 14.53 -13.56 -39.42
CA LEU C 20 15.09 -14.37 -38.35
C LEU C 20 14.07 -14.49 -37.24
N SER C 21 14.04 -15.65 -36.61
CA SER C 21 13.28 -15.90 -35.38
C SER C 21 14.23 -16.45 -34.32
N CYS C 22 13.90 -16.22 -33.07
CA CYS C 22 14.60 -16.80 -31.94
C CYS C 22 13.56 -17.29 -30.94
N SER C 23 13.73 -18.53 -30.49
CA SER C 23 12.79 -19.20 -29.62
C SER C 23 13.43 -19.41 -28.25
N ALA C 24 12.78 -18.89 -27.21
CA ALA C 24 13.26 -18.97 -25.84
C ALA C 24 12.55 -20.09 -25.09
N SER C 25 13.25 -20.77 -24.19
CA SER C 25 12.63 -21.75 -23.29
C SER C 25 13.37 -21.87 -21.96
N GLY C 26 12.65 -22.30 -20.93
CA GLY C 26 13.21 -22.50 -19.60
C GLY C 26 13.57 -21.22 -18.87
N PHE C 27 13.03 -20.07 -19.28
CA PHE C 27 13.10 -18.81 -18.54
C PHE C 27 11.87 -17.94 -18.82
N ALA C 28 11.57 -16.99 -17.94
CA ALA C 28 10.40 -16.13 -17.99
C ALA C 28 10.56 -15.02 -19.05
N PHE C 29 10.53 -15.38 -20.33
CA PHE C 29 10.91 -14.53 -21.46
C PHE C 29 10.34 -13.11 -21.43
N SER C 30 9.07 -12.94 -21.07
CA SER C 30 8.40 -11.64 -20.98
C SER C 30 9.12 -10.64 -20.07
N SER C 31 9.83 -11.12 -19.06
CA SER C 31 10.51 -10.28 -18.07
C SER C 31 11.80 -9.67 -18.59
N PHE C 32 12.37 -10.23 -19.66
CA PHE C 32 13.66 -9.85 -20.23
C PHE C 32 13.50 -8.94 -21.43
N GLY C 33 14.34 -7.91 -21.52
CA GLY C 33 14.62 -7.26 -22.79
C GLY C 33 15.52 -8.15 -23.64
N MET C 34 15.41 -8.05 -24.95
CA MET C 34 16.17 -8.86 -25.89
C MET C 34 17.02 -7.98 -26.79
N HIS C 35 18.23 -8.42 -27.13
CA HIS C 35 19.09 -7.77 -28.11
C HIS C 35 19.42 -8.76 -29.21
N TRP C 36 19.60 -8.29 -30.43
CA TRP C 36 20.27 -9.05 -31.49
C TRP C 36 21.68 -8.49 -31.67
N VAL C 37 22.65 -9.37 -31.88
CA VAL C 37 24.05 -9.02 -32.10
C VAL C 37 24.59 -9.75 -33.32
N ARG C 38 25.25 -9.04 -34.24
CA ARG C 38 25.99 -9.61 -35.37
C ARG C 38 27.39 -10.02 -34.97
N GLN C 39 27.91 -10.98 -35.70
CA GLN C 39 29.32 -11.25 -35.84
C GLN C 39 29.61 -11.51 -37.32
N ALA C 40 30.16 -10.53 -38.03
CA ALA C 40 30.58 -10.75 -39.41
C ALA C 40 31.67 -11.86 -39.47
N PRO C 41 31.78 -12.63 -40.57
CA PRO C 41 32.72 -13.74 -40.63
C PRO C 41 34.15 -13.31 -40.32
N GLU C 42 34.82 -14.04 -39.45
CA GLU C 42 36.20 -13.78 -38.97
C GLU C 42 36.46 -12.34 -38.48
N LYS C 43 35.42 -11.68 -37.94
CA LYS C 43 35.43 -10.30 -37.41
C LYS C 43 34.74 -10.20 -36.04
N GLY C 44 34.83 -9.04 -35.41
CA GLY C 44 34.27 -8.76 -34.09
C GLY C 44 32.74 -8.66 -34.04
N LEU C 45 32.23 -8.51 -32.82
CA LEU C 45 30.79 -8.36 -32.56
C LEU C 45 30.27 -6.97 -32.95
N GLU C 46 28.98 -6.86 -33.22
CA GLU C 46 28.30 -5.63 -33.61
C GLU C 46 26.82 -5.68 -33.20
N TRP C 47 26.40 -4.84 -32.26
CA TRP C 47 24.99 -4.83 -31.84
C TRP C 47 24.08 -4.25 -32.94
N VAL C 48 22.88 -4.79 -33.14
CA VAL C 48 21.93 -4.27 -34.15
C VAL C 48 20.68 -3.65 -33.60
N ALA C 49 20.05 -4.28 -32.61
CA ALA C 49 18.70 -3.90 -32.21
C ALA C 49 18.40 -4.36 -30.80
N TYR C 50 17.43 -3.71 -30.17
CA TYR C 50 16.96 -4.01 -28.82
C TYR C 50 15.46 -3.85 -28.75
N ILE C 51 14.80 -4.69 -27.96
CA ILE C 51 13.47 -4.41 -27.45
C ILE C 51 13.40 -4.63 -25.96
N SER C 52 12.66 -3.77 -25.28
CA SER C 52 12.47 -3.87 -23.85
C SER C 52 11.54 -5.02 -23.45
N SER C 53 11.45 -5.30 -22.15
CA SER C 53 10.38 -6.13 -21.59
C SER C 53 9.04 -5.48 -21.92
N GLY C 54 8.08 -6.22 -22.46
CA GLY C 54 6.78 -5.69 -22.83
C GLY C 54 6.82 -4.64 -23.96
N SER C 55 7.86 -4.67 -24.81
CA SER C 55 7.98 -3.89 -26.05
C SER C 55 7.98 -2.37 -25.91
N GLY C 56 8.08 -1.82 -24.69
CA GLY C 56 7.87 -0.38 -24.44
C GLY C 56 8.93 0.56 -25.02
N THR C 57 10.09 0.04 -25.39
CA THR C 57 11.22 0.77 -25.98
C THR C 57 11.87 -0.10 -27.02
N ILE C 58 12.27 0.50 -28.14
CA ILE C 58 13.01 -0.16 -29.21
C ILE C 58 14.17 0.74 -29.62
N TYR C 59 15.34 0.18 -29.88
CA TYR C 59 16.50 0.90 -30.41
C TYR C 59 17.17 0.11 -31.52
N TYR C 60 17.89 0.81 -32.40
CA TYR C 60 18.65 0.22 -33.50
C TYR C 60 20.02 0.88 -33.64
N ALA C 61 20.96 0.16 -34.24
CA ALA C 61 22.18 0.75 -34.79
C ALA C 61 21.88 1.46 -36.13
N ASP C 62 22.59 2.53 -36.43
CA ASP C 62 22.34 3.35 -37.63
C ASP C 62 22.52 2.56 -38.94
N THR C 63 23.38 1.53 -38.95
CA THR C 63 23.60 0.65 -40.11
C THR C 63 22.34 -0.16 -40.49
N VAL C 64 21.35 -0.22 -39.62
CA VAL C 64 20.13 -1.03 -39.80
C VAL C 64 18.84 -0.26 -39.57
N LYS C 65 18.87 0.94 -38.98
CA LYS C 65 17.66 1.69 -38.61
C LYS C 65 16.72 1.86 -39.81
N GLY C 66 15.44 1.51 -39.64
CA GLY C 66 14.43 1.49 -40.70
C GLY C 66 14.56 0.33 -41.71
N ARG C 67 15.79 -0.11 -41.99
CA ARG C 67 16.07 -1.22 -42.91
C ARG C 67 15.83 -2.60 -42.29
N PHE C 68 16.03 -2.76 -40.98
CA PHE C 68 15.61 -3.92 -40.19
C PHE C 68 14.53 -3.51 -39.18
N THR C 69 13.66 -4.43 -38.78
CA THR C 69 12.72 -4.21 -37.67
C THR C 69 12.64 -5.40 -36.73
N ILE C 70 12.64 -5.14 -35.43
CA ILE C 70 12.68 -6.14 -34.34
C ILE C 70 11.31 -6.26 -33.68
N SER C 71 10.83 -7.47 -33.44
CA SER C 71 9.45 -7.72 -32.99
C SER C 71 9.36 -8.97 -32.11
N ARG C 72 8.24 -9.13 -31.40
CA ARG C 72 8.15 -9.95 -30.19
C ARG C 72 6.83 -10.70 -30.10
N ASP C 73 6.83 -11.86 -29.46
CA ASP C 73 5.62 -12.66 -29.23
C ASP C 73 5.71 -13.40 -27.90
N ASP C 74 5.50 -12.68 -26.80
CA ASP C 74 5.59 -13.19 -25.43
C ASP C 74 4.73 -14.43 -25.17
N PRO C 75 3.47 -14.53 -25.63
CA PRO C 75 2.67 -15.75 -25.51
C PRO C 75 3.32 -17.00 -26.12
N LYS C 76 4.28 -16.83 -27.05
CA LYS C 76 5.02 -17.91 -27.69
C LYS C 76 6.52 -17.89 -27.37
N ASN C 77 6.94 -17.16 -26.33
CA ASN C 77 8.35 -17.03 -25.92
C ASN C 77 9.30 -16.78 -27.11
N THR C 78 8.95 -15.87 -28.01
CA THR C 78 9.61 -15.72 -29.30
C THR C 78 9.99 -14.29 -29.63
N LEU C 79 11.12 -14.12 -30.31
CA LEU C 79 11.69 -12.88 -30.78
C LEU C 79 11.91 -12.97 -32.30
N PHE C 80 11.80 -11.88 -33.03
CA PHE C 80 12.05 -11.83 -34.48
C PHE C 80 12.91 -10.64 -34.88
N LEU C 81 13.58 -10.75 -36.02
CA LEU C 81 14.19 -9.63 -36.73
C LEU C 81 13.85 -9.77 -38.21
N GLN C 82 13.32 -8.72 -38.82
CA GLN C 82 12.85 -8.72 -40.20
C GLN C 82 13.76 -7.83 -41.04
N MET C 83 14.36 -8.42 -42.05
CA MET C 83 15.49 -7.88 -42.78
C MET C 83 14.95 -7.32 -44.10
N THR C 84 14.56 -6.04 -44.17
CA THR C 84 13.70 -5.59 -45.29
C THR C 84 14.44 -5.49 -46.64
N SER C 85 15.72 -5.16 -46.63
CA SER C 85 16.62 -5.28 -47.78
C SER C 85 18.06 -5.46 -47.30
N LEU C 86 18.91 -6.14 -48.05
CA LEU C 86 20.19 -6.65 -47.56
C LEU C 86 21.36 -6.36 -48.50
N ARG C 87 22.56 -6.51 -47.95
CA ARG C 87 23.84 -6.07 -48.52
C ARG C 87 24.94 -7.08 -48.24
N SER C 88 26.05 -7.00 -48.96
CA SER C 88 27.30 -7.67 -48.55
C SER C 88 27.72 -7.25 -47.13
N GLU C 89 27.36 -6.03 -46.73
CA GLU C 89 27.52 -5.50 -45.36
C GLU C 89 26.79 -6.30 -44.27
N ASP C 90 25.84 -7.19 -44.61
CA ASP C 90 24.99 -7.88 -43.65
C ASP C 90 25.31 -9.35 -43.40
N THR C 91 26.22 -9.96 -44.15
CA THR C 91 26.56 -11.35 -43.87
C THR C 91 27.25 -11.46 -42.52
N ALA C 92 26.69 -12.27 -41.63
CA ALA C 92 27.12 -12.43 -40.26
C ALA C 92 26.44 -13.65 -39.65
N MET C 93 26.97 -14.14 -38.54
CA MET C 93 26.14 -14.84 -37.57
C MET C 93 25.36 -13.81 -36.77
N TYR C 94 24.07 -14.04 -36.58
CA TYR C 94 23.21 -13.24 -35.74
C TYR C 94 22.89 -14.04 -34.48
N TYR C 95 23.25 -13.49 -33.34
CA TYR C 95 22.97 -14.02 -32.02
C TYR C 95 21.77 -13.31 -31.43
N CYS C 96 20.88 -14.08 -30.85
CA CYS C 96 19.81 -13.63 -29.99
C CYS C 96 20.32 -13.56 -28.55
N VAL C 97 20.11 -12.47 -27.83
CA VAL C 97 20.76 -12.25 -26.54
C VAL C 97 19.78 -11.74 -25.49
N ARG C 98 19.82 -12.34 -24.32
CA ARG C 98 18.98 -12.04 -23.16
C ARG C 98 19.51 -10.85 -22.39
N SER C 99 18.64 -10.05 -21.78
CA SER C 99 19.04 -9.04 -20.80
C SER C 99 17.91 -8.68 -19.87
N ILE C 100 18.20 -8.30 -18.64
CA ILE C 100 17.18 -7.81 -17.71
C ILE C 100 17.76 -6.69 -16.86
N TYR C 101 17.00 -5.62 -16.66
CA TYR C 101 17.48 -4.42 -16.02
C TYR C 101 16.71 -4.13 -14.74
N TYR C 102 17.44 -4.12 -13.63
CA TYR C 102 17.05 -3.62 -12.33
C TYR C 102 18.31 -3.47 -11.48
N TYR C 103 18.24 -2.81 -10.33
CA TYR C 103 19.43 -2.61 -9.50
C TYR C 103 20.13 -3.93 -9.18
N GLY C 104 21.41 -4.06 -9.53
CA GLY C 104 22.20 -5.27 -9.28
C GLY C 104 22.00 -6.40 -10.28
N SER C 105 21.15 -6.25 -11.29
CA SER C 105 21.01 -7.24 -12.37
C SER C 105 22.23 -7.32 -13.28
N SER C 106 22.34 -8.42 -14.02
CA SER C 106 23.40 -8.70 -14.99
C SER C 106 22.80 -8.92 -16.39
N PRO C 107 22.63 -7.87 -17.21
CA PRO C 107 22.15 -8.02 -18.57
C PRO C 107 23.22 -8.67 -19.46
N PHE C 108 22.84 -9.12 -20.67
CA PHE C 108 23.71 -9.87 -21.58
C PHE C 108 24.23 -11.20 -21.02
N ASP C 109 23.63 -11.73 -19.95
CA ASP C 109 24.10 -12.94 -19.29
C ASP C 109 23.96 -14.22 -20.12
N PHE C 110 23.03 -14.28 -21.08
CA PHE C 110 22.79 -15.48 -21.86
C PHE C 110 22.59 -15.19 -23.34
N TRP C 111 23.24 -15.98 -24.20
CA TRP C 111 23.27 -15.80 -25.64
C TRP C 111 22.83 -17.09 -26.32
N GLY C 112 22.05 -16.99 -27.38
CA GLY C 112 21.70 -18.14 -28.20
C GLY C 112 22.90 -18.73 -28.92
N GLN C 113 22.66 -19.77 -29.71
CA GLN C 113 23.72 -20.43 -30.46
C GLN C 113 24.14 -19.65 -31.70
N GLY C 114 23.31 -18.72 -32.14
CA GLY C 114 23.46 -17.93 -33.35
C GLY C 114 22.99 -18.65 -34.59
N THR C 115 22.59 -17.89 -35.60
CA THR C 115 22.29 -18.41 -36.94
C THR C 115 23.00 -17.60 -38.01
N THR C 116 23.51 -18.25 -39.05
CA THR C 116 24.32 -17.60 -40.09
C THR C 116 23.44 -17.11 -41.22
N LEU C 117 23.58 -15.84 -41.60
CA LEU C 117 22.97 -15.27 -42.78
C LEU C 117 24.06 -14.91 -43.80
N THR C 118 23.94 -15.44 -45.02
CA THR C 118 24.94 -15.28 -46.09
C THR C 118 24.32 -14.55 -47.27
N VAL C 119 24.89 -13.40 -47.64
CA VAL C 119 24.37 -12.59 -48.75
C VAL C 119 25.20 -12.85 -50.00
N SER C 120 24.53 -13.20 -51.09
CA SER C 120 25.11 -13.55 -52.39
C SER C 120 25.90 -12.40 -53.02
N SER C 136 28.21 11.60 -31.15
CA SER C 136 28.68 10.40 -31.84
C SER C 136 28.39 9.12 -31.06
N ASP C 137 28.67 7.96 -31.69
CA ASP C 137 28.85 6.70 -30.96
C ASP C 137 30.03 6.82 -29.98
N ILE C 138 30.02 6.03 -28.91
CA ILE C 138 31.22 5.82 -28.10
C ILE C 138 32.10 4.82 -28.83
N VAL C 139 33.25 5.26 -29.32
CA VAL C 139 34.25 4.37 -29.94
C VAL C 139 34.94 3.59 -28.84
N MET C 140 35.09 2.29 -29.07
CA MET C 140 35.66 1.33 -28.13
C MET C 140 36.89 0.68 -28.78
N THR C 141 38.05 0.70 -28.12
CA THR C 141 39.29 0.19 -28.71
C THR C 141 40.04 -0.70 -27.74
N GLN C 142 40.58 -1.80 -28.26
CA GLN C 142 41.55 -2.66 -27.57
C GLN C 142 42.89 -2.53 -28.29
N ALA C 143 43.95 -2.14 -27.56
CA ALA C 143 45.29 -2.01 -28.15
C ALA C 143 45.85 -3.36 -28.61
N THR C 144 45.58 -4.41 -27.84
CA THR C 144 45.88 -5.80 -28.15
C THR C 144 44.96 -6.36 -29.25
N SER C 145 45.51 -7.25 -30.09
CA SER C 145 44.74 -8.06 -31.04
C SER C 145 44.90 -9.57 -30.77
N SER C 146 46.09 -10.00 -30.33
CA SER C 146 46.31 -11.35 -29.78
C SER C 146 47.39 -11.34 -28.69
N VAL C 147 47.32 -12.28 -27.75
CA VAL C 147 48.37 -12.54 -26.76
C VAL C 147 48.72 -14.04 -26.73
N PRO C 148 49.96 -14.44 -27.07
CA PRO C 148 50.44 -15.81 -26.91
C PRO C 148 50.86 -16.09 -25.46
N VAL C 149 50.36 -17.17 -24.87
CA VAL C 149 50.52 -17.48 -23.44
C VAL C 149 50.23 -18.97 -23.14
N THR C 150 50.58 -19.48 -21.97
CA THR C 150 50.39 -20.89 -21.59
C THR C 150 49.61 -21.06 -20.28
N PRO C 151 48.97 -22.23 -20.03
CA PRO C 151 48.18 -22.46 -18.81
C PRO C 151 48.95 -22.21 -17.51
N GLY C 152 48.24 -21.79 -16.47
CA GLY C 152 48.81 -21.41 -15.17
C GLY C 152 49.42 -20.02 -15.12
N GLU C 153 49.79 -19.42 -16.25
CA GLU C 153 50.26 -18.03 -16.30
C GLU C 153 49.11 -17.03 -16.05
N SER C 154 49.42 -15.87 -15.47
CA SER C 154 48.48 -14.76 -15.34
C SER C 154 48.54 -13.83 -16.57
N VAL C 155 47.43 -13.21 -16.95
CA VAL C 155 47.36 -12.24 -18.06
C VAL C 155 46.48 -11.06 -17.72
N SER C 156 46.69 -9.95 -18.44
CA SER C 156 45.78 -8.81 -18.52
C SER C 156 45.44 -8.50 -19.96
N ILE C 157 44.19 -8.11 -20.21
CA ILE C 157 43.64 -7.63 -21.48
C ILE C 157 43.07 -6.24 -21.21
N SER C 158 43.28 -5.28 -22.12
CA SER C 158 42.88 -3.90 -21.87
C SER C 158 42.02 -3.32 -22.99
N CYS C 159 41.14 -2.39 -22.61
CA CYS C 159 40.15 -1.74 -23.46
C CYS C 159 40.06 -0.26 -23.07
N ARG C 160 39.67 0.62 -23.99
CA ARG C 160 39.64 2.08 -23.79
C ARG C 160 38.51 2.70 -24.61
N SER C 161 37.93 3.78 -24.11
CA SER C 161 36.70 4.37 -24.68
C SER C 161 36.83 5.86 -24.96
N SER C 162 36.21 6.34 -26.04
CA SER C 162 36.26 7.75 -26.45
C SER C 162 35.53 8.72 -25.52
N LYS C 163 34.60 8.20 -24.71
CA LYS C 163 33.88 8.88 -23.64
C LYS C 163 34.07 8.09 -22.35
N SER C 164 34.09 8.72 -21.19
CA SER C 164 34.13 7.99 -19.92
C SER C 164 32.86 7.18 -19.71
N LEU C 165 32.99 5.91 -19.31
CA LEU C 165 31.86 5.04 -18.96
C LEU C 165 31.38 5.17 -17.52
N LEU C 166 32.06 5.96 -16.68
CA LEU C 166 31.60 6.27 -15.32
C LEU C 166 30.43 7.24 -15.39
N HIS C 167 29.23 6.79 -15.04
CA HIS C 167 28.04 7.63 -14.92
C HIS C 167 27.97 8.30 -13.54
N SER C 168 27.25 9.41 -13.42
CA SER C 168 27.14 10.16 -12.17
C SER C 168 26.46 9.37 -11.04
N ASN C 169 25.68 8.33 -11.34
CA ASN C 169 25.12 7.42 -10.34
C ASN C 169 26.17 6.50 -9.69
N GLY C 170 27.40 6.45 -10.22
CA GLY C 170 28.51 5.64 -9.70
C GLY C 170 28.69 4.28 -10.38
N ASN C 171 27.84 3.90 -11.34
CA ASN C 171 28.06 2.74 -12.20
C ASN C 171 29.15 3.02 -13.24
N THR C 172 29.80 1.96 -13.71
CA THR C 172 30.78 1.99 -14.81
C THR C 172 30.39 0.94 -15.84
N TYR C 173 29.70 1.36 -16.89
CA TYR C 173 28.95 0.47 -17.77
C TYR C 173 29.81 -0.27 -18.80
N LEU C 174 30.83 -0.98 -18.34
CA LEU C 174 31.69 -1.84 -19.13
C LEU C 174 31.37 -3.31 -18.90
N TYR C 175 31.07 -4.02 -19.98
CA TYR C 175 30.82 -5.44 -20.02
C TYR C 175 31.99 -6.15 -20.70
N TRP C 176 32.45 -7.27 -20.14
CA TRP C 176 33.43 -8.15 -20.78
C TRP C 176 32.81 -9.50 -21.14
N PHE C 177 33.04 -9.96 -22.37
CA PHE C 177 32.62 -11.26 -22.86
C PHE C 177 33.80 -12.09 -23.32
N LEU C 178 33.73 -13.41 -23.16
CA LEU C 178 34.60 -14.38 -23.80
C LEU C 178 33.81 -15.13 -24.85
N GLN C 179 34.36 -15.31 -26.04
CA GLN C 179 33.90 -16.32 -26.98
C GLN C 179 35.00 -17.35 -27.24
N ARG C 180 34.74 -18.62 -26.92
CA ARG C 180 35.63 -19.73 -27.28
C ARG C 180 35.41 -20.13 -28.75
N PRO C 181 36.37 -20.77 -29.43
CA PRO C 181 36.19 -21.26 -30.80
C PRO C 181 34.92 -22.09 -30.96
N GLY C 182 34.09 -21.75 -31.95
CA GLY C 182 32.83 -22.44 -32.24
C GLY C 182 31.69 -22.23 -31.25
N GLN C 183 31.87 -21.52 -30.14
CA GLN C 183 30.81 -21.14 -29.21
C GLN C 183 30.24 -19.74 -29.52
N SER C 184 29.05 -19.44 -29.01
CA SER C 184 28.59 -18.04 -28.89
C SER C 184 29.21 -17.38 -27.65
N PRO C 185 29.26 -16.04 -27.55
CA PRO C 185 29.87 -15.37 -26.42
C PRO C 185 29.23 -15.70 -25.07
N GLN C 186 29.99 -15.51 -24.00
CA GLN C 186 29.60 -15.72 -22.62
C GLN C 186 29.98 -14.48 -21.81
N LEU C 187 29.10 -14.00 -20.94
CA LEU C 187 29.38 -12.88 -20.06
C LEU C 187 30.39 -13.29 -18.98
N LEU C 188 31.47 -12.53 -18.83
CA LEU C 188 32.42 -12.68 -17.74
C LEU C 188 32.18 -11.65 -16.65
N ILE C 189 32.07 -10.37 -17.02
CA ILE C 189 31.90 -9.26 -16.07
C ILE C 189 30.86 -8.31 -16.62
N TYR C 190 29.90 -7.84 -15.82
CA TYR C 190 28.81 -6.98 -16.33
C TYR C 190 29.00 -5.48 -16.09
N ARG C 191 29.56 -5.07 -14.97
CA ARG C 191 30.09 -3.72 -14.74
C ARG C 191 31.44 -3.93 -14.09
N MET C 192 32.44 -3.07 -14.26
CA MET C 192 33.87 -3.44 -14.17
C MET C 192 34.26 -4.48 -13.10
N SER C 193 33.77 -4.36 -11.87
CA SER C 193 34.12 -5.25 -10.75
C SER C 193 33.28 -6.54 -10.68
N ASN C 194 32.08 -6.55 -11.24
CA ASN C 194 31.03 -7.54 -11.00
C ASN C 194 31.18 -8.78 -11.89
N LEU C 195 31.66 -9.87 -11.31
CA LEU C 195 31.80 -11.16 -11.95
C LEU C 195 30.44 -11.83 -12.17
N ALA C 196 30.20 -12.41 -13.35
CA ALA C 196 28.96 -13.11 -13.66
C ALA C 196 28.72 -14.36 -12.80
N SER C 197 27.51 -14.91 -12.82
CA SER C 197 27.23 -16.21 -12.19
C SER C 197 27.72 -17.36 -13.08
N GLY C 198 28.20 -18.42 -12.44
CA GLY C 198 28.72 -19.60 -13.13
C GLY C 198 29.97 -19.38 -13.97
N VAL C 199 30.83 -18.42 -13.60
CA VAL C 199 32.18 -18.28 -14.17
C VAL C 199 33.25 -18.35 -13.07
N PRO C 200 34.45 -18.88 -13.35
CA PRO C 200 35.51 -19.01 -12.35
C PRO C 200 35.89 -17.69 -11.70
N ASP C 201 36.22 -17.75 -10.41
CA ASP C 201 36.75 -16.65 -9.61
C ASP C 201 38.09 -16.09 -10.13
N ARG C 202 38.73 -16.82 -11.07
CA ARG C 202 40.01 -16.50 -11.69
C ARG C 202 39.97 -15.21 -12.50
N PHE C 203 38.84 -14.87 -13.10
CA PHE C 203 38.65 -13.61 -13.82
C PHE C 203 38.40 -12.45 -12.85
N SER C 204 39.00 -11.28 -13.08
CA SER C 204 38.73 -10.07 -12.31
C SER C 204 38.96 -8.82 -13.15
N GLY C 205 38.18 -7.77 -12.96
CA GLY C 205 38.24 -6.55 -13.77
C GLY C 205 38.29 -5.26 -12.94
N SER C 206 38.80 -4.19 -13.55
CA SER C 206 38.89 -2.85 -12.95
C SER C 206 39.20 -1.80 -14.03
N GLY C 207 39.16 -0.51 -13.69
CA GLY C 207 39.53 0.55 -14.63
C GLY C 207 39.42 1.96 -14.08
N SER C 208 39.88 2.93 -14.87
CA SER C 208 39.89 4.36 -14.55
C SER C 208 38.56 5.06 -14.84
N GLY C 209 37.64 4.39 -15.53
CA GLY C 209 36.46 5.01 -16.13
C GLY C 209 36.65 5.46 -17.58
N THR C 210 37.87 5.44 -18.14
CA THR C 210 38.12 5.66 -19.58
C THR C 210 39.01 4.59 -20.21
N ALA C 211 39.85 3.94 -19.42
CA ALA C 211 40.60 2.76 -19.79
C ALA C 211 40.42 1.68 -18.72
N PHE C 212 40.46 0.43 -19.15
CA PHE C 212 39.94 -0.71 -18.40
C PHE C 212 40.84 -1.92 -18.57
N THR C 213 40.80 -2.83 -17.60
CA THR C 213 41.55 -4.07 -17.63
C THR C 213 40.69 -5.25 -17.15
N LEU C 214 40.77 -6.35 -17.88
CA LEU C 214 40.35 -7.68 -17.47
C LEU C 214 41.61 -8.48 -17.20
N THR C 215 41.65 -9.13 -16.05
CA THR C 215 42.80 -9.88 -15.55
C THR C 215 42.39 -11.31 -15.28
N ILE C 216 43.29 -12.25 -15.51
CA ILE C 216 43.11 -13.65 -15.15
C ILE C 216 44.22 -14.02 -14.17
N SER C 217 43.86 -14.45 -12.95
CA SER C 217 44.84 -14.75 -11.89
C SER C 217 45.76 -15.92 -12.28
N ARG C 218 45.20 -16.93 -12.96
CA ARG C 218 45.89 -18.05 -13.58
C ARG C 218 45.05 -18.65 -14.70
N LEU C 219 45.63 -18.85 -15.86
CA LEU C 219 44.95 -19.40 -17.04
C LEU C 219 44.65 -20.88 -16.91
N GLU C 220 43.67 -21.33 -17.68
CA GLU C 220 43.35 -22.72 -17.97
C GLU C 220 43.01 -22.89 -19.45
N ALA C 221 42.99 -24.12 -19.98
CA ALA C 221 42.69 -24.35 -21.39
C ALA C 221 41.28 -23.85 -21.81
N GLU C 222 40.33 -23.82 -20.86
CA GLU C 222 39.00 -23.24 -21.04
C GLU C 222 39.00 -21.72 -21.28
N ASP C 223 40.11 -21.01 -21.12
CA ASP C 223 40.23 -19.57 -21.34
C ASP C 223 40.62 -19.18 -22.77
N VAL C 224 40.97 -20.16 -23.62
CA VAL C 224 41.35 -19.90 -25.02
C VAL C 224 40.14 -19.41 -25.81
N GLY C 225 40.24 -18.21 -26.37
CA GLY C 225 39.16 -17.57 -27.11
C GLY C 225 39.38 -16.07 -27.29
N VAL C 226 38.36 -15.36 -27.75
CA VAL C 226 38.41 -13.91 -27.99
C VAL C 226 37.64 -13.17 -26.93
N TYR C 227 38.26 -12.14 -26.36
CA TYR C 227 37.70 -11.32 -25.30
C TYR C 227 37.25 -9.97 -25.85
N TYR C 228 35.94 -9.70 -25.76
CA TYR C 228 35.34 -8.45 -26.21
C TYR C 228 34.96 -7.61 -25.01
N CYS C 229 35.39 -6.36 -24.97
CA CYS C 229 34.74 -5.37 -24.12
C CYS C 229 33.55 -4.76 -24.86
N MET C 230 32.57 -4.25 -24.12
CA MET C 230 31.43 -3.53 -24.67
C MET C 230 30.97 -2.47 -23.69
N GLN C 231 30.56 -1.29 -24.16
CA GLN C 231 29.91 -0.31 -23.31
C GLN C 231 28.40 -0.48 -23.29
N HIS C 232 27.77 -0.08 -22.19
CA HIS C 232 26.34 0.03 -22.05
C HIS C 232 25.93 1.37 -21.40
N LEU C 233 26.75 2.41 -21.57
CA LEU C 233 26.43 3.76 -21.09
C LEU C 233 25.31 4.39 -21.90
N GLU C 234 25.33 4.24 -23.23
CA GLU C 234 24.25 4.69 -24.10
C GLU C 234 24.20 3.95 -25.43
N TYR C 235 23.01 3.86 -26.01
CA TYR C 235 22.83 3.31 -27.34
C TYR C 235 23.39 4.25 -28.40
N PRO C 236 23.96 3.74 -29.51
CA PRO C 236 24.12 2.34 -29.84
C PRO C 236 25.19 1.67 -28.98
N LEU C 237 24.97 0.41 -28.59
CA LEU C 237 25.94 -0.37 -27.84
C LEU C 237 27.13 -0.71 -28.73
N THR C 238 28.35 -0.51 -28.23
CA THR C 238 29.57 -0.67 -29.04
C THR C 238 30.59 -1.59 -28.37
N PHE C 239 31.05 -2.57 -29.13
CA PHE C 239 32.10 -3.51 -28.75
C PHE C 239 33.48 -3.02 -29.16
N GLY C 240 34.51 -3.42 -28.41
CA GLY C 240 35.89 -3.39 -28.91
C GLY C 240 36.12 -4.44 -30.00
N ALA C 241 37.25 -4.35 -30.71
CA ALA C 241 37.56 -5.26 -31.82
C ALA C 241 37.75 -6.73 -31.41
N GLY C 242 38.09 -6.98 -30.14
CA GLY C 242 38.26 -8.31 -29.55
C GLY C 242 39.70 -8.80 -29.55
N THR C 243 40.19 -9.26 -28.41
CA THR C 243 41.57 -9.74 -28.21
C THR C 243 41.58 -11.25 -28.10
N LYS C 244 42.33 -11.94 -28.95
CA LYS C 244 42.50 -13.38 -28.82
C LYS C 244 43.52 -13.73 -27.71
N LEU C 245 43.28 -14.80 -26.97
CA LEU C 245 44.34 -15.51 -26.25
C LEU C 245 44.68 -16.79 -27.01
N GLU C 246 45.97 -17.04 -27.23
CA GLU C 246 46.48 -18.20 -27.96
C GLU C 246 47.47 -19.00 -27.09
N LEU C 247 47.45 -20.33 -27.19
CA LEU C 247 48.34 -21.20 -26.41
C LEU C 247 49.83 -20.91 -26.68
N ILE D 9 3.01 -32.86 36.35
CA ILE D 9 4.21 -32.61 37.14
C ILE D 9 5.34 -31.98 36.32
N ALA D 10 5.46 -32.33 35.03
CA ALA D 10 6.54 -31.89 34.16
C ALA D 10 6.54 -30.36 33.92
N GLN D 11 5.37 -29.72 34.00
CA GLN D 11 5.21 -28.27 33.85
C GLN D 11 5.95 -27.53 34.96
N ALA D 12 5.65 -27.88 36.21
CA ALA D 12 6.33 -27.32 37.38
C ALA D 12 7.80 -27.75 37.45
N ARG D 13 8.13 -28.98 37.04
CA ARG D 13 9.52 -29.46 36.96
C ARG D 13 10.37 -28.60 36.04
N LYS D 14 9.96 -28.40 34.78
CA LYS D 14 10.72 -27.57 33.84
C LYS D 14 10.76 -26.10 34.27
N LEU D 15 9.72 -25.58 34.91
CA LEU D 15 9.79 -24.25 35.53
C LEU D 15 10.89 -24.15 36.58
N VAL D 16 10.96 -25.04 37.58
CA VAL D 16 12.01 -24.92 38.61
C VAL D 16 13.41 -25.15 38.06
N GLU D 17 13.59 -25.97 37.04
CA GLU D 17 14.91 -26.11 36.40
C GLU D 17 15.29 -24.89 35.59
N GLN D 18 14.37 -24.34 34.78
CA GLN D 18 14.63 -23.12 34.02
C GLN D 18 14.87 -21.92 34.94
N LEU D 19 14.11 -21.81 36.04
CA LEU D 19 14.33 -20.78 37.04
C LEU D 19 15.70 -20.95 37.72
N LYS D 20 16.15 -22.17 38.05
CA LYS D 20 17.52 -22.37 38.53
C LYS D 20 18.56 -21.95 37.49
N MET D 21 18.32 -22.26 36.22
CA MET D 21 19.21 -21.87 35.11
C MET D 21 19.33 -20.34 34.97
N GLU D 22 18.27 -19.59 35.25
CA GLU D 22 18.30 -18.13 35.26
C GLU D 22 18.78 -17.52 36.59
N ALA D 23 18.63 -18.24 37.70
CA ALA D 23 19.15 -17.85 39.00
C ALA D 23 20.69 -17.89 39.04
N ASN D 24 21.30 -18.92 38.46
CA ASN D 24 22.75 -19.06 38.40
C ASN D 24 23.36 -18.29 37.19
N ILE D 25 23.32 -16.95 37.24
CA ILE D 25 23.91 -16.07 36.22
C ILE D 25 24.80 -15.02 36.89
N ASP D 26 25.96 -14.75 36.28
CA ASP D 26 26.93 -13.74 36.73
C ASP D 26 26.51 -12.32 36.35
N ARG D 27 25.40 -11.84 36.92
CA ARG D 27 24.87 -10.48 36.68
C ARG D 27 25.88 -9.40 37.11
N ILE D 28 25.88 -8.29 36.37
CA ILE D 28 26.82 -7.17 36.49
C ILE D 28 26.09 -5.92 36.99
N LYS D 29 26.75 -5.11 37.83
CA LYS D 29 26.16 -3.88 38.39
C LYS D 29 25.76 -2.87 37.31
N VAL D 30 24.54 -2.35 37.42
CA VAL D 30 23.88 -1.59 36.36
C VAL D 30 24.61 -0.29 36.03
N SER D 31 25.31 0.33 36.97
CA SER D 31 26.10 1.53 36.71
C SER D 31 27.13 1.29 35.60
N LYS D 32 27.92 0.21 35.68
CA LYS D 32 28.92 -0.12 34.65
C LYS D 32 28.24 -0.44 33.33
N ALA D 33 27.21 -1.27 33.36
CA ALA D 33 26.52 -1.68 32.15
C ALA D 33 25.85 -0.49 31.43
N ALA D 34 25.23 0.43 32.18
CA ALA D 34 24.71 1.68 31.65
C ALA D 34 25.82 2.54 31.04
N ALA D 35 26.94 2.70 31.74
CA ALA D 35 28.08 3.44 31.23
C ALA D 35 28.60 2.86 29.91
N ASP D 36 28.55 1.54 29.71
CA ASP D 36 28.92 0.92 28.44
C ASP D 36 28.00 1.33 27.28
N LEU D 37 26.69 1.46 27.48
CA LEU D 37 25.81 1.99 26.41
C LEU D 37 26.13 3.44 26.10
N MET D 38 26.37 4.24 27.13
CA MET D 38 26.76 5.63 26.99
C MET D 38 28.09 5.77 26.24
N ALA D 39 29.07 4.94 26.58
CA ALA D 39 30.36 4.88 25.90
C ALA D 39 30.21 4.44 24.43
N TYR D 40 29.39 3.43 24.15
CA TYR D 40 29.15 3.01 22.76
C TYR D 40 28.51 4.12 21.94
N CYS D 41 27.51 4.82 22.50
CA CYS D 41 26.90 5.96 21.81
C CYS D 41 27.93 7.02 21.49
N GLU D 42 28.76 7.42 22.45
CA GLU D 42 29.82 8.40 22.20
C GLU D 42 30.82 7.91 21.14
N ALA D 43 31.30 6.68 21.24
CA ALA D 43 32.29 6.11 20.32
C ALA D 43 31.79 6.09 18.87
N HIS D 44 30.49 5.89 18.65
CA HIS D 44 29.89 5.79 17.32
C HIS D 44 29.03 6.99 16.91
N ALA D 45 28.98 8.06 17.71
CA ALA D 45 28.18 9.25 17.39
C ALA D 45 28.62 9.90 16.07
N LYS D 46 29.90 9.82 15.71
CA LYS D 46 30.45 10.31 14.44
C LYS D 46 29.92 9.58 13.20
N GLU D 47 29.32 8.42 13.37
CA GLU D 47 29.03 7.45 12.31
C GLU D 47 27.53 7.30 12.05
N ASP D 48 26.72 8.27 12.46
CA ASP D 48 25.27 8.13 12.53
C ASP D 48 24.55 9.29 11.84
N PRO D 49 24.16 9.12 10.57
CA PRO D 49 23.47 10.14 9.81
C PRO D 49 22.09 10.54 10.32
N LEU D 50 21.47 9.80 11.25
CA LEU D 50 20.23 10.25 11.89
C LEU D 50 20.53 11.15 13.08
N LEU D 51 21.56 10.82 13.86
CA LEU D 51 22.02 11.65 14.99
C LEU D 51 22.68 12.94 14.51
N THR D 52 23.56 12.87 13.50
CA THR D 52 24.28 14.01 12.93
C THR D 52 24.05 14.07 11.41
N PRO D 53 23.00 14.76 10.94
CA PRO D 53 22.67 14.86 9.52
C PRO D 53 23.86 15.28 8.65
N VAL D 54 24.18 14.47 7.65
CA VAL D 54 25.32 14.69 6.74
C VAL D 54 25.00 15.75 5.68
N PRO D 55 25.99 16.42 5.08
CA PRO D 55 25.75 17.33 3.95
C PRO D 55 25.15 16.62 2.73
N ALA D 56 24.45 17.39 1.89
CA ALA D 56 23.62 16.88 0.81
C ALA D 56 24.36 16.05 -0.25
N SER D 57 25.66 16.28 -0.47
CA SER D 57 26.47 15.44 -1.35
C SER D 57 26.73 14.03 -0.78
N GLU D 58 26.74 13.88 0.54
CA GLU D 58 26.93 12.58 1.21
C GLU D 58 25.62 11.82 1.39
N ASN D 59 24.53 12.50 1.72
CA ASN D 59 23.20 11.92 1.80
C ASN D 59 22.76 11.41 0.40
N PRO D 60 22.52 10.11 0.16
CA PRO D 60 22.04 9.62 -1.13
C PRO D 60 20.57 9.95 -1.37
N PHE D 61 19.82 10.26 -0.32
CA PHE D 61 18.42 10.68 -0.36
C PHE D 61 18.30 12.20 -0.51
N ARG D 62 18.93 12.77 -1.53
CA ARG D 62 18.73 14.18 -1.94
C ARG D 62 17.32 14.43 -2.46
N GLU D 63 16.91 15.69 -2.48
CA GLU D 63 15.77 16.18 -3.27
C GLU D 63 16.00 15.94 -4.78
N LYS D 64 14.93 15.86 -5.59
CA LYS D 64 15.03 15.75 -7.05
C LYS D 64 15.86 16.88 -7.67
N GLY E 177 -29.12 56.72 1.03
CA GLY E 177 -28.94 56.18 -0.33
C GLY E 177 -28.69 54.69 -0.29
N GLN E 178 -29.52 53.89 -0.98
CA GLN E 178 -29.47 52.42 -0.96
C GLN E 178 -28.17 51.81 -1.55
N GLY E 179 -27.37 52.57 -2.32
CA GLY E 179 -26.05 52.13 -2.78
C GLY E 179 -25.12 51.73 -1.63
N ALA E 180 -25.23 52.37 -0.46
CA ALA E 180 -24.47 51.96 0.73
C ALA E 180 -24.90 50.59 1.25
N ALA E 181 -26.21 50.29 1.25
CA ALA E 181 -26.70 48.97 1.61
C ALA E 181 -26.24 47.90 0.60
N ALA E 182 -26.21 48.23 -0.69
CA ALA E 182 -25.62 47.35 -1.71
C ALA E 182 -24.12 47.12 -1.48
N LEU E 183 -23.35 48.13 -1.03
CA LEU E 183 -21.93 47.94 -0.73
C LEU E 183 -21.74 47.01 0.46
N VAL E 184 -22.42 47.29 1.57
CA VAL E 184 -22.34 46.49 2.80
C VAL E 184 -22.77 45.05 2.51
N GLY E 185 -23.92 44.86 1.88
CA GLY E 185 -24.40 43.56 1.46
C GLY E 185 -23.40 42.86 0.53
N GLY E 186 -22.85 43.56 -0.44
CA GLY E 186 -21.85 43.02 -1.36
C GLY E 186 -20.59 42.52 -0.66
N VAL E 187 -20.05 43.30 0.27
CA VAL E 187 -18.89 42.89 1.07
C VAL E 187 -19.23 41.68 1.95
N LEU E 188 -20.40 41.67 2.59
CA LEU E 188 -20.85 40.52 3.39
C LEU E 188 -21.00 39.26 2.54
N LEU E 189 -21.62 39.37 1.35
CA LEU E 189 -21.76 38.28 0.40
C LEU E 189 -20.40 37.75 -0.04
N ILE E 190 -19.49 38.61 -0.49
CA ILE E 190 -18.16 38.19 -0.93
C ILE E 190 -17.42 37.51 0.21
N GLY E 191 -17.54 38.05 1.44
CA GLY E 191 -16.95 37.44 2.62
C GLY E 191 -17.49 36.04 2.86
N ALA E 192 -18.81 35.89 2.92
CA ALA E 192 -19.46 34.60 3.16
C ALA E 192 -19.09 33.57 2.10
N VAL E 193 -19.13 33.94 0.81
CA VAL E 193 -18.79 33.02 -0.28
C VAL E 193 -17.31 32.66 -0.25
N LEU E 194 -16.39 33.61 -0.05
CA LEU E 194 -14.97 33.29 0.04
C LEU E 194 -14.64 32.43 1.26
N ALA E 195 -15.10 32.80 2.45
CA ALA E 195 -14.88 32.02 3.65
C ALA E 195 -15.42 30.60 3.50
N GLY E 196 -16.72 30.44 3.24
CA GLY E 196 -17.35 29.13 3.17
C GLY E 196 -16.70 28.22 2.14
N ASN E 197 -16.45 28.70 0.93
CA ASN E 197 -15.83 27.86 -0.08
C ASN E 197 -14.32 27.64 0.16
N SER E 198 -13.65 28.50 0.93
CA SER E 198 -12.28 28.21 1.40
C SER E 198 -12.26 27.10 2.44
N LEU E 199 -13.21 27.08 3.40
CA LEU E 199 -13.31 26.01 4.39
C LEU E 199 -13.39 24.65 3.72
N VAL E 200 -14.17 24.53 2.65
CA VAL E 200 -14.21 23.33 1.80
C VAL E 200 -12.81 23.01 1.26
N CYS E 201 -12.23 23.92 0.49
CA CYS E 201 -10.97 23.69 -0.22
C CYS E 201 -9.82 23.30 0.72
N VAL E 202 -9.62 24.05 1.80
CA VAL E 202 -8.57 23.77 2.80
C VAL E 202 -8.83 22.44 3.50
N SER E 203 -10.07 22.12 3.85
CA SER E 203 -10.35 20.85 4.52
C SER E 203 -10.03 19.67 3.61
N VAL E 204 -10.51 19.66 2.37
CA VAL E 204 -10.23 18.52 1.45
C VAL E 204 -8.77 18.44 1.05
N ALA E 205 -8.04 19.56 1.00
CA ALA E 205 -6.59 19.54 0.80
C ALA E 205 -5.83 18.90 1.98
N THR E 206 -6.25 19.18 3.23
CA THR E 206 -5.49 18.81 4.42
C THR E 206 -5.88 17.46 5.02
N GLU E 207 -7.16 17.13 5.09
CA GLU E 207 -7.63 15.89 5.69
C GLU E 207 -7.84 14.81 4.62
N ARG E 208 -7.00 13.77 4.63
CA ARG E 208 -7.08 12.67 3.66
C ARG E 208 -8.35 11.83 3.83
N ALA E 209 -8.97 11.82 5.01
CA ALA E 209 -10.27 11.20 5.21
C ALA E 209 -11.40 11.92 4.45
N LEU E 210 -11.25 13.22 4.15
CA LEU E 210 -12.17 13.97 3.30
C LEU E 210 -11.86 13.81 1.81
N GLN E 211 -10.70 13.29 1.42
CA GLN E 211 -10.18 13.39 0.06
C GLN E 211 -10.74 12.31 -0.89
N THR E 212 -12.00 11.95 -0.68
CA THR E 212 -12.70 10.84 -1.35
C THR E 212 -13.12 11.21 -2.77
N PRO E 213 -13.31 10.26 -3.69
CA PRO E 213 -13.81 10.55 -5.04
C PRO E 213 -15.24 11.10 -5.05
N THR E 214 -16.01 10.91 -3.97
CA THR E 214 -17.31 11.56 -3.76
C THR E 214 -17.12 13.05 -3.53
N ASN E 215 -16.21 13.44 -2.63
CA ASN E 215 -16.02 14.85 -2.32
C ASN E 215 -15.35 15.64 -3.43
N SER E 216 -14.79 15.00 -4.45
CA SER E 216 -14.25 15.69 -5.63
C SER E 216 -15.25 16.66 -6.23
N PHE E 217 -16.51 16.25 -6.40
CA PHE E 217 -17.56 17.13 -6.89
C PHE E 217 -17.82 18.31 -5.97
N ILE E 218 -17.78 18.13 -4.66
CA ILE E 218 -18.00 19.21 -3.70
C ILE E 218 -16.86 20.22 -3.75
N VAL E 219 -15.62 19.80 -3.98
CA VAL E 219 -14.54 20.78 -4.21
C VAL E 219 -14.76 21.52 -5.52
N SER E 220 -15.09 20.80 -6.60
CA SER E 220 -15.36 21.42 -7.90
C SER E 220 -16.48 22.46 -7.83
N LEU E 221 -17.55 22.20 -7.07
CA LEU E 221 -18.56 23.20 -6.77
C LEU E 221 -17.96 24.40 -6.03
N ALA E 222 -17.23 24.18 -4.95
CA ALA E 222 -16.67 25.26 -4.17
C ALA E 222 -15.69 26.12 -4.97
N ALA E 223 -14.92 25.51 -5.87
CA ALA E 223 -14.01 26.22 -6.75
C ALA E 223 -14.76 27.17 -7.69
N ALA E 224 -15.88 26.76 -8.29
CA ALA E 224 -16.71 27.68 -9.05
C ALA E 224 -17.20 28.84 -8.17
N ASP E 225 -17.72 28.57 -6.98
CA ASP E 225 -18.16 29.64 -6.09
C ASP E 225 -17.01 30.54 -5.61
N LEU E 226 -15.76 30.06 -5.52
CA LEU E 226 -14.60 30.92 -5.26
C LEU E 226 -14.27 31.82 -6.42
N LEU E 227 -14.12 31.26 -7.63
CA LEU E 227 -13.88 32.08 -8.81
C LEU E 227 -15.01 33.09 -9.01
N LEU E 228 -16.27 32.74 -8.73
CA LEU E 228 -17.38 33.68 -8.85
C LEU E 228 -17.22 34.83 -7.85
N ALA E 229 -16.81 34.54 -6.62
CA ALA E 229 -16.55 35.57 -5.63
C ALA E 229 -15.28 36.40 -5.85
N LEU E 230 -14.31 35.89 -6.61
CA LEU E 230 -13.13 36.64 -7.03
C LEU E 230 -13.36 37.45 -8.29
N LEU E 231 -13.69 36.78 -9.40
CA LEU E 231 -13.68 37.34 -10.74
C LEU E 231 -14.96 38.08 -11.14
N VAL E 232 -16.07 37.91 -10.40
CA VAL E 232 -17.40 38.39 -10.83
C VAL E 232 -18.11 39.20 -9.75
N LEU E 233 -18.30 38.67 -8.54
CA LEU E 233 -19.00 39.40 -7.48
C LEU E 233 -18.44 40.81 -7.23
N PRO E 234 -17.13 41.08 -7.22
CA PRO E 234 -16.67 42.43 -6.89
C PRO E 234 -17.16 43.48 -7.89
N LEU E 235 -17.16 43.17 -9.18
CA LEU E 235 -17.64 44.08 -10.22
C LEU E 235 -19.17 44.19 -10.23
N PHE E 236 -19.90 43.09 -10.01
CA PHE E 236 -21.35 43.17 -9.82
C PHE E 236 -21.70 44.06 -8.64
N VAL E 237 -21.03 43.88 -7.50
CA VAL E 237 -21.23 44.73 -6.33
C VAL E 237 -20.95 46.18 -6.69
N TYR E 238 -19.80 46.48 -7.31
CA TYR E 238 -19.46 47.86 -7.63
C TYR E 238 -20.49 48.51 -8.57
N SER E 239 -20.98 47.76 -9.55
CA SER E 239 -22.06 48.18 -10.43
C SER E 239 -23.34 48.49 -9.65
N GLU E 240 -23.81 47.58 -8.80
CA GLU E 240 -25.00 47.82 -7.98
C GLU E 240 -24.82 49.01 -7.02
N VAL E 241 -23.61 49.22 -6.51
CA VAL E 241 -23.28 50.34 -5.63
C VAL E 241 -23.37 51.69 -6.35
N GLN E 242 -22.95 51.77 -7.60
CA GLN E 242 -23.24 52.93 -8.47
C GLN E 242 -24.59 52.81 -9.19
N GLY E 243 -25.59 52.22 -8.54
CA GLY E 243 -26.99 52.23 -8.98
C GLY E 243 -27.28 51.44 -10.26
N GLY E 244 -26.41 50.52 -10.63
CA GLY E 244 -26.52 49.75 -11.87
C GLY E 244 -25.97 50.45 -13.11
N ALA E 245 -25.38 51.64 -12.96
CA ALA E 245 -24.65 52.26 -14.05
C ALA E 245 -23.35 51.48 -14.34
N TRP E 246 -23.00 51.32 -15.61
CA TRP E 246 -21.70 50.83 -16.02
C TRP E 246 -20.85 52.01 -16.49
N LEU E 247 -19.68 52.18 -15.88
CA LEU E 247 -18.77 53.32 -16.13
C LEU E 247 -17.38 52.88 -16.63
N LEU E 248 -17.17 51.58 -16.79
CA LEU E 248 -15.90 50.98 -17.26
C LEU E 248 -15.99 50.59 -18.75
N SER E 249 -14.97 49.92 -19.32
CA SER E 249 -14.96 49.66 -20.77
C SER E 249 -16.05 48.68 -21.23
N PRO E 250 -16.48 48.74 -22.50
CA PRO E 250 -17.44 47.77 -23.04
C PRO E 250 -16.89 46.36 -23.04
N ARG E 251 -15.64 46.15 -23.46
CA ARG E 251 -15.03 44.81 -23.43
C ARG E 251 -14.84 44.26 -22.02
N LEU E 252 -14.68 45.10 -20.99
CA LEU E 252 -14.73 44.62 -19.61
C LEU E 252 -16.14 44.16 -19.24
N CYS E 253 -17.20 44.86 -19.65
CA CYS E 253 -18.56 44.34 -19.49
C CYS E 253 -18.74 43.01 -20.23
N ASP E 254 -18.23 42.85 -21.45
CA ASP E 254 -18.27 41.58 -22.17
C ASP E 254 -17.51 40.46 -21.44
N ALA E 255 -16.32 40.77 -20.92
CA ALA E 255 -15.56 39.82 -20.13
C ALA E 255 -16.34 39.42 -18.87
N LEU E 256 -16.85 40.39 -18.13
CA LEU E 256 -17.63 40.16 -16.92
C LEU E 256 -18.87 39.32 -17.20
N MET E 257 -19.61 39.56 -18.28
CA MET E 257 -20.70 38.70 -18.70
C MET E 257 -20.24 37.27 -19.00
N ALA E 258 -19.18 37.07 -19.77
CA ALA E 258 -18.73 35.73 -20.08
C ALA E 258 -18.27 34.98 -18.81
N MET E 259 -17.59 35.70 -17.92
CA MET E 259 -17.09 35.17 -16.66
C MET E 259 -18.24 34.79 -15.72
N ASP E 260 -19.21 35.68 -15.53
CA ASP E 260 -20.41 35.41 -14.75
C ASP E 260 -21.20 34.24 -15.33
N VAL E 261 -21.54 34.27 -16.63
CA VAL E 261 -22.31 33.19 -17.25
C VAL E 261 -21.58 31.86 -17.11
N MET E 262 -20.26 31.79 -17.28
CA MET E 262 -19.58 30.52 -17.07
C MET E 262 -19.64 30.08 -15.61
N LEU E 263 -19.21 30.91 -14.66
CA LEU E 263 -19.02 30.47 -13.29
C LEU E 263 -20.34 30.23 -12.55
N CYS E 264 -21.37 31.00 -12.87
CA CYS E 264 -22.73 30.70 -12.46
C CYS E 264 -23.13 29.32 -13.01
N THR E 265 -23.02 29.11 -14.31
CA THR E 265 -23.40 27.85 -14.94
C THR E 265 -22.58 26.66 -14.46
N ALA E 266 -21.31 26.86 -14.14
CA ALA E 266 -20.48 25.84 -13.54
C ALA E 266 -21.01 25.44 -12.19
N SER E 267 -21.38 26.42 -11.36
CA SER E 267 -21.99 26.14 -10.07
C SER E 267 -23.23 25.28 -10.25
N ILE E 268 -24.15 25.68 -11.13
CA ILE E 268 -25.37 24.90 -11.36
C ILE E 268 -25.06 23.51 -11.89
N PHE E 269 -24.18 23.35 -12.88
CA PHE E 269 -23.84 22.02 -13.36
C PHE E 269 -23.11 21.18 -12.31
N ASN E 270 -22.40 21.78 -11.36
CA ASN E 270 -21.83 21.03 -10.26
C ASN E 270 -22.91 20.54 -9.29
N LEU E 271 -23.94 21.32 -8.97
CA LEU E 271 -25.09 20.82 -8.24
C LEU E 271 -25.73 19.64 -8.97
N CYS E 272 -25.87 19.73 -10.29
CA CYS E 272 -26.42 18.64 -11.08
C CYS E 272 -25.51 17.41 -11.05
N ALA E 273 -24.20 17.57 -11.18
CA ALA E 273 -23.23 16.48 -11.10
C ALA E 273 -23.25 15.76 -9.75
N ILE E 274 -23.27 16.49 -8.63
CA ILE E 274 -23.44 15.91 -7.31
C ILE E 274 -24.71 15.07 -7.25
N SER E 275 -25.78 15.50 -7.90
CA SER E 275 -27.02 14.75 -7.93
C SER E 275 -26.94 13.47 -8.76
N VAL E 276 -26.10 13.42 -9.80
CA VAL E 276 -25.81 12.16 -10.51
C VAL E 276 -24.99 11.25 -9.61
N ASP E 277 -23.96 11.80 -8.99
CA ASP E 277 -23.08 11.10 -8.07
C ASP E 277 -23.87 10.43 -6.94
N ARG E 278 -24.72 11.18 -6.21
CA ARG E 278 -25.58 10.58 -5.19
C ARG E 278 -26.57 9.58 -5.76
N PHE E 279 -27.06 9.74 -6.98
CA PHE E 279 -27.97 8.76 -7.54
C PHE E 279 -27.25 7.44 -7.82
N VAL E 280 -26.11 7.46 -8.50
CA VAL E 280 -25.35 6.23 -8.79
C VAL E 280 -24.96 5.52 -7.51
N ALA E 281 -24.57 6.26 -6.47
CA ALA E 281 -24.24 5.74 -5.16
C ALA E 281 -25.35 4.91 -4.49
N VAL E 282 -26.61 5.08 -4.89
CA VAL E 282 -27.78 4.39 -4.36
C VAL E 282 -28.41 3.44 -5.37
N ALA E 283 -28.36 3.78 -6.66
CA ALA E 283 -28.93 2.96 -7.72
C ALA E 283 -28.08 1.72 -8.05
N VAL E 284 -26.76 1.86 -8.05
CA VAL E 284 -25.83 0.80 -8.49
C VAL E 284 -24.69 0.70 -7.47
N PRO E 285 -24.99 0.29 -6.24
CA PRO E 285 -24.18 0.68 -5.08
C PRO E 285 -22.83 0.01 -5.03
N LEU E 286 -22.71 -1.23 -5.50
CA LEU E 286 -21.45 -1.96 -5.47
C LEU E 286 -20.42 -1.37 -6.44
N ARG E 287 -20.84 -0.94 -7.63
CA ARG E 287 -19.94 -0.31 -8.61
C ARG E 287 -19.42 1.04 -8.14
N TYR E 288 -20.23 1.79 -7.40
CA TYR E 288 -19.84 3.09 -6.89
C TYR E 288 -18.80 3.06 -5.76
N ASN E 289 -18.65 1.95 -5.04
CA ASN E 289 -17.97 1.99 -3.74
C ASN E 289 -16.45 2.17 -3.84
N ARG E 290 -16.00 3.43 -3.80
CA ARG E 290 -14.59 3.87 -3.74
C ARG E 290 -13.69 3.25 -4.84
N GLN E 291 -14.31 2.88 -5.96
CA GLN E 291 -13.67 2.54 -7.23
C GLN E 291 -13.36 3.79 -8.08
N GLY E 292 -13.59 4.99 -7.53
CA GLY E 292 -13.59 6.26 -8.24
C GLY E 292 -12.24 6.67 -8.83
N GLY E 293 -12.30 7.52 -9.85
CA GLY E 293 -11.18 7.87 -10.71
C GLY E 293 -11.68 8.26 -12.09
N SER E 294 -10.98 7.82 -13.13
CA SER E 294 -11.10 8.41 -14.46
C SER E 294 -12.52 8.44 -15.02
N ARG E 295 -13.24 7.31 -15.02
CA ARG E 295 -14.45 7.21 -15.84
C ARG E 295 -15.58 8.06 -15.31
N ARG E 296 -16.01 7.89 -14.06
CA ARG E 296 -17.01 8.80 -13.48
C ARG E 296 -16.50 10.18 -13.10
N GLN E 297 -15.43 10.29 -12.30
CA GLN E 297 -15.13 11.58 -11.70
C GLN E 297 -14.56 12.54 -12.73
N LEU E 298 -13.56 12.12 -13.48
CA LEU E 298 -12.93 13.03 -14.42
C LEU E 298 -13.80 13.28 -15.64
N LEU E 299 -14.58 12.32 -16.14
CA LEU E 299 -15.51 12.62 -17.23
C LEU E 299 -16.57 13.62 -16.77
N LEU E 300 -17.24 13.36 -15.64
CA LEU E 300 -18.38 14.17 -15.26
C LEU E 300 -17.96 15.57 -14.78
N ILE E 301 -16.90 15.68 -13.97
CA ILE E 301 -16.42 17.00 -13.54
C ILE E 301 -15.92 17.82 -14.73
N GLY E 302 -15.16 17.21 -15.63
CA GLY E 302 -14.75 17.87 -16.87
C GLY E 302 -15.94 18.36 -17.67
N ALA E 303 -16.96 17.51 -17.86
CA ALA E 303 -18.17 17.91 -18.56
C ALA E 303 -18.87 19.11 -17.92
N THR E 304 -18.89 19.26 -16.59
CA THR E 304 -19.46 20.48 -16.00
C THR E 304 -18.72 21.73 -16.45
N TRP E 305 -17.39 21.76 -16.36
CA TRP E 305 -16.66 22.97 -16.69
C TRP E 305 -16.65 23.24 -18.19
N LEU E 306 -16.40 22.24 -19.02
CA LEU E 306 -16.44 22.40 -20.47
C LEU E 306 -17.81 22.85 -20.96
N LEU E 307 -18.89 22.24 -20.49
CA LEU E 307 -20.22 22.65 -20.92
C LEU E 307 -20.56 24.07 -20.43
N SER E 308 -20.06 24.48 -19.27
CA SER E 308 -20.21 25.86 -18.80
C SER E 308 -19.48 26.87 -19.69
N ALA E 309 -18.27 26.55 -20.14
CA ALA E 309 -17.54 27.36 -21.10
C ALA E 309 -18.34 27.46 -22.41
N ALA E 310 -18.87 26.35 -22.91
CA ALA E 310 -19.66 26.31 -24.15
C ALA E 310 -20.91 27.21 -24.06
N VAL E 311 -21.59 27.23 -22.92
CA VAL E 311 -22.71 28.15 -22.68
C VAL E 311 -22.25 29.61 -22.70
N ALA E 312 -21.11 29.91 -22.08
CA ALA E 312 -20.58 31.28 -21.99
C ALA E 312 -20.01 31.83 -23.30
N ALA E 313 -19.41 30.99 -24.15
CA ALA E 313 -18.61 31.42 -25.29
C ALA E 313 -19.31 32.41 -26.26
N PRO E 314 -20.62 32.32 -26.55
CA PRO E 314 -21.31 33.31 -27.37
C PRO E 314 -21.21 34.75 -26.86
N VAL E 315 -20.93 34.98 -25.58
CA VAL E 315 -20.66 36.32 -25.07
C VAL E 315 -19.36 36.89 -25.65
N LEU E 316 -18.28 36.11 -25.69
CA LEU E 316 -17.01 36.54 -26.31
C LEU E 316 -17.05 36.46 -27.85
N CYS E 317 -17.98 35.69 -28.42
CA CYS E 317 -18.36 35.81 -29.82
C CYS E 317 -19.03 37.17 -30.16
N GLY E 318 -19.32 38.00 -29.15
CA GLY E 318 -19.61 39.42 -29.34
C GLY E 318 -21.05 39.72 -29.74
N LEU E 319 -22.04 38.97 -29.21
CA LEU E 319 -23.46 39.27 -29.42
C LEU E 319 -23.87 40.65 -28.90
N ASN E 320 -23.13 41.23 -27.96
CA ASN E 320 -23.31 42.59 -27.48
C ASN E 320 -22.90 43.67 -28.51
N ASP E 321 -22.16 43.33 -29.58
CA ASP E 321 -21.70 44.30 -30.58
C ASP E 321 -22.79 44.80 -31.54
N VAL E 322 -24.04 44.35 -31.38
CA VAL E 322 -25.22 44.83 -32.12
C VAL E 322 -25.54 46.29 -31.85
N ARG E 323 -26.23 46.95 -32.79
CA ARG E 323 -26.67 48.33 -32.67
C ARG E 323 -27.60 48.59 -31.48
N GLY E 324 -27.46 49.76 -30.84
CA GLY E 324 -28.24 50.17 -29.67
C GLY E 324 -27.79 49.59 -28.33
N ARG E 325 -26.65 48.89 -28.28
CA ARG E 325 -26.05 48.35 -27.06
C ARG E 325 -25.44 49.44 -26.17
N ASP E 326 -26.29 50.21 -25.49
CA ASP E 326 -25.93 51.37 -24.67
C ASP E 326 -24.88 51.04 -23.59
N PRO E 327 -23.66 51.61 -23.65
CA PRO E 327 -22.60 51.31 -22.68
C PRO E 327 -22.88 51.83 -21.27
N ALA E 328 -23.93 52.63 -21.03
CA ALA E 328 -24.27 53.15 -19.71
C ALA E 328 -24.75 52.07 -18.72
N VAL E 329 -25.07 50.86 -19.19
CA VAL E 329 -25.46 49.68 -18.38
C VAL E 329 -24.74 48.44 -18.88
N CYS E 330 -24.59 47.42 -18.02
CA CYS E 330 -24.03 46.12 -18.39
C CYS E 330 -25.01 44.99 -18.08
N ARG E 331 -25.33 44.21 -19.11
CA ARG E 331 -26.24 43.04 -19.13
C ARG E 331 -26.10 42.28 -20.46
N LEU E 332 -26.62 41.06 -20.54
CA LEU E 332 -26.98 40.45 -21.83
C LEU E 332 -28.20 41.16 -22.41
N GLU E 333 -28.35 41.12 -23.74
CA GLU E 333 -29.52 41.73 -24.41
C GLU E 333 -30.14 40.89 -25.54
N ASP E 334 -29.42 39.96 -26.17
CA ASP E 334 -30.01 39.14 -27.24
C ASP E 334 -31.08 38.19 -26.69
N ARG E 335 -32.35 38.37 -27.10
CA ARG E 335 -33.46 37.52 -26.71
C ARG E 335 -33.21 36.06 -27.00
N ASP E 336 -32.63 35.73 -28.17
CA ASP E 336 -32.40 34.34 -28.54
C ASP E 336 -31.32 33.72 -27.66
N TYR E 337 -30.16 34.36 -27.51
CA TYR E 337 -29.14 33.83 -26.61
C TYR E 337 -29.61 33.75 -25.16
N VAL E 338 -30.33 34.75 -24.65
CA VAL E 338 -30.88 34.68 -23.29
C VAL E 338 -31.81 33.49 -23.13
N VAL E 339 -32.71 33.23 -24.08
CA VAL E 339 -33.56 32.04 -24.00
C VAL E 339 -32.71 30.78 -24.03
N TYR E 340 -31.80 30.62 -24.98
CA TYR E 340 -31.10 29.35 -25.10
C TYR E 340 -30.10 29.09 -23.98
N SER E 341 -29.38 30.11 -23.52
CA SER E 341 -28.49 29.98 -22.37
C SER E 341 -29.26 29.72 -21.08
N SER E 342 -30.41 30.36 -20.87
CA SER E 342 -31.26 30.03 -19.72
C SER E 342 -31.79 28.62 -19.80
N VAL E 343 -32.23 28.20 -20.99
CA VAL E 343 -32.75 26.86 -21.23
C VAL E 343 -31.72 25.82 -20.86
N CYS E 344 -30.50 25.98 -21.36
CA CYS E 344 -29.39 25.07 -21.08
C CYS E 344 -28.92 25.13 -19.63
N SER E 345 -28.79 26.32 -19.04
CA SER E 345 -28.10 26.48 -17.75
C SER E 345 -29.00 26.19 -16.57
N PHE E 346 -30.22 26.73 -16.57
CA PHE E 346 -31.20 26.39 -15.56
C PHE E 346 -32.21 25.30 -15.94
N PHE E 347 -32.87 25.46 -17.08
CA PHE E 347 -34.10 24.72 -17.34
C PHE E 347 -33.91 23.24 -17.67
N LEU E 348 -32.76 22.80 -18.14
CA LEU E 348 -32.47 21.36 -18.25
C LEU E 348 -31.89 20.81 -16.93
N PRO E 349 -30.89 21.44 -16.29
CA PRO E 349 -30.36 20.98 -15.01
C PRO E 349 -31.37 20.93 -13.87
N CYS E 350 -32.37 21.81 -13.81
CA CYS E 350 -33.37 21.76 -12.76
C CYS E 350 -34.19 20.46 -12.80
N PRO E 351 -34.85 20.08 -13.90
CA PRO E 351 -35.45 18.76 -14.08
C PRO E 351 -34.49 17.61 -13.82
N LEU E 352 -33.25 17.64 -14.32
CA LEU E 352 -32.31 16.56 -14.04
C LEU E 352 -32.08 16.41 -12.54
N MET E 353 -31.75 17.50 -11.85
CA MET E 353 -31.53 17.44 -10.41
C MET E 353 -32.78 17.01 -9.64
N LEU E 354 -33.97 17.45 -10.02
CA LEU E 354 -35.20 16.96 -9.41
C LEU E 354 -35.39 15.47 -9.63
N LEU E 355 -35.39 15.00 -10.88
CA LEU E 355 -35.65 13.59 -11.15
C LEU E 355 -34.58 12.70 -10.54
N LEU E 356 -33.32 13.11 -10.55
CA LEU E 356 -32.27 12.36 -9.86
C LEU E 356 -32.52 12.28 -8.37
N TYR E 357 -32.85 13.37 -7.66
CA TYR E 357 -33.14 13.22 -6.24
C TYR E 357 -34.41 12.46 -5.95
N TRP E 358 -35.45 12.60 -6.77
CA TRP E 358 -36.63 11.77 -6.63
C TRP E 358 -36.30 10.29 -6.82
N ALA E 359 -35.57 9.93 -7.87
CA ALA E 359 -35.15 8.55 -8.10
C ALA E 359 -34.20 8.05 -7.00
N THR E 360 -33.36 8.91 -6.43
CA THR E 360 -32.53 8.58 -5.27
C THR E 360 -33.40 8.25 -4.06
N PHE E 361 -34.37 9.10 -3.74
CA PHE E 361 -35.29 8.87 -2.63
C PHE E 361 -36.13 7.60 -2.85
N ARG E 362 -36.72 7.42 -4.03
CA ARG E 362 -37.46 6.22 -4.39
C ARG E 362 -36.57 4.97 -4.34
N GLY E 363 -35.31 5.07 -4.75
CA GLY E 363 -34.33 3.99 -4.61
C GLY E 363 -34.12 3.55 -3.17
N LEU E 364 -34.06 4.48 -2.23
CA LEU E 364 -34.01 4.14 -0.81
C LEU E 364 -35.31 3.51 -0.30
N GLN E 365 -36.48 3.98 -0.74
CA GLN E 365 -37.74 3.31 -0.41
C GLN E 365 -37.75 1.87 -0.94
N ARG E 366 -37.38 1.63 -2.21
CA ARG E 366 -37.27 0.28 -2.79
C ARG E 366 -36.38 -0.60 -1.93
N TRP E 367 -35.22 -0.10 -1.53
CA TRP E 367 -34.28 -0.80 -0.67
C TRP E 367 -34.87 -1.13 0.72
N GLU E 368 -35.47 -0.18 1.43
CA GLU E 368 -36.09 -0.46 2.73
C GLU E 368 -37.32 -1.39 2.66
N VAL E 369 -38.00 -1.45 1.52
CA VAL E 369 -39.05 -2.44 1.25
C VAL E 369 -38.45 -3.81 0.90
N ALA E 370 -37.37 -3.86 0.13
CA ALA E 370 -36.75 -5.09 -0.33
C ALA E 370 -36.03 -5.84 0.80
N ARG E 371 -35.39 -5.14 1.74
CA ARG E 371 -34.68 -5.77 2.87
C ARG E 371 -35.63 -6.21 4.00
N ARG E 372 -36.62 -7.02 3.66
CA ARG E 372 -37.64 -7.60 4.57
C ARG E 372 -38.00 -9.04 4.18
N ARG E 535 -32.69 7.20 7.04
CA ARG E 535 -33.68 8.07 7.63
C ARG E 535 -33.32 9.54 7.46
N LYS E 536 -32.02 9.88 7.55
CA LYS E 536 -31.46 11.21 7.30
C LYS E 536 -31.60 11.64 5.84
N ALA E 537 -31.49 10.70 4.91
CA ALA E 537 -31.75 10.94 3.49
C ALA E 537 -33.18 11.41 3.22
N MET E 538 -34.14 11.01 4.05
CA MET E 538 -35.53 11.44 3.92
C MET E 538 -35.67 12.95 4.25
N ARG E 539 -34.74 13.52 5.03
CA ARG E 539 -34.71 14.92 5.48
C ARG E 539 -33.84 15.83 4.61
N VAL E 540 -32.63 15.40 4.23
CA VAL E 540 -31.65 16.27 3.57
C VAL E 540 -32.00 16.62 2.13
N LEU E 541 -32.61 15.73 1.36
CA LEU E 541 -32.91 16.03 -0.04
C LEU E 541 -33.87 17.22 -0.22
N PRO E 542 -34.91 17.40 0.61
CA PRO E 542 -35.65 18.65 0.68
C PRO E 542 -34.80 19.91 0.92
N VAL E 543 -33.76 19.87 1.75
CA VAL E 543 -32.89 21.03 1.97
C VAL E 543 -32.07 21.34 0.72
N VAL E 544 -31.48 20.31 0.10
CA VAL E 544 -30.70 20.47 -1.15
C VAL E 544 -31.55 21.05 -2.27
N VAL E 545 -32.68 20.44 -2.57
CA VAL E 545 -33.55 20.91 -3.66
C VAL E 545 -34.16 22.26 -3.34
N GLY E 546 -34.55 22.51 -2.09
CA GLY E 546 -35.14 23.78 -1.69
C GLY E 546 -34.19 24.95 -1.95
N ALA E 547 -32.96 24.89 -1.46
CA ALA E 547 -32.01 25.98 -1.64
C ALA E 547 -31.67 26.23 -3.11
N PHE E 548 -31.54 25.18 -3.92
CA PHE E 548 -31.37 25.35 -5.37
C PHE E 548 -32.56 26.07 -5.98
N LEU E 549 -33.79 25.59 -5.77
CA LEU E 549 -34.97 26.19 -6.39
C LEU E 549 -35.19 27.63 -5.92
N LEU E 550 -35.05 27.89 -4.63
CA LEU E 550 -35.22 29.25 -4.10
C LEU E 550 -34.16 30.21 -4.61
N CYS E 551 -32.91 29.79 -4.78
CA CYS E 551 -31.93 30.69 -5.39
C CYS E 551 -32.19 30.92 -6.88
N TRP E 552 -32.43 29.86 -7.64
CA TRP E 552 -32.29 29.94 -9.10
C TRP E 552 -33.61 30.00 -9.87
N THR E 553 -34.74 29.51 -9.36
CA THR E 553 -36.01 29.76 -10.09
C THR E 553 -36.34 31.25 -10.20
N PRO E 554 -36.16 32.12 -9.18
CA PRO E 554 -36.59 33.49 -9.31
C PRO E 554 -35.78 34.22 -10.38
N PHE E 555 -34.45 34.06 -10.37
CA PHE E 555 -33.62 34.66 -11.41
C PHE E 555 -34.02 34.14 -12.79
N PHE E 556 -33.96 32.85 -13.04
CA PHE E 556 -34.12 32.36 -14.40
C PHE E 556 -35.53 32.56 -14.95
N VAL E 557 -36.57 32.55 -14.12
CA VAL E 557 -37.91 32.91 -14.59
C VAL E 557 -37.99 34.39 -14.92
N VAL E 558 -37.53 35.31 -14.06
CA VAL E 558 -37.51 36.75 -14.35
C VAL E 558 -36.69 37.03 -15.60
N HIS E 559 -35.50 36.46 -15.69
CA HIS E 559 -34.58 36.68 -16.79
C HIS E 559 -35.15 36.19 -18.11
N ILE E 560 -35.74 34.99 -18.17
CA ILE E 560 -36.37 34.54 -19.41
C ILE E 560 -37.67 35.30 -19.71
N THR E 561 -38.38 35.81 -18.69
CA THR E 561 -39.58 36.63 -18.91
C THR E 561 -39.26 37.85 -19.76
N GLN E 562 -38.18 38.56 -19.47
CA GLN E 562 -37.77 39.71 -20.28
C GLN E 562 -37.52 39.33 -21.74
N ALA E 563 -36.82 38.22 -22.00
CA ALA E 563 -36.56 37.79 -23.36
C ALA E 563 -37.81 37.27 -24.09
N LEU E 564 -38.74 36.64 -23.38
CA LEU E 564 -40.03 36.25 -23.95
C LEU E 564 -40.97 37.43 -24.18
N CYS E 565 -40.79 38.51 -23.40
CA CYS E 565 -41.72 39.62 -23.31
C CYS E 565 -41.00 40.95 -23.00
N PRO E 566 -40.44 41.62 -24.01
CA PRO E 566 -39.84 42.94 -23.84
C PRO E 566 -40.82 43.99 -23.28
N ALA E 567 -42.11 43.84 -23.59
CA ALA E 567 -43.19 44.71 -23.12
C ALA E 567 -43.56 44.55 -21.63
N CYS E 568 -43.13 43.46 -20.98
CA CYS E 568 -43.43 43.19 -19.58
C CYS E 568 -42.70 44.17 -18.65
N SER E 569 -43.44 44.92 -17.83
CA SER E 569 -42.87 45.96 -16.95
C SER E 569 -42.26 45.39 -15.67
N VAL E 570 -41.18 44.62 -15.81
CA VAL E 570 -40.43 44.08 -14.67
C VAL E 570 -39.78 45.23 -13.90
N PRO E 571 -40.00 45.37 -12.57
CA PRO E 571 -39.35 46.41 -11.79
C PRO E 571 -37.82 46.25 -11.78
N PRO E 572 -37.01 47.28 -12.05
CA PRO E 572 -35.55 47.13 -12.04
C PRO E 572 -35.01 46.62 -10.71
N ARG E 573 -35.62 47.03 -9.59
CA ARG E 573 -35.27 46.51 -8.26
C ARG E 573 -35.61 45.02 -8.08
N LEU E 574 -36.62 44.49 -8.75
CA LEU E 574 -36.86 43.05 -8.80
C LEU E 574 -35.70 42.35 -9.50
N VAL E 575 -35.29 42.84 -10.67
CA VAL E 575 -34.18 42.26 -11.43
C VAL E 575 -32.90 42.26 -10.59
N SER E 576 -32.60 43.37 -9.91
CA SER E 576 -31.51 43.40 -8.93
C SER E 576 -31.71 42.31 -7.87
N ALA E 577 -32.82 42.32 -7.14
CA ALA E 577 -33.03 41.42 -6.02
C ALA E 577 -32.91 39.94 -6.42
N VAL E 578 -33.52 39.50 -7.53
CA VAL E 578 -33.35 38.12 -7.95
C VAL E 578 -31.92 37.83 -8.40
N THR E 579 -31.19 38.81 -8.92
CA THR E 579 -29.77 38.62 -9.24
C THR E 579 -28.94 38.43 -7.99
N TRP E 580 -29.16 39.24 -6.95
CA TRP E 580 -28.55 39.01 -5.65
C TRP E 580 -28.89 37.62 -5.12
N LEU E 581 -30.16 37.24 -5.14
CA LEU E 581 -30.62 35.95 -4.65
C LEU E 581 -29.96 34.78 -5.38
N GLY E 582 -29.67 34.92 -6.67
CA GLY E 582 -28.89 33.93 -7.41
C GLY E 582 -27.50 33.73 -6.79
N TYR E 583 -26.80 34.80 -6.44
CA TYR E 583 -25.50 34.69 -5.80
C TYR E 583 -25.55 34.21 -4.34
N VAL E 584 -26.68 34.33 -3.63
CA VAL E 584 -26.81 33.75 -2.28
C VAL E 584 -26.55 32.24 -2.30
N ASN E 585 -26.85 31.57 -3.42
CA ASN E 585 -26.56 30.16 -3.59
C ASN E 585 -25.08 29.84 -3.29
N SER E 586 -24.16 30.67 -3.75
CA SER E 586 -22.74 30.43 -3.54
C SER E 586 -22.31 30.48 -2.08
N ALA E 587 -23.08 31.14 -1.22
CA ALA E 587 -22.87 31.11 0.23
C ALA E 587 -23.51 29.88 0.86
N LEU E 588 -24.70 29.49 0.42
CA LEU E 588 -25.37 28.30 0.93
C LEU E 588 -24.70 27.00 0.50
N ASN E 589 -24.03 26.94 -0.64
CA ASN E 589 -23.40 25.72 -1.14
C ASN E 589 -22.39 25.10 -0.16
N PRO E 590 -21.40 25.82 0.39
CA PRO E 590 -20.57 25.31 1.47
C PRO E 590 -21.34 24.75 2.65
N VAL E 591 -22.40 25.43 3.08
CA VAL E 591 -23.21 24.99 4.20
C VAL E 591 -23.88 23.67 3.84
N ILE E 592 -24.69 23.64 2.80
CA ILE E 592 -25.56 22.49 2.51
C ILE E 592 -24.77 21.24 2.17
N TYR E 593 -23.65 21.36 1.45
CA TYR E 593 -22.85 20.20 1.08
C TYR E 593 -21.79 19.80 2.12
N THR E 594 -21.74 20.43 3.30
CA THR E 594 -20.82 19.99 4.37
C THR E 594 -21.40 19.96 5.79
N VAL E 595 -22.51 20.63 6.09
CA VAL E 595 -23.17 20.53 7.41
C VAL E 595 -23.67 19.13 7.69
N PHE E 596 -24.28 18.46 6.70
CA PHE E 596 -24.83 17.11 6.92
C PHE E 596 -23.79 16.00 6.84
N ASN E 597 -22.70 16.20 6.10
CA ASN E 597 -21.68 15.18 5.89
C ASN E 597 -20.86 14.92 7.15
N ALA E 598 -20.88 13.68 7.63
CA ALA E 598 -20.30 13.33 8.92
C ALA E 598 -18.78 13.60 9.01
N GLU E 599 -18.00 13.39 7.96
CA GLU E 599 -16.57 13.63 8.06
C GLU E 599 -16.20 15.12 8.00
N PHE E 600 -16.94 15.93 7.24
CA PHE E 600 -16.79 17.38 7.34
C PHE E 600 -17.24 17.87 8.71
N ARG E 601 -18.36 17.37 9.25
CA ARG E 601 -18.81 17.63 10.62
C ARG E 601 -17.70 17.32 11.62
N ASN E 602 -17.04 16.16 11.47
CA ASN E 602 -15.92 15.76 12.32
C ASN E 602 -14.75 16.75 12.25
N VAL E 603 -14.35 17.19 11.05
CA VAL E 603 -13.28 18.19 10.92
C VAL E 603 -13.68 19.54 11.52
N PHE E 604 -14.87 20.06 11.20
CA PHE E 604 -15.32 21.36 11.71
C PHE E 604 -15.68 21.37 13.20
N ARG E 605 -15.72 20.22 13.88
CA ARG E 605 -15.80 20.13 15.35
C ARG E 605 -14.50 20.61 16.03
N LYS E 606 -13.37 20.59 15.32
CA LYS E 606 -12.05 21.02 15.84
C LYS E 606 -11.97 22.55 16.02
N1 R5F F . -26.32 36.60 -14.05
C4 R5F F . -26.79 38.05 -14.12
C5 R5F F . -25.99 38.97 -15.06
C6 R5F F . -25.27 40.07 -14.33
C7 R5F F . -25.74 41.41 -14.42
C8 R5F F . -24.82 42.29 -13.90
C10 R5F F . -26.78 35.69 -15.17
C13 R5F F . -27.32 33.94 -17.37
C15 R5F F . -25.94 34.41 -15.29
C17 R5F F . -26.54 31.26 -17.31
C1 R5F F . -26.75 35.84 -10.27
O1 R5F F . -28.75 33.42 -19.23
S1 R5F F . -23.71 39.95 -13.59
C2 R5F F . -26.05 36.33 -11.54
C3 R5F F . -26.85 35.98 -12.78
C9 R5F F . -23.69 41.66 -13.44
C11 R5F F . -26.88 36.31 -16.58
C12 R5F F . -27.74 35.39 -17.43
C14 R5F F . -26.46 33.48 -16.36
C16 R5F F . -26.08 32.14 -16.34
C18 R5F F . -27.41 31.70 -18.29
C19 R5F F . -27.82 33.03 -18.31
H2 R5F F . -27.84 38.06 -14.40
H3 R5F F . -26.71 38.48 -13.11
H4 R5F F . -25.25 38.37 -15.62
H5 R5F F . -26.67 39.40 -15.80
H6 R5F F . -26.67 41.71 -14.89
H7 R5F F . -24.97 43.36 -13.89
H8 R5F F . -27.79 35.38 -14.91
H9 R5F F . -25.92 33.88 -14.33
H10 R5F F . -24.90 34.67 -15.52
H11 R5F F . -26.22 30.22 -17.28
H12 R5F F . -26.68 34.75 -10.18
H13 R5F F . -27.82 36.12 -10.27
H14 R5F F . -26.30 36.28 -9.37
H15 R5F F . -29.14 34.27 -18.97
H16 R5F F . -25.89 37.42 -11.48
H17 R5F F . -25.06 35.87 -11.63
H18 R5F F . -27.89 36.29 -12.66
H19 R5F F . -26.85 34.90 -12.88
H20 R5F F . -22.84 42.18 -13.01
H21 R5F F . -27.36 37.29 -16.57
H22 R5F F . -25.87 36.43 -17.02
H23 R5F F . -28.76 35.47 -17.07
H24 R5F F . -27.73 35.76 -18.46
H25 R5F F . -25.39 31.77 -15.57
H26 R5F F . -27.80 31.01 -19.04
C1 CLR G . -28.90 44.80 -2.22
C2 CLR G . -29.54 45.84 -3.17
C3 CLR G . -30.74 45.22 -3.86
C4 CLR G . -31.81 44.85 -2.82
C5 CLR G . -31.26 43.79 -1.85
C6 CLR G . -31.95 42.67 -1.61
C7 CLR G . -31.49 41.52 -0.72
C8 CLR G . -30.16 41.80 0.04
C9 CLR G . -29.21 42.70 -0.82
C10 CLR G . -29.88 44.08 -1.22
C11 CLR G . -27.78 42.83 -0.22
C12 CLR G . -27.16 41.46 0.18
C13 CLR G . -28.08 40.66 1.13
C14 CLR G . -29.43 40.48 0.37
C15 CLR G . -30.17 39.39 1.15
C16 CLR G . -29.04 38.46 1.67
C17 CLR G . -27.67 39.16 1.34
C18 CLR G . -28.27 41.38 2.49
C19 CLR G . -30.11 44.99 0.01
C20 CLR G . -26.54 38.79 2.37
C21 CLR G . -25.25 39.63 2.16
C22 CLR G . -26.24 37.26 2.28
C23 CLR G . -25.05 36.78 3.15
C24 CLR G . -24.91 35.23 3.20
C25 CLR G . -26.03 34.48 3.99
C26 CLR G . -26.08 34.94 5.48
C27 CLR G . -25.81 32.95 3.91
O1 CLR G . -31.26 46.10 -4.85
H11 CLR G . -28.42 44.04 -2.84
H12 CLR G . -28.09 45.29 -1.66
H21 CLR G . -29.85 46.73 -2.60
H22 CLR G . -28.80 46.16 -3.90
H3 CLR G . -30.42 44.29 -4.36
H41 CLR G . -32.71 44.48 -3.32
H42 CLR G . -32.10 45.74 -2.26
H6 CLR G . -32.92 42.51 -2.07
H71 CLR G . -31.38 40.64 -1.37
H72 CLR G . -32.27 41.27 0.00
H8 CLR G . -30.42 42.32 0.96
H9 CLR G . -29.08 42.16 -1.76
H111 CLR G . -27.80 43.49 0.66
H112 CLR G . -27.10 43.30 -0.94
H121 CLR G . -26.18 41.63 0.63
H122 CLR G . -26.97 40.88 -0.74
H14 CLR G . -29.19 40.01 -0.60
H151 CLR G . -30.87 38.85 0.51
H152 CLR G . -30.73 39.82 1.99
H161 CLR G . -29.10 37.48 1.18
H162 CLR G . -29.16 38.30 2.74
H17 CLR G . -27.35 38.78 0.36
H181 CLR G . -27.31 41.59 2.98
H182 CLR G . -28.86 40.79 3.20
H183 CLR G . -28.77 42.35 2.40
H191 CLR G . -30.56 45.95 -0.30
H192 CLR G . -29.18 45.22 0.54
H193 CLR G . -30.81 44.54 0.73
H20 CLR G . -26.90 39.00 3.38
H211 CLR G . -24.93 39.58 1.11
H212 CLR G . -24.42 39.30 2.80
H213 CLR G . -25.41 40.68 2.42
H221 CLR G . -26.04 36.98 1.24
H222 CLR G . -27.14 36.72 2.58
H231 CLR G . -25.11 37.19 4.16
H232 CLR G . -24.11 37.14 2.72
H241 CLR G . -23.94 34.98 3.64
H242 CLR G . -24.89 34.85 2.17
H25 CLR G . -26.99 34.70 3.54
H261 CLR G . -25.11 34.86 5.95
H262 CLR G . -26.79 34.32 6.04
H263 CLR G . -26.43 35.97 5.55
H271 CLR G . -26.61 32.42 4.43
H272 CLR G . -24.86 32.67 4.35
H273 CLR G . -25.82 32.63 2.87
H1 CLR G . -31.04 45.66 -5.68
C1 CLR H . -41.30 45.47 -5.02
C2 CLR H . -41.52 46.86 -5.67
C3 CLR H . -40.55 47.90 -5.08
C4 CLR H . -39.10 47.45 -5.30
C5 CLR H . -38.83 46.08 -4.69
C6 CLR H . -37.82 45.90 -3.84
C7 CLR H . -37.47 44.61 -3.14
C8 CLR H . -38.18 43.38 -3.76
C9 CLR H . -39.67 43.72 -4.10
C10 CLR H . -39.81 44.95 -5.09
C11 CLR H . -40.48 42.45 -4.54
C12 CLR H . -40.32 41.23 -3.59
C13 CLR H . -38.82 40.88 -3.35
C14 CLR H . -38.17 42.17 -2.78
C15 CLR H . -36.83 41.72 -2.19
C16 CLR H . -37.09 40.27 -1.70
C17 CLR H . -38.54 39.88 -2.17
C18 CLR H . -38.13 40.39 -4.66
C19 CLR H . -39.49 44.53 -6.55
C20 CLR H . -38.69 38.33 -2.42
C21 CLR H . -40.08 37.95 -3.01
C22 CLR H . -38.45 37.53 -1.10
C23 CLR H . -37.14 36.70 -1.08
C24 CLR H . -37.11 35.51 -2.08
C25 CLR H . -38.19 34.41 -1.87
C26 CLR H . -38.14 33.78 -0.47
C27 CLR H . -38.02 33.31 -2.95
O1 CLR H . -40.74 49.16 -5.70
H11 CLR H . -41.61 45.54 -3.97
H12 CLR H . -41.97 44.76 -5.50
H21 CLR H . -41.39 46.79 -6.75
H22 CLR H . -42.56 47.18 -5.49
H3 CLR H . -40.73 47.97 -4.00
H41 CLR H . -38.43 48.20 -4.88
H42 CLR H . -38.91 47.42 -6.39
H6 CLR H . -37.16 46.73 -3.59
H71 CLR H . -37.72 44.70 -2.08
H72 CLR H . -36.39 44.44 -3.18
H8 CLR H . -37.65 43.13 -4.68
H9 CLR H . -40.13 44.04 -3.15
H111 CLR H . -40.18 42.13 -5.55
H112 CLR H . -41.55 42.69 -4.60
H121 CLR H . -40.85 40.37 -4.04
H122 CLR H . -40.82 41.44 -2.64
H14 CLR H . -38.76 42.47 -1.92
H151 CLR H . -36.52 42.37 -1.36
H152 CLR H . -36.04 41.73 -2.94
H161 CLR H . -37.02 40.21 -0.61
H162 CLR H . -36.35 39.60 -2.12
H17 CLR H . -39.23 40.15 -1.35
H181 CLR H . -38.10 41.17 -5.43
H182 CLR H . -38.67 39.53 -5.09
H183 CLR H . -37.10 40.07 -4.48
H191 CLR H . -39.45 45.40 -7.22
H192 CLR H . -40.25 43.85 -6.96
H193 CLR H . -38.52 44.03 -6.60
H20 CLR H . -37.95 38.03 -3.16
H211 CLR H . -40.90 38.37 -2.40
H212 CLR H . -40.20 36.85 -3.02
H213 CLR H . -40.19 38.28 -4.05
H221 CLR H . -39.30 36.88 -0.87
H222 CLR H . -38.42 38.22 -0.25
H231 CLR H . -36.97 36.32 -0.06
H232 CLR H . -36.29 37.36 -1.29
H241 CLR H . -36.12 35.03 -2.00
H242 CLR H . -37.18 35.90 -3.10
H25 CLR H . -39.18 34.86 -2.01
H261 CLR H . -37.13 33.44 -0.22
H262 CLR H . -38.81 32.92 -0.39
H263 CLR H . -38.45 34.50 0.30
H271 CLR H . -38.81 32.54 -2.85
H272 CLR H . -37.05 32.81 -2.85
H273 CLR H . -38.09 33.73 -3.95
H1 CLR H . -41.57 49.52 -5.34
C1 CLR I . -45.95 40.71 -16.00
C2 CLR I . -46.31 41.88 -16.94
C3 CLR I . -46.89 43.07 -16.16
C4 CLR I . -45.93 43.53 -15.05
C5 CLR I . -45.50 42.39 -14.14
C6 CLR I . -45.56 42.52 -12.80
C7 CLR I . -45.10 41.49 -11.80
C8 CLR I . -44.25 40.37 -12.45
C9 CLR I . -44.91 39.92 -13.79
C10 CLR I . -44.97 41.11 -14.84
C11 CLR I . -44.31 38.58 -14.37
C12 CLR I . -44.07 37.46 -13.30
C13 CLR I . -43.27 38.00 -12.08
C14 CLR I . -44.10 39.16 -11.50
C15 CLR I . -43.53 39.43 -10.11
C16 CLR I . -43.03 38.06 -9.64
C17 CLR I . -43.19 37.06 -10.83
C18 CLR I . -41.83 38.41 -12.54
C19 CLR I . -43.57 41.42 -15.43
C20 CLR I . -42.10 35.91 -10.78
C21 CLR I . -42.30 34.91 -11.93
C22 CLR I . -42.14 35.15 -9.42
C23 CLR I . -40.95 35.50 -8.47
C24 CLR I . -41.22 35.07 -7.01
C25 CLR I . -40.59 33.71 -6.58
C26 CLR I . -41.02 32.52 -7.49
C27 CLR I . -40.93 33.39 -5.11
O1 CLR I . -47.13 44.15 -17.04
H11 CLR I . -46.88 40.31 -15.57
H12 CLR I . -45.52 39.90 -16.59
H21 CLR I . -45.43 42.19 -17.50
H22 CLR I . -47.05 41.54 -17.68
H3 CLR I . -47.83 42.76 -15.68
H41 CLR I . -46.41 44.32 -14.46
H42 CLR I . -45.04 43.98 -15.51
H6 CLR I . -45.93 43.45 -12.36
H71 CLR I . -45.97 41.06 -11.30
H72 CLR I . -44.52 41.99 -11.01
H8 CLR I . -43.25 40.80 -12.65
H9 CLR I . -45.95 39.67 -13.54
H111 CLR I . -43.35 38.77 -14.87
H112 CLR I . -44.97 38.18 -15.14
H121 CLR I . -43.55 36.63 -13.78
H122 CLR I . -45.05 37.07 -12.97
H14 CLR I . -45.11 38.78 -11.34
H151 CLR I . -44.31 39.82 -9.43
H152 CLR I . -42.71 40.16 -10.15
H161 CLR I . -43.59 37.72 -8.75
H162 CLR I . -41.97 38.17 -9.35
H17 CLR I . -44.17 36.58 -10.71
H181 CLR I . -41.31 37.58 -13.02
H182 CLR I . -41.22 38.72 -11.69
H183 CLR I . -41.83 39.24 -13.26
H191 CLR I . -43.59 42.32 -16.05
H192 CLR I . -43.19 40.59 -16.05
H193 CLR I . -42.84 41.61 -14.64
H20 CLR I . -41.10 36.36 -10.91
H211 CLR I . -43.34 34.57 -11.99
H212 CLR I . -41.67 34.02 -11.78
H213 CLR I . -42.02 35.34 -12.90
H221 CLR I . -42.13 34.07 -9.59
H222 CLR I . -43.08 35.36 -8.92
H231 CLR I . -40.77 36.58 -8.48
H232 CLR I . -40.03 35.04 -8.85
H241 CLR I . -42.29 35.06 -6.80
H242 CLR I . -40.80 35.85 -6.35
H25 CLR I . -39.50 33.80 -6.66
H261 CLR I . -40.63 32.65 -8.51
H262 CLR I . -42.10 32.44 -7.53
H263 CLR I . -40.62 31.58 -7.11
H271 CLR I . -40.59 34.19 -4.45
H272 CLR I . -40.45 32.46 -4.79
H273 CLR I . -42.01 33.28 -4.97
H1 CLR I . -48.02 44.06 -17.38
C1 CLR J . -28.64 5.51 -15.63
C2 CLR J . -28.92 4.18 -14.89
C3 CLR J . -27.66 3.30 -14.90
C4 CLR J . -26.46 4.04 -14.26
C5 CLR J . -26.19 5.39 -14.92
C6 CLR J . -24.95 5.75 -15.26
C7 CLR J . -24.57 7.10 -15.86
C8 CLR J . -25.72 8.14 -15.78
C9 CLR J . -27.07 7.43 -16.15
C10 CLR J . -27.41 6.31 -15.10
C11 CLR J . -28.25 8.42 -16.48
C12 CLR J . -27.86 9.68 -17.30
C13 CLR J . -26.63 10.39 -16.67
C14 CLR J . -25.47 9.35 -16.71
C15 CLR J . -24.18 10.14 -16.49
C16 CLR J . -24.49 11.55 -17.03
C17 CLR J . -25.98 11.57 -17.48
C18 CLR J . -26.99 10.85 -15.23
C19 CLR J . -27.74 6.91 -13.70
C20 CLR J . -26.64 13.00 -17.34
C21 CLR J . -28.09 13.03 -17.89
C22 CLR J . -25.79 14.12 -18.02
C23 CLR J . -25.09 15.05 -16.99
C24 CLR J . -24.49 16.33 -17.63
C25 CLR J . -23.64 17.17 -16.64
C26 CLR J . -24.41 17.58 -15.36
C27 CLR J . -23.11 18.44 -17.35
O1 CLR J . -27.95 2.10 -14.20
H11 CLR J . -28.50 5.28 -16.69
H12 CLR J . -29.55 6.12 -15.58
H21 CLR J . -29.23 4.38 -13.87
H22 CLR J . -29.74 3.66 -15.38
H3 CLR J . -27.40 3.07 -15.94
H41 CLR J . -25.58 3.39 -14.32
H42 CLR J . -26.66 4.18 -13.19
H6 CLR J . -24.12 5.08 -15.10
H71 CLR J . -24.26 6.95 -16.90
H72 CLR J . -23.69 7.49 -15.34
H8 CLR J . -25.73 8.49 -14.75
H9 CLR J . -26.87 6.92 -17.10
H111 CLR J . -28.76 8.73 -15.56
H112 CLR J . -29.02 7.87 -17.06
H121 CLR J . -28.73 10.34 -17.34
H122 CLR J . -27.64 9.38 -18.34
H14 CLR J . -25.41 8.96 -17.72
H151 CLR J . -23.34 9.68 -17.05
H152 CLR J . -23.91 10.18 -15.44
H161 CLR J . -23.82 11.80 -17.87
H162 CLR J . -24.31 12.27 -16.23
H17 CLR J . -26.01 11.30 -18.54
H181 CLR J . -27.87 11.51 -15.23
H182 CLR J . -26.15 11.42 -14.80
H183 CLR J . -27.23 10.04 -14.54
H191 CLR J . -27.93 6.11 -12.98
H192 CLR J . -28.62 7.56 -13.73
H193 CLR J . -26.91 7.48 -13.29
H20 CLR J . -26.70 13.25 -16.28
H211 CLR J . -28.16 12.55 -18.88
H212 CLR J . -28.46 14.06 -17.98
H213 CLR J . -28.78 12.51 -17.21
H221 CLR J . -26.42 14.74 -18.66
H222 CLR J . -25.03 13.70 -18.70
H231 CLR J . -24.30 14.50 -16.48
H232 CLR J . -25.82 15.35 -16.24
H241 CLR J . -25.30 16.94 -18.03
H242 CLR J . -23.87 16.04 -18.48
H25 CLR J . -22.77 16.58 -16.34
H261 CLR J . -24.63 16.70 -14.74
H262 CLR J . -25.37 18.06 -15.61
H263 CLR J . -23.83 18.27 -14.75
H271 CLR J . -22.49 19.03 -16.67
H272 CLR J . -23.94 19.07 -17.68
H273 CLR J . -22.51 18.17 -18.21
H1 CLR J . -28.68 1.71 -14.57
C1 CLR K . -9.64 16.75 -9.42
C2 CLR K . -9.82 15.43 -8.62
C3 CLR K . -9.73 15.69 -7.10
C4 CLR K . -10.68 16.81 -6.65
C5 CLR K . -10.62 18.07 -7.51
C6 CLR K . -10.56 19.27 -6.91
C7 CLR K . -10.54 20.58 -7.64
C8 CLR K . -10.96 20.45 -9.12
C9 CLR K . -10.25 19.23 -9.77
C10 CLR K . -10.64 17.87 -9.03
C11 CLR K . -10.41 19.20 -11.33
C12 CLR K . -10.15 20.57 -12.03
C13 CLR K . -10.96 21.72 -11.38
C14 CLR K . -10.57 21.74 -9.89
C15 CLR K . -11.07 23.08 -9.34
C16 CLR K . -10.95 24.03 -10.54
C17 CLR K . -10.56 23.18 -11.79
C18 CLR K . -12.48 21.49 -11.58
C19 CLR K . -12.07 17.42 -9.44
C20 CLR K . -11.12 23.79 -13.13
C21 CLR K . -10.76 22.94 -14.37
C22 CLR K . -10.61 25.26 -13.30
C23 CLR K . -11.13 25.99 -14.56
C24 CLR K . -11.00 27.53 -14.40
C25 CLR K . -11.49 28.35 -15.62
C26 CLR K . -10.54 28.25 -16.82
C27 CLR K . -11.69 29.83 -15.23
O1 CLR K . -10.08 14.50 -6.40
H11 CLR K . -8.61 17.10 -9.25
H12 CLR K . -9.71 16.51 -10.49
H21 CLR K . -10.78 14.98 -8.87
H22 CLR K . -9.05 14.71 -8.91
H3 CLR K . -8.71 15.99 -6.86
H41 CLR K . -10.49 17.04 -5.61
H42 CLR K . -11.71 16.43 -6.71
H6 CLR K . -10.56 19.34 -5.83
H71 CLR K . -9.53 21.01 -7.58
H72 CLR K . -11.21 21.29 -7.13
H8 CLR K . -12.05 20.32 -9.14
H9 CLR K . -9.17 19.37 -9.58
H111 CLR K . -11.41 18.86 -11.62
H112 CLR K . -9.71 18.46 -11.75
H121 CLR K . -10.39 20.46 -13.09
H122 CLR K . -9.08 20.79 -11.98
H14 CLR K . -9.48 21.80 -9.84
H151 CLR K . -10.45 23.42 -8.50
H152 CLR K . -12.11 22.99 -9.01
H161 CLR K . -10.19 24.80 -10.35
H162 CLR K . -11.91 24.55 -10.70
H17 CLR K . -9.46 23.20 -11.86
H181 CLR K . -12.74 21.48 -12.65
H182 CLR K . -13.08 22.29 -11.12
H183 CLR K . -12.85 20.54 -11.16
H191 CLR K . -12.41 16.57 -8.85
H192 CLR K . -12.11 17.11 -10.49
H193 CLR K . -12.80 18.23 -9.30
H20 CLR K . -12.21 23.84 -13.07
H211 CLR K . -9.67 22.74 -14.42
H212 CLR K . -11.06 23.43 -15.30
H213 CLR K . -11.28 21.97 -14.36
H221 CLR K . -9.51 25.26 -13.32
H222 CLR K . -10.90 25.85 -12.43
H231 CLR K . -12.18 25.75 -14.72
H232 CLR K . -10.58 25.66 -15.44
H241 CLR K . -9.94 27.79 -14.19
H242 CLR K . -11.57 27.83 -13.52
H25 CLR K . -12.48 27.95 -15.93
H261 CLR K . -10.90 28.84 -17.66
H262 CLR K . -10.45 27.21 -17.18
H263 CLR K . -9.53 28.60 -16.56
H271 CLR K . -11.95 30.44 -16.11
H272 CLR K . -10.78 30.24 -14.78
H273 CLR K . -12.52 29.94 -14.51
H1 CLR K . -9.30 13.93 -6.41
C1 CLR L . -8.84 18.63 -3.40
C2 CLR L . -8.37 17.21 -3.07
C3 CLR L . -7.86 16.48 -4.28
C4 CLR L . -6.81 17.29 -5.01
C5 CLR L . -7.26 18.71 -5.27
C6 CLR L . -7.26 19.23 -6.48
C7 CLR L . -7.07 20.67 -6.77
C8 CLR L . -7.44 21.56 -5.59
C9 CLR L . -8.34 20.85 -4.56
C10 CLR L . -7.75 19.50 -4.07
C11 CLR L . -8.71 21.81 -3.42
C12 CLR L . -9.32 23.14 -3.91
C13 CLR L . -8.47 23.84 -4.97
C14 CLR L . -8.22 22.79 -6.07
C15 CLR L . -7.68 23.59 -7.25
C16 CLR L . -8.49 24.88 -7.20
C17 CLR L . -9.19 24.95 -5.80
C18 CLR L . -7.19 24.40 -4.35
C19 CLR L . -6.59 19.71 -3.08
C20 CLR L . -9.25 26.40 -5.31
C21 CLR L . -9.23 26.56 -3.79
C22 CLR L . -10.50 27.08 -5.88
C23 CLR L . -10.40 27.48 -7.32
C24 CLR L . -10.54 28.95 -7.53
C25 CLR L . -9.49 29.81 -6.83
C26 CLR L . -10.11 30.69 -5.78
C27 CLR L . -8.70 30.65 -7.82
O1 CLR L . -7.31 15.22 -3.88
H11 CLR L . -9.62 18.58 -4.00
H12 CLR L . -9.13 19.07 -2.57
H21 CLR L . -7.66 17.26 -2.39
H22 CLR L . -9.12 16.70 -2.70
H3 CLR L . -8.62 16.32 -4.89
H41 CLR L . -6.61 16.86 -5.87
H42 CLR L . -5.99 17.30 -4.48
H6 CLR L . -7.41 18.64 -7.21
H71 CLR L . -7.60 20.92 -7.55
H72 CLR L . -6.12 20.83 -6.99
H8 CLR L . -6.62 21.86 -5.13
H9 CLR L . -9.19 20.64 -5.03
H111 CLR L . -7.90 22.01 -2.91
H112 CLR L . -9.34 21.37 -2.83
H121 CLR L . -9.43 23.72 -3.14
H122 CLR L . -10.20 22.96 -4.28
H14 CLR L . -9.10 22.47 -6.32
H151 CLR L . -7.82 23.11 -8.08
H152 CLR L . -6.73 23.76 -7.15
H161 CLR L . -9.17 24.89 -7.90
H162 CLR L . -7.92 25.66 -7.31
H17 CLR L . -10.12 24.65 -5.93
H181 CLR L . -6.48 23.72 -4.37
H182 CLR L . -7.34 24.66 -3.43
H183 CLR L . -6.88 25.18 -4.86
H191 CLR L . -6.07 18.89 -3.01
H192 CLR L . -6.94 19.94 -2.22
H193 CLR L . -6.02 20.42 -3.41
H20 CLR L . -8.47 26.87 -5.67
H211 CLR L . -9.81 27.28 -3.52
H212 CLR L . -8.32 26.75 -3.50
H213 CLR L . -9.52 25.73 -3.38
H221 CLR L . -10.68 27.89 -5.37
H222 CLR L . -11.26 26.48 -5.79
H231 CLR L . -11.09 27.03 -7.84
H232 CLR L . -9.52 27.20 -7.67
H241 CLR L . -11.43 29.23 -7.20
H242 CLR L . -10.50 29.13 -8.49
H25 CLR L . -8.85 29.20 -6.38
H261 CLR L . -10.85 31.19 -6.18
H262 CLR L . -9.44 31.31 -5.44
H263 CLR L . -10.45 30.14 -5.05
H271 CLR L . -8.65 30.18 -8.67
H272 CLR L . -7.81 30.81 -7.48
H273 CLR L . -9.16 31.49 -7.96
H1 CLR L . -7.93 14.69 -3.69
C1 CLR M . -8.95 44.98 -20.51
C2 CLR M . -9.16 46.11 -21.53
C3 CLR M . -8.93 45.59 -22.97
C4 CLR M . -9.87 44.42 -23.28
C5 CLR M . -9.76 43.29 -22.26
C6 CLR M . -9.63 42.01 -22.67
C7 CLR M . -9.54 40.81 -21.76
C8 CLR M . -9.87 41.14 -20.28
C9 CLR M . -9.26 42.53 -19.88
C10 CLR M . -9.83 43.70 -20.77
C11 CLR M . -9.34 42.80 -18.33
C12 CLR M . -8.88 41.61 -17.44
C13 CLR M . -9.61 40.29 -17.83
C14 CLR M . -9.31 40.05 -19.33
C15 CLR M . -9.71 38.60 -19.60
C16 CLR M . -9.36 37.89 -18.28
C17 CLR M . -9.00 38.97 -17.22
C18 CLR M . -11.15 40.38 -17.54
C19 CLR M . -11.31 44.01 -20.45
C20 CLR M . -9.37 38.57 -15.73
C21 CLR M . -9.20 39.74 -14.72
C22 CLR M . -8.54 37.35 -15.20
C23 CLR M . -8.88 35.97 -15.80
C24 CLR M . -8.41 34.80 -14.90
C25 CLR M . -8.51 33.41 -15.59
C26 CLR M . -9.94 33.05 -16.05
C27 CLR M . -7.96 32.31 -14.65
O1 CLR M . -9.16 46.65 -23.90
H11 CLR M . -7.89 44.70 -20.52
H12 CLR M . -9.17 45.39 -19.51
H21 CLR M . -10.17 46.53 -21.44
H22 CLR M . -8.46 46.93 -21.32
H3 CLR M . -7.89 45.24 -23.05
H41 CLR M . -9.65 44.05 -24.29
H42 CLR M . -10.91 44.79 -23.30
H6 CLR M . -9.59 41.78 -23.73
H71 CLR M . -8.52 40.38 -21.84
H72 CLR M . -10.21 40.03 -22.12
H8 CLR M . -10.95 41.18 -20.20
H9 CLR M . -8.19 42.45 -20.10
H111 CLR M . -10.37 43.07 -18.04
H112 CLR M . -8.71 43.66 -18.08
H121 CLR M . -9.08 41.88 -16.40
H122 CLR M . -7.80 41.49 -17.53
H14 CLR M . -8.21 40.08 -19.46
H151 CLR M . -9.16 38.18 -20.45
H152 CLR M . -10.78 38.52 -19.82
H161 CLR M . -8.52 37.21 -18.46
H162 CLR M . -10.22 37.28 -17.96
H17 CLR M . -7.90 39.09 -17.24
H181 CLR M . -11.35 40.62 -16.49
H182 CLR M . -11.66 39.43 -17.75
H183 CLR M . -11.64 41.15 -18.13
H191 CLR M . -11.74 44.76 -21.13
H192 CLR M . -11.43 44.42 -19.44
H193 CLR M . -11.94 43.12 -20.53
H20 CLR M . -10.43 38.28 -15.71
H211 CLR M . -8.20 40.18 -14.81
H212 CLR M . -9.32 39.39 -13.70
H213 CLR M . -9.94 40.53 -14.86
H221 CLR M . -8.68 37.29 -14.12
H222 CLR M . -7.47 37.55 -15.34
H231 CLR M . -8.41 35.85 -16.78
H232 CLR M . -9.97 35.89 -15.95
H241 CLR M . -9.01 34.79 -13.97
H242 CLR M . -7.38 34.98 -14.61
H25 CLR M . -7.87 33.43 -16.48
H261 CLR M . -9.98 32.03 -16.45
H262 CLR M . -10.28 33.73 -16.85
H263 CLR M . -10.66 33.12 -15.22
H271 CLR M . -8.01 31.33 -15.14
H272 CLR M . -8.53 32.27 -13.72
H273 CLR M . -6.91 32.51 -14.40
H1 CLR M . -8.48 47.32 -23.72
C1 CLR N . -9.44 51.12 -14.55
C2 CLR N . -9.67 52.42 -15.35
C3 CLR N . -9.01 52.35 -16.74
C4 CLR N . -9.54 51.11 -17.51
C5 CLR N . -9.35 49.82 -16.73
C6 CLR N . -8.77 48.75 -17.29
C7 CLR N . -8.59 47.41 -16.63
C8 CLR N . -9.44 47.26 -15.35
C9 CLR N . -9.32 48.57 -14.49
C10 CLR N . -9.90 49.82 -15.28
C11 CLR N . -9.87 48.41 -13.02
C12 CLR N . -9.46 47.08 -12.32
C13 CLR N . -9.78 45.84 -13.20
C14 CLR N . -9.00 46.03 -14.53
C15 CLR N . -9.03 44.67 -15.21
C16 CLR N . -9.03 43.66 -14.04
C17 CLR N . -9.20 44.48 -12.72
C18 CLR N . -11.33 45.73 -13.46
C19 CLR N . -11.46 49.79 -15.34
C20 CLR N . -9.98 43.67 -11.63
C21 CLR N . -10.25 44.49 -10.33
C22 CLR N . -9.24 42.35 -11.26
C23 CLR N . -10.23 41.17 -11.04
C24 CLR N . -9.54 39.87 -10.57
C25 CLR N . -8.88 39.92 -9.16
C26 CLR N . -8.31 38.53 -8.80
C27 CLR N . -9.84 40.42 -8.06
O1 CLR N . -9.28 53.54 -17.47
H11 CLR N . -8.37 51.05 -14.32
H12 CLR N . -9.94 51.21 -13.57
H21 CLR N . -10.75 52.61 -15.45
H22 CLR N . -9.26 53.27 -14.79
H3 CLR N . -7.93 52.24 -16.60
H41 CLR N . -9.01 51.06 -18.47
H42 CLR N . -10.60 51.27 -17.75
H6 CLR N . -8.42 48.80 -18.32
H71 CLR N . -7.52 47.26 -16.42
H72 CLR N . -8.86 46.61 -17.34
H8 CLR N . -10.47 47.11 -15.67
H9 CLR N . -8.24 48.75 -14.38
H111 CLR N . -10.96 48.49 -13.01
H112 CLR N . -9.50 49.24 -12.40
H121 CLR N . -9.99 47.03 -11.37
H122 CLR N . -8.39 47.11 -12.08
H14 CLR N . -7.95 46.21 -14.25
H151 CLR N . -8.15 44.52 -15.85
H152 CLR N . -9.93 44.56 -15.83
H161 CLR N . -8.10 43.08 -14.03
H162 CLR N . -9.86 42.96 -14.18
H17 CLR N . -8.19 44.67 -12.33
H181 CLR N . -11.87 45.63 -12.50
H182 CLR N . -11.58 44.85 -14.06
H183 CLR N . -11.75 46.61 -13.96
H191 CLR N . -11.85 50.61 -15.95
H192 CLR N . -11.90 49.90 -14.34
H193 CLR N . -11.83 48.86 -15.77
H20 CLR N . -10.96 43.40 -12.04
H211 CLR N . -9.33 44.98 -9.98
H212 CLR N . -10.60 43.83 -9.53
H213 CLR N . -11.02 45.25 -10.47
H221 CLR N . -8.63 42.51 -10.36
H222 CLR N . -8.53 42.05 -12.03
H231 CLR N . -10.74 40.97 -11.99
H232 CLR N . -11.01 41.47 -10.33
H241 CLR N . -8.79 39.57 -11.31
H242 CLR N . -10.30 39.08 -10.57
H25 CLR N . -8.03 40.61 -9.21
H261 CLR N . -7.77 38.57 -7.85
H262 CLR N . -7.62 38.17 -9.57
H263 CLR N . -9.12 37.79 -8.70
H271 CLR N . -10.77 39.85 -8.05
H272 CLR N . -10.09 41.48 -8.20
H273 CLR N . -9.38 40.32 -7.07
H1 CLR N . -8.94 54.27 -16.93
C1 CLR O . -46.34 34.66 -22.63
C2 CLR O . -46.60 35.46 -23.94
C3 CLR O . -47.40 36.74 -23.66
C4 CLR O . -46.67 37.61 -22.63
C5 CLR O . -46.39 36.85 -21.32
C6 CLR O . -46.77 37.36 -20.15
C7 CLR O . -46.54 36.72 -18.80
C8 CLR O . -45.53 35.55 -18.86
C9 CLR O . -45.78 34.67 -20.13
C10 CLR O . -45.67 35.49 -21.47
C11 CLR O . -44.93 33.35 -20.11
C12 CLR O . -45.03 32.56 -18.78
C13 CLR O . -44.70 33.45 -17.55
C14 CLR O . -45.66 34.65 -17.59
C15 CLR O . -45.54 35.32 -16.21
C16 CLR O . -45.31 34.11 -15.26
C17 CLR O . -45.09 32.85 -16.15
C18 CLR O . -43.18 33.87 -17.57
C19 CLR O . -44.18 35.76 -21.85
C20 CLR O . -44.15 31.78 -15.47
C21 CLR O . -43.79 30.60 -16.41
C22 CLR O . -44.81 31.20 -14.18
C23 CLR O . -44.42 31.92 -12.86
C24 CLR O . -44.73 31.09 -11.59
C25 CLR O . -43.57 30.20 -11.05
C26 CLR O . -42.38 31.03 -10.52
C27 CLR O . -43.09 29.12 -12.06
O1 CLR O . -47.58 37.46 -24.87
H11 CLR O . -47.31 34.29 -22.28
H12 CLR O . -45.73 33.78 -22.86
H21 CLR O . -45.63 35.71 -24.41
H22 CLR O . -47.14 34.82 -24.64
H3 CLR O . -48.38 36.45 -23.25
H41 CLR O . -47.27 38.50 -22.42
H42 CLR O . -45.72 37.96 -23.06
H6 CLR O . -47.28 38.32 -20.11
H71 CLR O . -47.50 36.38 -18.40
H72 CLR O . -46.17 37.48 -18.10
H8 CLR O . -44.53 35.99 -18.91
H9 CLR O . -46.83 34.34 -20.06
H111 CLR O . -43.86 33.58 -20.28
H112 CLR O . -45.23 32.69 -20.93
H121 CLR O . -44.36 31.69 -18.85
H122 CLR O . -46.04 32.16 -18.69
H14 CLR O . -46.68 34.24 -17.63
H151 CLR O . -46.45 35.87 -15.95
H152 CLR O . -44.69 36.00 -16.18
H161 CLR O . -46.17 33.97 -14.60
H162 CLR O . -44.43 34.32 -14.63
H17 CLR O . -46.07 32.38 -16.28
H181 CLR O . -42.52 33.01 -17.65
H182 CLR O . -42.91 34.41 -16.66
H183 CLR O . -42.95 34.52 -18.41
H191 CLR O . -44.10 36.35 -22.76
H192 CLR O . -43.64 34.82 -22.04
H193 CLR O . -43.65 36.29 -21.05
H20 CLR O . -43.21 32.27 -15.19
H211 CLR O . -44.68 30.16 -16.86
H212 CLR O . -43.26 29.81 -15.87
H213 CLR O . -43.10 30.91 -17.21
H221 CLR O . -44.56 30.14 -14.09
H222 CLR O . -45.91 31.21 -14.28
H231 CLR O . -44.97 32.87 -12.80
H232 CLR O . -43.35 32.18 -12.90
H241 CLR O . -45.61 30.46 -11.77
H242 CLR O . -45.02 31.79 -10.79
H25 CLR O . -43.98 29.65 -10.19
H261 CLR O . -41.66 30.39 -9.99
H262 CLR O . -42.73 31.78 -9.82
H263 CLR O . -41.84 31.53 -11.33
H271 CLR O . -42.39 28.43 -11.58
H272 CLR O . -42.58 29.57 -12.91
H273 CLR O . -43.94 28.54 -12.44
H1 CLR O . -48.10 36.90 -25.45
#